data_6AI6
#
_entry.id   6AI6
#
_cell.length_a   177.377
_cell.length_b   68.568
_cell.length_c   187.968
_cell.angle_alpha   90.00
_cell.angle_beta   111.51
_cell.angle_gamma   90.00
#
_symmetry.space_group_name_H-M   'C 1 2 1'
#
loop_
_entity.id
_entity.type
_entity.pdbx_description
1 polymer 'CRISPR-associated endonuclease Cas9/Csn1'
2 polymer 'RNA (81-MER)'
3 polymer 'DNA (28-MER)'
4 polymer 'DNA (8-MER)'
5 non-polymer 'POTASSIUM ION'
6 non-polymer 'MAGNESIUM ION'
7 non-polymer 1,2-ETHANEDIOL
8 water water
#
loop_
_entity_poly.entity_id
_entity_poly.type
_entity_poly.pdbx_seq_one_letter_code
_entity_poly.pdbx_strand_id
1 'polypeptide(L)'
;GSGHMDKKYSIGLDIGTNSVGWAVITDEYKVPSKKFKVLGNTDRHSIKKNLIGALLFDSGETAEATRLKRTARRRYTRRK
NRICYLQEIFSNEMAKVDDSFFHRLEESFLVEEDKKHERHPIFGNIVDEVAYHEKYPTIYHLRKKLVDSTDKADLRLIYL
ALAHMIKFRGHFLIEGDLNPDNSDVDKLFIQLVQTYNQLFEENPINASGVDAKAILSARLSKSRRLENLIAQLPGEKKNG
LFGNLIALSLGLTPNFKSNFDLAEDAKLQLSKDTYDDDLDNLLAQIGDQYADLFLAAKNLSDAILLSDILRVNTEITKAP
LSASMIKRYDEHHQDLTLLKALVRQQLPEKYKEIFFDQSKNGYAGYIDGGASQEEFYKFIKPILEKMDGTEELLVKLNRE
DLLRKQRTFDNGSIPHQIHLGELHAILRRQEDFYPFLKDNREKIEKILTFRIPYYVGPLARGNSRFAWMTRKSEETITPW
NFEEVVDKGASAQSFIERMTNFDKNLPNEKVLPKHSLLYEYFTVYNELTKVKYVTEGMRKPAFLSGEQKKAIVDLLFKTN
RKVTVKQLKEDYFKKIECFDSVEISGVEDRFNASLGTYHDLLKIIKDKDFLDNEENEDILEDIVLTLTLFEDREMIEERL
KTYAHLFDDKVMKQLKRRRYTGWGRLSRKLINGIRDKQSGKTILDFLKSDGFANRNFMQLIHDDSLTFKEDIQKAQVSGQ
GDSLHEHIANLAGSPAIKKGILQTVKVVDELVKVMGRHKPENIVIEMARENQTTQKGQKNSRERMKRIEEGIKELGSQIL
KEHPVENTQLQNEKLYLYYLQNGRDMYVDQELDINRLSDYDVDHIVPQSFLKDDSIDNKVLTRSDKARGKSDNVPSEEVV
KKMKNYWRQLLNAKLITQRKFDNLTKAERGGLSELDKAGFIKRQLVETRQITKHVAQILDSRMNTKYDENDKLIREVKVI
TLKSKLVSDFRKDFQFYKVREINNYHHAHDAYLNAVVGTALIKKYPKLESEFVYGDYKVYDVRKMIAKSEQEIGKATAKY
FFYSNIMNFFKTEITLANGEIRKRPLIETNGETGEIVWDKGRDFATVRKVLSMPQVNIVKKTEVQTGGFSKESIRPKRNS
DKLIARKKDWDPKKYGGFVSPTVAYSVLVVAKVEKGKSKKLKSVKELLGITIMERSSFEKNPIDFLEAKGYKEVKKDLII
KLPKYSLFELENGRKRMLASARFLQKGNELALPSKYVNFLYLASHYEKLKGSPEDNEQKQLFVEQHKHYLDEIIEQISEF
SKRVILADANLDKVLSAYNKHRDKPIREQAENIIHLFTLTNLGAPRAFKYFDTTIDRKVYRSTKEVLDATLIHQSITGLY
ETRIDLSQLGGD
;
A
2 'polyribonucleotide'
;GGAAAUUAGGUGCGCUUGGCGUUUUAGAGCUAGAAAUAGCAAGUUAAAAUAAGGCUAGUCCGUUAUCAACUUGAAAAAGU
G
;
B
3 'polydeoxyribonucleotide'
;(DC)(DA)(DA)(DT)(DA)(DC)(DC)(DA)(DG)(DC)(DC)(DA)(DA)(DG)(DC)(DG)(DC)(DA)(DC)(DC)
(DT)(DA)(DA)(DT)(DT)(DT)(DC)(DC)
;
C
4 'polydeoxyribonucleotide' (DT)(DG)(DG)(DT)(DA)(DT)(DT)(DG) D
#
loop_
_chem_comp.id
_chem_comp.type
_chem_comp.name
_chem_comp.formula
A RNA linking ADENOSINE-5'-MONOPHOSPHATE 'C10 H14 N5 O7 P'
C RNA linking CYTIDINE-5'-MONOPHOSPHATE 'C9 H14 N3 O8 P'
DA DNA linking 2'-DEOXYADENOSINE-5'-MONOPHOSPHATE 'C10 H14 N5 O6 P'
DC DNA linking 2'-DEOXYCYTIDINE-5'-MONOPHOSPHATE 'C9 H14 N3 O7 P'
DG DNA linking 2'-DEOXYGUANOSINE-5'-MONOPHOSPHATE 'C10 H14 N5 O7 P'
DT DNA linking THYMIDINE-5'-MONOPHOSPHATE 'C10 H15 N2 O8 P'
EDO non-polymer 1,2-ETHANEDIOL 'C2 H6 O2'
G RNA linking GUANOSINE-5'-MONOPHOSPHATE 'C10 H14 N5 O8 P'
K non-polymer 'POTASSIUM ION' 'K 1'
MG non-polymer 'MAGNESIUM ION' 'Mg 2'
U RNA linking URIDINE-5'-MONOPHOSPHATE 'C9 H13 N2 O9 P'
#
# COMPACT_ATOMS: atom_id res chain seq x y z
N LYS A 7 -27.77 -38.01 -10.97
CA LYS A 7 -28.16 -37.00 -11.94
C LYS A 7 -26.97 -36.09 -12.26
N LYS A 8 -27.02 -35.44 -13.42
CA LYS A 8 -25.97 -34.53 -13.85
C LYS A 8 -26.28 -33.12 -13.35
N TYR A 9 -25.21 -32.36 -13.08
CA TYR A 9 -25.37 -31.02 -12.51
C TYR A 9 -24.14 -30.19 -12.82
N SER A 10 -24.27 -28.89 -12.59
CA SER A 10 -23.17 -27.94 -12.72
C SER A 10 -23.17 -27.01 -11.50
N ILE A 11 -22.03 -26.37 -11.28
CA ILE A 11 -21.82 -25.49 -10.13
C ILE A 11 -21.54 -24.08 -10.62
N GLY A 12 -22.21 -23.11 -10.01
CA GLY A 12 -21.93 -21.70 -10.27
C GLY A 12 -21.28 -21.06 -9.05
N LEU A 13 -20.23 -20.27 -9.31
CA LEU A 13 -19.43 -19.70 -8.25
C LEU A 13 -19.25 -18.21 -8.48
N ASP A 14 -19.21 -17.45 -7.38
CA ASP A 14 -19.02 -16.00 -7.42
C ASP A 14 -18.10 -15.63 -6.27
N ILE A 15 -16.84 -15.35 -6.59
CA ILE A 15 -15.79 -15.14 -5.58
C ILE A 15 -15.61 -13.64 -5.36
N GLY A 16 -15.64 -13.22 -4.09
CA GLY A 16 -15.44 -11.84 -3.73
C GLY A 16 -14.52 -11.72 -2.53
N THR A 17 -14.24 -10.47 -2.16
CA THR A 17 -13.35 -10.21 -1.03
C THR A 17 -14.01 -10.53 0.31
N ASN A 18 -15.34 -10.59 0.36
CA ASN A 18 -16.03 -10.88 1.60
C ASN A 18 -17.14 -11.92 1.44
N SER A 19 -17.24 -12.58 0.28
CA SER A 19 -18.34 -13.50 0.06
C SER A 19 -17.95 -14.51 -1.00
N VAL A 20 -18.61 -15.67 -0.95
CA VAL A 20 -18.51 -16.68 -1.99
C VAL A 20 -19.90 -17.21 -2.30
N GLY A 21 -20.47 -16.79 -3.43
CA GLY A 21 -21.75 -17.30 -3.86
C GLY A 21 -21.62 -18.67 -4.50
N TRP A 22 -22.65 -19.51 -4.30
CA TRP A 22 -22.63 -20.85 -4.85
C TRP A 22 -24.06 -21.30 -5.15
N ALA A 23 -24.19 -22.13 -6.18
CA ALA A 23 -25.49 -22.65 -6.57
C ALA A 23 -25.26 -23.90 -7.43
N VAL A 24 -26.14 -24.89 -7.24
CA VAL A 24 -26.13 -26.12 -8.02
C VAL A 24 -27.32 -26.08 -8.97
N ILE A 25 -27.09 -26.39 -10.24
CA ILE A 25 -28.15 -26.41 -11.24
C ILE A 25 -28.12 -27.73 -11.99
N THR A 26 -29.29 -28.15 -12.50
CA THR A 26 -29.41 -29.35 -13.30
C THR A 26 -29.42 -28.96 -14.79
N ASP A 27 -29.63 -29.96 -15.65
CA ASP A 27 -29.64 -29.70 -17.09
C ASP A 27 -30.82 -28.84 -17.52
N GLU A 28 -31.88 -28.80 -16.72
CA GLU A 28 -33.01 -27.92 -16.96
C GLU A 28 -32.83 -26.56 -16.29
N TYR A 29 -31.62 -26.24 -15.82
CA TYR A 29 -31.29 -24.97 -15.18
C TYR A 29 -32.08 -24.77 -13.88
N LYS A 30 -32.49 -25.87 -13.25
CA LYS A 30 -33.19 -25.85 -11.98
C LYS A 30 -32.23 -26.07 -10.82
N VAL A 31 -32.55 -25.48 -9.68
CA VAL A 31 -31.77 -25.66 -8.46
C VAL A 31 -32.43 -26.78 -7.65
N PRO A 32 -31.71 -27.85 -7.35
CA PRO A 32 -32.33 -28.98 -6.63
C PRO A 32 -32.54 -28.68 -5.16
N SER A 33 -33.62 -29.23 -4.63
CA SER A 33 -33.89 -29.22 -3.20
C SER A 33 -33.69 -30.62 -2.64
N LYS A 34 -33.13 -30.69 -1.44
CA LYS A 34 -32.82 -31.96 -0.79
C LYS A 34 -33.21 -31.88 0.68
N LYS A 35 -33.24 -33.04 1.33
CA LYS A 35 -33.42 -33.13 2.76
C LYS A 35 -32.13 -33.63 3.39
N PHE A 36 -31.58 -32.84 4.31
CA PHE A 36 -30.32 -33.15 4.96
C PHE A 36 -30.56 -33.54 6.40
N LYS A 37 -29.73 -34.47 6.89
CA LYS A 37 -29.80 -34.88 8.27
C LYS A 37 -29.51 -33.71 9.20
N VAL A 38 -30.21 -33.66 10.32
CA VAL A 38 -30.02 -32.63 11.34
C VAL A 38 -29.57 -33.34 12.62
N LEU A 39 -28.32 -33.13 13.01
CA LEU A 39 -27.79 -33.73 14.22
C LEU A 39 -28.11 -32.85 15.42
N GLY A 40 -27.80 -33.36 16.62
CA GLY A 40 -28.00 -32.62 17.85
C GLY A 40 -28.98 -33.32 18.77
N ASN A 41 -29.63 -32.54 19.62
CA ASN A 41 -30.54 -33.06 20.63
C ASN A 41 -31.96 -32.50 20.50
N THR A 42 -32.28 -31.85 19.38
CA THR A 42 -33.62 -31.33 19.18
C THR A 42 -34.54 -32.42 18.65
N ASP A 43 -35.83 -32.09 18.57
CA ASP A 43 -36.83 -33.00 18.03
C ASP A 43 -36.89 -32.99 16.50
N ARG A 44 -36.05 -32.19 15.85
CA ARG A 44 -35.98 -32.13 14.40
C ARG A 44 -34.87 -33.05 13.92
N HIS A 45 -35.20 -33.95 12.99
CA HIS A 45 -34.26 -34.94 12.49
C HIS A 45 -33.72 -34.63 11.11
N SER A 46 -34.43 -33.84 10.32
CA SER A 46 -34.00 -33.49 8.97
C SER A 46 -34.55 -32.11 8.63
N ILE A 47 -34.22 -31.62 7.45
CA ILE A 47 -34.69 -30.32 7.00
C ILE A 47 -34.51 -30.22 5.49
N LYS A 48 -35.48 -29.58 4.83
CA LYS A 48 -35.40 -29.34 3.40
C LYS A 48 -34.53 -28.12 3.12
N LYS A 49 -33.65 -28.24 2.12
CA LYS A 49 -32.74 -27.16 1.77
C LYS A 49 -32.53 -27.09 0.27
N ASN A 50 -32.62 -25.88 -0.27
CA ASN A 50 -32.26 -25.64 -1.67
C ASN A 50 -30.74 -25.54 -1.80
N LEU A 51 -30.24 -25.97 -2.95
CA LEU A 51 -28.79 -25.96 -3.20
C LEU A 51 -28.35 -24.63 -3.80
N ILE A 52 -28.52 -23.58 -2.99
CA ILE A 52 -28.09 -22.24 -3.36
C ILE A 52 -27.86 -21.44 -2.09
N GLY A 53 -26.77 -20.67 -2.08
CA GLY A 53 -26.46 -19.86 -0.92
C GLY A 53 -25.18 -19.09 -1.13
N ALA A 54 -24.70 -18.50 -0.04
CA ALA A 54 -23.48 -17.71 -0.08
C ALA A 54 -22.79 -17.78 1.27
N LEU A 55 -21.47 -17.90 1.24
CA LEU A 55 -20.63 -17.86 2.43
C LEU A 55 -20.11 -16.44 2.62
N LEU A 56 -20.32 -15.88 3.81
CA LEU A 56 -19.87 -14.54 4.13
C LEU A 56 -18.79 -14.61 5.20
N PHE A 57 -17.79 -13.73 5.06
CA PHE A 57 -16.64 -13.75 5.97
C PHE A 57 -16.03 -12.37 6.05
N ASP A 58 -15.43 -12.05 7.20
CA ASP A 58 -14.70 -10.82 7.35
C ASP A 58 -13.47 -10.80 6.45
N SER A 59 -13.04 -9.61 6.07
CA SER A 59 -11.92 -9.47 5.16
C SER A 59 -10.66 -10.10 5.72
N GLY A 60 -9.96 -10.85 4.89
CA GLY A 60 -8.63 -11.30 5.24
C GLY A 60 -7.66 -10.12 5.29
N GLU A 61 -6.81 -10.13 6.30
CA GLU A 61 -5.93 -8.99 6.55
C GLU A 61 -4.55 -9.21 5.94
N THR A 62 -3.91 -8.10 5.60
CA THR A 62 -2.52 -8.13 5.16
C THR A 62 -1.60 -8.23 6.36
N ALA A 63 -0.34 -8.57 6.10
CA ALA A 63 0.64 -8.76 7.16
C ALA A 63 1.40 -7.49 7.51
N GLU A 64 1.03 -6.35 6.92
CA GLU A 64 1.79 -5.12 7.11
C GLU A 64 1.74 -4.66 8.56
N ALA A 65 0.53 -4.51 9.11
CA ALA A 65 0.41 -4.03 10.49
C ALA A 65 1.15 -4.94 11.46
N THR A 66 1.09 -6.25 11.23
CA THR A 66 1.86 -7.18 12.06
C THR A 66 3.36 -6.95 11.89
N ARG A 67 3.78 -6.60 10.67
CA ARG A 67 5.20 -6.34 10.43
C ARG A 67 5.65 -5.05 11.12
N LEU A 68 4.86 -3.98 10.99
CA LEU A 68 5.22 -2.72 11.62
C LEU A 68 5.34 -2.87 13.13
N LYS A 69 4.47 -3.69 13.73
CA LYS A 69 4.53 -3.89 15.18
C LYS A 69 5.73 -4.73 15.59
N ARG A 70 6.09 -5.72 14.76
CA ARG A 70 7.26 -6.53 15.06
C ARG A 70 8.54 -5.70 15.00
N THR A 71 8.58 -4.70 14.11
CA THR A 71 9.74 -3.81 14.06
C THR A 71 9.78 -2.91 15.29
N ALA A 72 8.64 -2.36 15.68
CA ALA A 72 8.60 -1.52 16.87
C ALA A 72 9.01 -2.29 18.13
N ARG A 73 8.68 -3.57 18.19
CA ARG A 73 9.10 -4.36 19.35
C ARG A 73 10.61 -4.54 19.38
N ARG A 74 11.22 -4.82 18.23
CA ARG A 74 12.67 -4.98 18.19
C ARG A 74 13.37 -3.69 18.60
N ARG A 75 12.86 -2.54 18.15
CA ARG A 75 13.54 -1.28 18.40
C ARG A 75 13.43 -0.86 19.86
N TYR A 76 12.30 -1.16 20.52
CA TYR A 76 12.19 -0.89 21.95
C TYR A 76 13.09 -1.81 22.76
N THR A 77 13.32 -3.03 22.29
CA THR A 77 14.23 -3.93 22.99
C THR A 77 15.68 -3.46 22.87
N ARG A 78 16.05 -2.92 21.71
CA ARG A 78 17.42 -2.48 21.48
C ARG A 78 17.69 -1.11 22.09
N ARG A 79 16.70 -0.22 22.15
CA ARG A 79 16.88 1.03 22.86
C ARG A 79 17.15 0.79 24.33
N LYS A 80 16.38 -0.12 24.93
CA LYS A 80 16.63 -0.52 26.32
C LYS A 80 18.03 -1.10 26.48
N ASN A 81 18.47 -1.90 25.51
CA ASN A 81 19.80 -2.50 25.60
C ASN A 81 20.90 -1.46 25.45
N ARG A 82 20.64 -0.37 24.73
CA ARG A 82 21.62 0.70 24.67
C ARG A 82 21.83 1.33 26.04
N ILE A 83 20.73 1.64 26.73
CA ILE A 83 20.84 2.18 28.09
C ILE A 83 21.51 1.17 29.01
N CYS A 84 21.23 -0.13 28.80
CA CYS A 84 21.88 -1.15 29.60
C CYS A 84 23.38 -1.23 29.32
N TYR A 85 23.77 -1.06 28.06
CA TYR A 85 25.19 -1.02 27.75
C TYR A 85 25.88 0.13 28.47
N LEU A 86 25.25 1.31 28.49
CA LEU A 86 25.85 2.47 29.13
C LEU A 86 25.93 2.30 30.64
N GLN A 87 24.89 1.75 31.25
CA GLN A 87 24.89 1.56 32.70
C GLN A 87 25.92 0.53 33.13
N GLU A 88 26.15 -0.50 32.31
CA GLU A 88 27.17 -1.49 32.63
C GLU A 88 28.56 -0.85 32.67
N ILE A 89 28.82 0.08 31.76
CA ILE A 89 30.09 0.81 31.77
C ILE A 89 30.21 1.65 33.02
N PHE A 90 29.11 2.28 33.45
CA PHE A 90 29.10 3.15 34.61
C PHE A 90 29.04 2.40 35.93
N SER A 91 28.90 1.07 35.91
CA SER A 91 28.45 0.33 37.09
C SER A 91 29.38 0.53 38.28
N ASN A 92 30.66 0.18 38.12
CA ASN A 92 31.58 0.19 39.25
C ASN A 92 31.80 1.60 39.79
N GLU A 93 32.06 2.56 38.89
CA GLU A 93 32.39 3.90 39.34
C GLU A 93 31.17 4.64 39.90
N MET A 94 29.97 4.33 39.39
CA MET A 94 28.77 4.94 39.96
C MET A 94 28.51 4.44 41.37
N ALA A 95 28.93 3.21 41.68
CA ALA A 95 28.73 2.67 43.02
C ALA A 95 29.49 3.49 44.05
N LYS A 96 30.68 3.98 43.70
CA LYS A 96 31.47 4.78 44.63
C LYS A 96 30.86 6.16 44.85
N VAL A 97 30.00 6.62 43.95
CA VAL A 97 29.33 7.91 44.08
C VAL A 97 27.94 7.76 44.69
N ASP A 98 27.17 6.76 44.22
CA ASP A 98 25.78 6.61 44.64
C ASP A 98 25.38 5.17 44.32
N ASP A 99 25.38 4.31 45.34
CA ASP A 99 25.14 2.88 45.15
C ASP A 99 23.70 2.54 44.82
N SER A 100 22.78 3.51 44.83
CA SER A 100 21.39 3.25 44.51
C SER A 100 20.84 4.19 43.45
N PHE A 101 21.72 4.87 42.71
CA PHE A 101 21.27 5.83 41.70
C PHE A 101 20.49 5.14 40.59
N PHE A 102 21.05 4.07 40.04
CA PHE A 102 20.37 3.35 38.97
C PHE A 102 19.09 2.67 39.43
N HIS A 103 18.97 2.37 40.73
CA HIS A 103 17.72 1.78 41.23
C HIS A 103 16.59 2.81 41.21
N ARG A 104 16.89 4.05 41.59
CA ARG A 104 15.86 5.10 41.56
C ARG A 104 15.42 5.40 40.15
N LEU A 105 16.34 5.33 39.18
CA LEU A 105 15.96 5.50 37.78
C LEU A 105 15.04 4.38 37.32
N GLU A 106 15.27 3.16 37.80
CA GLU A 106 14.47 2.02 37.35
C GLU A 106 13.06 2.06 37.93
N GLU A 107 12.93 2.46 39.19
CA GLU A 107 11.64 2.47 39.87
C GLU A 107 10.97 3.83 39.86
N SER A 108 11.37 4.72 38.94
CA SER A 108 10.81 6.07 38.92
C SER A 108 9.31 6.06 38.64
N PHE A 109 8.82 5.04 37.92
CA PHE A 109 7.41 4.97 37.58
C PHE A 109 6.53 4.64 38.79
N LEU A 110 7.10 4.03 39.83
CA LEU A 110 6.29 3.55 40.94
C LEU A 110 5.85 4.69 41.84
N VAL A 111 4.73 4.47 42.55
CA VAL A 111 4.32 5.41 43.59
C VAL A 111 5.24 5.28 44.79
N GLU A 112 5.23 6.32 45.63
CA GLU A 112 6.10 6.33 46.81
C GLU A 112 5.82 5.14 47.72
N GLU A 113 4.57 4.69 47.75
CA GLU A 113 4.21 3.51 48.53
C GLU A 113 5.01 2.29 48.09
N ASP A 114 5.24 2.15 46.79
CA ASP A 114 5.91 0.98 46.25
C ASP A 114 7.41 1.18 46.04
N LYS A 115 7.90 2.41 46.10
CA LYS A 115 9.33 2.64 45.93
C LYS A 115 10.11 2.05 47.11
N LYS A 116 11.28 1.49 46.80
CA LYS A 116 12.18 1.01 47.84
C LYS A 116 13.24 2.02 48.23
N HIS A 117 13.44 3.05 47.43
CA HIS A 117 14.41 4.11 47.71
C HIS A 117 13.67 5.45 47.78
N GLU A 118 14.43 6.50 48.06
CA GLU A 118 13.85 7.84 48.18
C GLU A 118 13.24 8.26 46.85
N ARG A 119 12.21 9.12 46.93
CA ARG A 119 11.38 9.42 45.77
C ARG A 119 12.03 10.37 44.78
N HIS A 120 13.15 11.00 45.12
CA HIS A 120 13.82 11.91 44.21
C HIS A 120 14.92 11.17 43.47
N PRO A 121 14.83 11.04 42.15
CA PRO A 121 15.68 10.06 41.46
C PRO A 121 17.15 10.45 41.39
N ILE A 122 17.46 11.71 41.10
CA ILE A 122 18.83 12.08 40.77
C ILE A 122 19.72 12.02 42.00
N PHE A 123 19.37 12.79 43.04
CA PHE A 123 20.24 12.92 44.20
C PHE A 123 19.71 12.26 45.46
N GLY A 124 18.49 11.74 45.45
CA GLY A 124 17.99 11.01 46.61
C GLY A 124 17.56 11.86 47.78
N ASN A 125 17.48 13.18 47.62
CA ASN A 125 16.95 14.06 48.65
C ASN A 125 16.35 15.28 47.99
N ILE A 126 15.51 16.00 48.75
CA ILE A 126 14.66 17.01 48.13
C ILE A 126 15.42 18.30 47.86
N VAL A 127 16.34 18.70 48.75
CA VAL A 127 16.99 19.99 48.58
C VAL A 127 17.94 19.95 47.38
N ASP A 128 18.64 18.84 47.18
CA ASP A 128 19.49 18.72 46.00
C ASP A 128 18.67 18.61 44.73
N GLU A 129 17.50 17.96 44.81
CA GLU A 129 16.67 17.77 43.63
C GLU A 129 16.06 19.08 43.15
N VAL A 130 15.57 19.91 44.09
CA VAL A 130 15.00 21.20 43.71
C VAL A 130 16.06 22.09 43.09
N ALA A 131 17.26 22.10 43.67
CA ALA A 131 18.33 22.95 43.18
C ALA A 131 18.76 22.58 41.77
N TYR A 132 18.65 21.29 41.42
CA TYR A 132 19.01 20.87 40.07
C TYR A 132 18.06 21.47 39.04
N HIS A 133 16.75 21.34 39.26
CA HIS A 133 15.78 21.89 38.32
C HIS A 133 15.82 23.41 38.26
N GLU A 134 16.28 24.06 39.33
CA GLU A 134 16.44 25.51 39.27
C GLU A 134 17.61 25.90 38.37
N LYS A 135 18.72 25.14 38.44
CA LYS A 135 19.89 25.46 37.65
C LYS A 135 19.74 25.00 36.20
N TYR A 136 19.19 23.81 35.99
CA TYR A 136 19.00 23.22 34.66
C TYR A 136 17.51 22.94 34.48
N PRO A 137 16.74 23.95 34.05
CA PRO A 137 15.29 23.73 33.88
C PRO A 137 14.97 22.64 32.87
N THR A 138 15.81 22.44 31.87
CA THR A 138 15.65 21.39 30.89
C THR A 138 16.94 20.58 30.79
N ILE A 139 16.83 19.37 30.23
CA ILE A 139 18.01 18.55 30.03
C ILE A 139 19.00 19.23 29.10
N TYR A 140 18.51 20.09 28.20
CA TYR A 140 19.40 20.79 27.27
C TYR A 140 20.22 21.87 27.98
N HIS A 141 19.73 22.41 29.10
CA HIS A 141 20.56 23.26 29.92
C HIS A 141 21.75 22.50 30.48
N LEU A 142 21.51 21.28 30.97
CA LEU A 142 22.60 20.46 31.48
C LEU A 142 23.51 20.00 30.35
N ARG A 143 22.92 19.62 29.21
CA ARG A 143 23.72 19.17 28.08
C ARG A 143 24.70 20.24 27.62
N LYS A 144 24.24 21.49 27.53
CA LYS A 144 25.12 22.57 27.09
C LYS A 144 26.19 22.86 28.14
N LYS A 145 25.82 22.87 29.42
CA LYS A 145 26.78 23.11 30.48
C LYS A 145 27.89 22.06 30.47
N LEU A 146 27.54 20.80 30.26
CA LEU A 146 28.55 19.74 30.29
C LEU A 146 29.47 19.81 29.06
N VAL A 147 28.97 20.38 27.96
CA VAL A 147 29.81 20.53 26.78
C VAL A 147 30.81 21.67 26.95
N ASP A 148 30.36 22.81 27.48
CA ASP A 148 31.17 24.02 27.49
C ASP A 148 32.03 24.16 28.74
N SER A 149 31.54 23.74 29.90
CA SER A 149 32.27 23.97 31.15
C SER A 149 33.49 23.07 31.23
N THR A 150 34.49 23.54 31.98
CA THR A 150 35.69 22.77 32.28
C THR A 150 35.68 22.18 33.69
N ASP A 151 34.71 22.58 34.51
CA ASP A 151 34.65 22.07 35.88
C ASP A 151 34.32 20.59 35.89
N LYS A 152 34.89 19.88 36.86
CA LYS A 152 34.48 18.50 37.08
C LYS A 152 33.00 18.45 37.43
N ALA A 153 32.29 17.48 36.88
CA ALA A 153 30.85 17.39 37.03
C ALA A 153 30.48 16.11 37.76
N ASP A 154 29.33 16.14 38.43
CA ASP A 154 28.83 14.98 39.13
C ASP A 154 28.62 13.82 38.15
N LEU A 155 29.15 12.65 38.52
CA LEU A 155 29.09 11.50 37.62
C LEU A 155 27.66 11.11 37.29
N ARG A 156 26.70 11.42 38.17
CA ARG A 156 25.31 11.14 37.88
C ARG A 156 24.79 12.06 36.78
N LEU A 157 25.12 13.35 36.84
CA LEU A 157 24.69 14.28 35.81
C LEU A 157 25.34 13.98 34.47
N ILE A 158 26.57 13.46 34.48
CA ILE A 158 27.22 13.06 33.23
C ILE A 158 26.43 11.95 32.57
N TYR A 159 26.03 10.94 33.34
CA TYR A 159 25.27 9.83 32.78
C TYR A 159 23.94 10.31 32.21
N LEU A 160 23.22 11.15 32.95
CA LEU A 160 21.90 11.60 32.50
C LEU A 160 21.99 12.33 31.16
N ALA A 161 23.08 13.07 30.94
CA ALA A 161 23.25 13.73 29.66
C ALA A 161 23.57 12.73 28.55
N LEU A 162 24.50 11.81 28.82
CA LEU A 162 24.86 10.80 27.83
C LEU A 162 23.69 9.87 27.54
N ALA A 163 22.92 9.51 28.58
CA ALA A 163 21.77 8.64 28.37
C ALA A 163 20.70 9.31 27.52
N HIS A 164 20.52 10.62 27.68
CA HIS A 164 19.52 11.33 26.89
C HIS A 164 19.91 11.42 25.43
N MET A 165 21.21 11.41 25.13
CA MET A 165 21.65 11.46 23.75
C MET A 165 21.65 10.08 23.10
N ILE A 166 21.82 9.02 23.89
CA ILE A 166 21.77 7.67 23.34
C ILE A 166 20.34 7.17 23.24
N LYS A 167 19.47 7.54 24.18
CA LYS A 167 18.09 7.05 24.13
C LYS A 167 17.31 7.69 22.99
N PHE A 168 17.57 8.96 22.69
CA PHE A 168 16.95 9.68 21.58
C PHE A 168 18.10 10.23 20.73
N ARG A 169 18.60 9.41 19.81
CA ARG A 169 19.88 9.65 19.18
C ARG A 169 19.80 10.34 17.82
N GLY A 170 18.63 10.47 17.22
CA GLY A 170 18.51 11.14 15.94
C GLY A 170 18.73 10.21 14.75
N HIS A 171 18.44 10.73 13.57
CA HIS A 171 18.33 9.90 12.38
C HIS A 171 19.69 9.56 11.79
N PHE A 172 19.66 8.68 10.78
CA PHE A 172 20.84 8.18 10.09
C PHE A 172 20.74 8.39 8.59
N LEU A 173 20.10 9.48 8.17
CA LEU A 173 19.86 9.70 6.75
C LEU A 173 21.06 10.32 6.04
N ILE A 174 21.98 10.94 6.76
CA ILE A 174 23.17 11.56 6.19
C ILE A 174 24.37 10.66 6.46
N GLU A 175 25.12 10.36 5.40
CA GLU A 175 26.32 9.54 5.53
C GLU A 175 27.53 10.43 5.78
N GLY A 176 28.53 9.86 6.42
CA GLY A 176 29.76 10.58 6.70
C GLY A 176 29.69 11.39 7.98
N ASP A 177 30.72 12.20 8.17
CA ASP A 177 30.84 13.02 9.38
C ASP A 177 30.26 14.41 9.15
N LEU A 178 29.78 15.01 10.24
CA LEU A 178 29.27 16.37 10.22
C LEU A 178 29.94 17.17 11.32
N ASN A 179 30.50 18.32 10.95
CA ASN A 179 31.11 19.26 11.89
C ASN A 179 30.48 20.61 11.64
N PRO A 180 29.44 20.96 12.42
CA PRO A 180 28.73 22.23 12.17
C PRO A 180 29.65 23.43 12.33
N ASP A 181 29.56 24.36 11.37
CA ASP A 181 30.42 25.54 11.36
C ASP A 181 29.70 26.61 10.54
N ASN A 182 28.88 27.41 11.23
CA ASN A 182 28.10 28.47 10.59
C ASN A 182 28.77 29.83 10.67
N SER A 183 30.04 29.88 11.08
CA SER A 183 30.71 31.16 11.31
C SER A 183 31.05 31.89 10.03
N ASP A 184 31.14 31.19 8.90
CA ASP A 184 31.65 31.75 7.66
C ASP A 184 30.58 31.83 6.57
N VAL A 185 29.30 31.95 6.94
CA VAL A 185 28.24 32.07 5.95
C VAL A 185 28.44 33.32 5.10
N ASP A 186 28.81 34.44 5.73
CA ASP A 186 29.03 35.67 4.99
C ASP A 186 30.20 35.53 4.02
N LYS A 187 31.31 34.96 4.48
CA LYS A 187 32.49 34.84 3.62
C LYS A 187 32.30 33.79 2.53
N LEU A 188 31.46 32.78 2.78
CA LEU A 188 31.20 31.78 1.75
C LEU A 188 30.25 32.31 0.68
N PHE A 189 29.32 33.18 1.06
CA PHE A 189 28.40 33.74 0.08
C PHE A 189 29.10 34.67 -0.89
N ILE A 190 29.90 35.61 -0.35
CA ILE A 190 30.64 36.53 -1.22
C ILE A 190 31.61 35.75 -2.09
N GLN A 191 32.20 34.69 -1.55
CA GLN A 191 33.11 33.87 -2.36
C GLN A 191 32.37 33.21 -3.51
N LEU A 192 31.12 32.79 -3.27
CA LEU A 192 30.30 32.24 -4.35
C LEU A 192 30.05 33.30 -5.42
N VAL A 193 29.59 34.49 -5.01
CA VAL A 193 29.41 35.57 -5.96
C VAL A 193 30.75 36.07 -6.49
N GLN A 194 31.86 35.73 -5.83
CA GLN A 194 33.16 36.03 -6.40
C GLN A 194 33.52 35.07 -7.53
N THR A 195 33.29 33.78 -7.32
CA THR A 195 33.55 32.81 -8.38
C THR A 195 32.58 32.99 -9.55
N TYR A 196 31.38 33.50 -9.28
CA TYR A 196 30.45 33.80 -10.36
C TYR A 196 30.93 35.00 -11.18
N ASN A 197 31.61 35.95 -10.53
CA ASN A 197 32.03 37.17 -11.22
C ASN A 197 33.29 36.95 -12.06
N GLN A 198 34.13 35.98 -11.70
CA GLN A 198 35.28 35.67 -12.55
C GLN A 198 34.88 34.86 -13.77
N LEU A 199 33.80 34.09 -13.67
CA LEU A 199 33.31 33.34 -14.83
C LEU A 199 32.45 34.23 -15.73
N PHE A 200 31.60 35.06 -15.13
CA PHE A 200 30.76 35.97 -15.88
C PHE A 200 31.20 37.42 -15.67
N GLU A 201 32.44 37.72 -16.06
CA GLU A 201 32.94 39.08 -15.93
C GLU A 201 32.12 40.09 -16.73
N GLU A 202 31.36 39.60 -17.72
CA GLU A 202 30.47 40.48 -18.48
C GLU A 202 29.36 41.02 -17.58
N ASN A 203 28.62 40.13 -16.93
CA ASN A 203 27.51 40.50 -16.05
C ASN A 203 27.75 39.95 -14.66
N PRO A 204 28.25 40.77 -13.72
CA PRO A 204 28.49 40.28 -12.36
C PRO A 204 27.38 40.64 -11.40
N ILE A 205 27.47 40.17 -10.15
CA ILE A 205 26.51 40.48 -9.11
C ILE A 205 27.23 41.21 -7.98
N ASN A 206 26.51 42.12 -7.32
CA ASN A 206 27.05 42.93 -6.24
C ASN A 206 26.66 42.29 -4.91
N ALA A 207 27.67 41.99 -4.09
CA ALA A 207 27.47 41.25 -2.84
C ALA A 207 27.11 42.14 -1.66
N SER A 208 27.61 43.37 -1.61
CA SER A 208 27.41 44.23 -0.45
C SER A 208 25.93 44.52 -0.23
N GLY A 209 25.58 44.84 1.01
CA GLY A 209 24.21 45.13 1.37
C GLY A 209 23.30 43.94 1.49
N VAL A 210 23.81 42.73 1.24
CA VAL A 210 23.00 41.52 1.30
C VAL A 210 23.34 40.80 2.60
N ASP A 211 22.40 40.81 3.55
CA ASP A 211 22.53 40.03 4.77
C ASP A 211 22.23 38.56 4.49
N ALA A 212 23.09 37.97 3.65
CA ALA A 212 22.86 36.61 3.17
C ALA A 212 22.71 35.61 4.30
N LYS A 213 23.41 35.82 5.42
CA LYS A 213 23.26 34.92 6.55
C LYS A 213 21.84 34.96 7.10
N ALA A 214 21.33 36.15 7.38
CA ALA A 214 20.00 36.28 7.97
C ALA A 214 18.92 35.67 7.08
N ILE A 215 18.96 35.97 5.79
CA ILE A 215 17.94 35.48 4.87
C ILE A 215 18.04 33.98 4.69
N LEU A 216 19.26 33.46 4.56
CA LEU A 216 19.46 32.04 4.31
C LEU A 216 19.47 31.20 5.58
N SER A 217 19.66 31.82 6.75
CA SER A 217 19.51 31.11 8.02
C SER A 217 18.19 31.43 8.69
N ALA A 218 17.28 32.12 8.01
CA ALA A 218 15.99 32.46 8.58
C ALA A 218 15.16 31.20 8.78
N ARG A 219 14.17 31.31 9.67
CA ARG A 219 13.26 30.21 9.96
C ARG A 219 12.07 30.20 9.00
N LEU A 220 12.36 30.21 7.70
CA LEU A 220 11.35 30.12 6.66
C LEU A 220 11.66 28.92 5.76
N SER A 221 10.78 28.68 4.80
CA SER A 221 10.99 27.56 3.88
C SER A 221 12.12 27.88 2.91
N LYS A 222 12.80 26.82 2.45
CA LYS A 222 13.86 26.99 1.47
C LYS A 222 13.35 27.71 0.21
N SER A 223 12.09 27.49 -0.16
CA SER A 223 11.52 28.21 -1.29
C SER A 223 11.32 29.68 -0.96
N ARG A 224 10.89 29.98 0.28
CA ARG A 224 10.65 31.37 0.66
C ARG A 224 11.97 32.13 0.79
N ARG A 225 13.01 31.49 1.31
CA ARG A 225 14.30 32.15 1.45
C ARG A 225 14.91 32.50 0.10
N LEU A 226 14.61 31.70 -0.94
CA LEU A 226 15.16 31.99 -2.26
C LEU A 226 14.55 33.24 -2.87
N GLU A 227 13.22 33.39 -2.75
CA GLU A 227 12.57 34.57 -3.32
C GLU A 227 13.02 35.85 -2.64
N ASN A 228 13.34 35.79 -1.35
CA ASN A 228 13.80 36.98 -0.65
C ASN A 228 15.18 37.41 -1.12
N LEU A 229 16.07 36.44 -1.37
CA LEU A 229 17.43 36.78 -1.80
C LEU A 229 17.42 37.40 -3.19
N ILE A 230 16.59 36.87 -4.10
CA ILE A 230 16.57 37.38 -5.47
C ILE A 230 15.94 38.77 -5.51
N ALA A 231 14.95 39.03 -4.65
CA ALA A 231 14.40 40.37 -4.54
C ALA A 231 15.46 41.35 -4.07
N GLN A 232 16.41 40.90 -3.24
CA GLN A 232 17.52 41.73 -2.82
C GLN A 232 18.52 41.95 -3.94
N LEU A 233 18.59 41.04 -4.92
CA LEU A 233 19.55 41.15 -6.00
C LEU A 233 18.88 41.75 -7.23
N PRO A 234 19.17 43.00 -7.58
CA PRO A 234 18.54 43.59 -8.76
C PRO A 234 19.12 43.00 -10.05
N GLY A 235 18.28 43.00 -11.08
CA GLY A 235 18.69 42.45 -12.37
C GLY A 235 18.96 40.96 -12.34
N GLU A 236 18.23 40.20 -11.53
CA GLU A 236 18.39 38.76 -11.43
C GLU A 236 17.00 38.12 -11.41
N LYS A 237 16.98 36.79 -11.40
CA LYS A 237 15.72 36.05 -11.37
C LYS A 237 15.92 34.74 -10.63
N LYS A 238 14.81 34.21 -10.11
CA LYS A 238 14.87 32.94 -9.39
C LYS A 238 15.28 31.79 -10.31
N ASN A 239 15.03 31.90 -11.61
CA ASN A 239 15.43 30.88 -12.58
C ASN A 239 16.69 31.25 -13.35
N GLY A 240 17.33 32.37 -13.02
CA GLY A 240 18.64 32.64 -13.56
C GLY A 240 19.66 31.66 -13.03
N LEU A 241 20.86 31.70 -13.62
CA LEU A 241 21.90 30.76 -13.21
C LEU A 241 22.23 30.92 -11.73
N PHE A 242 22.47 32.16 -11.30
CA PHE A 242 22.75 32.39 -9.89
C PHE A 242 21.53 32.08 -9.03
N GLY A 243 20.33 32.25 -9.57
CA GLY A 243 19.13 31.87 -8.84
C GLY A 243 19.03 30.37 -8.65
N ASN A 244 19.32 29.59 -9.69
CA ASN A 244 19.31 28.14 -9.55
C ASN A 244 20.48 27.65 -8.71
N LEU A 245 21.60 28.38 -8.72
CA LEU A 245 22.72 28.01 -7.86
C LEU A 245 22.35 28.13 -6.38
N ILE A 246 21.65 29.20 -6.01
CA ILE A 246 21.24 29.38 -4.63
C ILE A 246 20.26 28.30 -4.22
N ALA A 247 19.35 27.91 -5.12
CA ALA A 247 18.43 26.81 -4.83
C ALA A 247 19.20 25.52 -4.55
N LEU A 248 20.34 25.32 -5.21
CA LEU A 248 21.15 24.13 -4.95
C LEU A 248 21.72 24.16 -3.54
N SER A 249 22.35 25.28 -3.17
CA SER A 249 23.00 25.39 -1.86
C SER A 249 22.03 25.27 -0.71
N LEU A 250 20.74 25.54 -0.93
CA LEU A 250 19.72 25.43 0.11
C LEU A 250 19.07 24.06 0.17
N GLY A 251 19.42 23.15 -0.73
CA GLY A 251 18.86 21.81 -0.71
C GLY A 251 17.71 21.57 -1.67
N LEU A 252 17.44 22.49 -2.60
CA LEU A 252 16.40 22.29 -3.59
C LEU A 252 16.97 21.57 -4.81
N THR A 253 16.09 21.27 -5.77
CA THR A 253 16.46 20.55 -6.99
C THR A 253 16.08 21.40 -8.19
N PRO A 254 16.89 22.40 -8.54
CA PRO A 254 16.60 23.21 -9.73
C PRO A 254 17.16 22.59 -11.00
N ASN A 255 16.57 22.99 -12.11
CA ASN A 255 16.94 22.47 -13.43
C ASN A 255 17.84 23.48 -14.13
N PHE A 256 19.08 23.07 -14.42
CA PHE A 256 20.04 23.91 -15.13
C PHE A 256 19.96 23.75 -16.65
N LYS A 257 18.91 23.09 -17.15
CA LYS A 257 18.83 22.83 -18.59
C LYS A 257 18.67 24.12 -19.38
N SER A 258 17.75 24.99 -18.96
CA SER A 258 17.49 26.23 -19.68
C SER A 258 18.63 27.23 -19.56
N ASN A 259 19.45 27.12 -18.50
CA ASN A 259 20.53 28.09 -18.31
C ASN A 259 21.63 27.92 -19.34
N PHE A 260 21.81 26.71 -19.87
CA PHE A 260 22.93 26.42 -20.77
C PHE A 260 22.48 25.96 -22.16
N ASP A 261 21.21 26.15 -22.51
CA ASP A 261 20.66 25.69 -23.80
C ASP A 261 20.90 24.18 -23.98
N LEU A 262 20.45 23.41 -22.99
CA LEU A 262 20.70 21.98 -22.95
C LEU A 262 19.50 21.22 -23.51
N ALA A 263 19.79 20.12 -24.21
CA ALA A 263 18.74 19.30 -24.80
C ALA A 263 18.02 18.44 -23.77
N GLU A 264 18.71 18.05 -22.70
CA GLU A 264 18.12 17.25 -21.64
C GLU A 264 18.12 18.04 -20.33
N ASP A 265 17.51 17.45 -19.31
CA ASP A 265 17.44 18.10 -18.01
C ASP A 265 18.78 18.03 -17.28
N ALA A 266 19.06 19.06 -16.50
CA ALA A 266 20.27 19.14 -15.68
C ALA A 266 19.83 19.47 -14.24
N LYS A 267 19.08 18.55 -13.63
CA LYS A 267 18.61 18.72 -12.27
C LYS A 267 19.66 18.17 -11.30
N LEU A 268 20.08 18.99 -10.35
CA LEU A 268 21.10 18.60 -9.38
C LEU A 268 20.56 18.81 -7.96
N GLN A 269 20.95 17.91 -7.07
CA GLN A 269 20.63 18.01 -5.65
C GLN A 269 21.84 17.56 -4.86
N LEU A 270 22.37 18.44 -4.02
CA LEU A 270 23.61 18.16 -3.29
C LEU A 270 23.48 16.98 -2.34
N SER A 271 22.26 16.67 -1.87
CA SER A 271 22.06 15.59 -0.91
C SER A 271 21.94 14.22 -1.55
N LYS A 272 21.62 14.14 -2.85
CA LYS A 272 21.54 12.85 -3.52
C LYS A 272 22.93 12.33 -3.83
N ASP A 273 23.11 11.01 -3.69
CA ASP A 273 24.42 10.40 -3.93
C ASP A 273 24.80 10.36 -5.40
N THR A 274 23.86 10.58 -6.31
CA THR A 274 24.19 10.65 -7.73
C THR A 274 24.76 12.00 -8.12
N TYR A 275 24.91 12.93 -7.17
CA TYR A 275 25.34 14.28 -7.50
C TYR A 275 26.76 14.31 -8.05
N ASP A 276 27.66 13.53 -7.45
CA ASP A 276 29.05 13.53 -7.91
C ASP A 276 29.17 13.12 -9.37
N ASP A 277 28.28 12.22 -9.82
CA ASP A 277 28.27 11.80 -11.22
C ASP A 277 27.34 12.65 -12.08
N ASP A 278 26.23 13.16 -11.50
CA ASP A 278 25.38 14.09 -12.22
C ASP A 278 26.14 15.37 -12.57
N LEU A 279 26.94 15.88 -11.62
CA LEU A 279 27.73 17.07 -11.89
C LEU A 279 28.75 16.82 -12.99
N ASP A 280 29.42 15.67 -12.96
CA ASP A 280 30.36 15.32 -14.02
C ASP A 280 29.64 15.17 -15.36
N ASN A 281 28.41 14.65 -15.33
CA ASN A 281 27.62 14.60 -16.56
C ASN A 281 27.31 15.99 -17.07
N LEU A 282 26.98 16.91 -16.17
CA LEU A 282 26.69 18.29 -16.58
C LEU A 282 27.94 19.04 -16.99
N LEU A 283 29.03 18.87 -16.23
CA LEU A 283 30.25 19.61 -16.52
C LEU A 283 30.87 19.18 -17.85
N ALA A 284 30.70 17.91 -18.23
CA ALA A 284 31.13 17.50 -19.56
C ALA A 284 30.27 18.13 -20.65
N GLN A 285 29.04 18.51 -20.31
CA GLN A 285 28.13 19.12 -21.27
C GLN A 285 28.43 20.61 -21.46
N ILE A 286 28.79 21.30 -20.39
CA ILE A 286 28.91 22.75 -20.43
C ILE A 286 30.35 23.26 -20.32
N GLY A 287 31.29 22.43 -19.87
CA GLY A 287 32.68 22.86 -19.76
C GLY A 287 33.24 22.77 -18.36
N ASP A 288 34.56 22.55 -18.26
CA ASP A 288 35.22 22.35 -16.98
C ASP A 288 35.49 23.64 -16.23
N GLN A 289 35.41 24.80 -16.88
CA GLN A 289 35.65 26.06 -16.17
C GLN A 289 34.53 26.41 -15.20
N TYR A 290 33.37 25.78 -15.34
CA TYR A 290 32.26 25.95 -14.40
C TYR A 290 32.39 25.06 -13.17
N ALA A 291 33.54 24.42 -12.97
CA ALA A 291 33.68 23.48 -11.87
C ALA A 291 33.70 24.20 -10.52
N ASP A 292 34.49 25.27 -10.42
CA ASP A 292 34.54 26.03 -9.17
C ASP A 292 33.19 26.64 -8.82
N LEU A 293 32.37 26.93 -9.84
CA LEU A 293 31.06 27.51 -9.58
C LEU A 293 30.17 26.57 -8.78
N PHE A 294 30.18 25.29 -9.13
CA PHE A 294 29.44 24.31 -8.35
C PHE A 294 30.20 23.85 -7.11
N LEU A 295 31.52 24.05 -7.08
CA LEU A 295 32.28 23.79 -5.86
C LEU A 295 31.95 24.83 -4.80
N ALA A 296 31.89 26.10 -5.18
CA ALA A 296 31.56 27.15 -4.23
C ALA A 296 30.13 27.00 -3.72
N ALA A 297 29.22 26.52 -4.57
CA ALA A 297 27.86 26.23 -4.11
C ALA A 297 27.85 25.13 -3.06
N LYS A 298 28.77 24.18 -3.18
CA LYS A 298 28.90 23.13 -2.16
C LYS A 298 29.44 23.69 -0.86
N ASN A 299 30.42 24.60 -0.94
CA ASN A 299 31.03 25.16 0.26
C ASN A 299 30.01 25.97 1.06
N LEU A 300 29.26 26.84 0.39
CA LEU A 300 28.23 27.62 1.06
C LEU A 300 27.11 26.76 1.62
N SER A 301 26.90 25.57 1.05
CA SER A 301 25.83 24.71 1.52
C SER A 301 26.15 24.06 2.86
N ASP A 302 27.44 23.89 3.17
CA ASP A 302 27.81 23.19 4.39
C ASP A 302 27.53 24.01 5.64
N ALA A 303 27.66 25.34 5.54
CA ALA A 303 27.46 26.18 6.72
C ALA A 303 25.98 26.42 7.01
N ILE A 304 25.13 26.44 5.99
CA ILE A 304 23.69 26.65 6.15
C ILE A 304 22.91 25.35 6.07
N LEU A 305 23.60 24.20 6.13
CA LEU A 305 22.92 22.91 5.98
C LEU A 305 21.90 22.70 7.08
N LEU A 306 22.28 22.95 8.33
CA LEU A 306 21.43 22.71 9.49
C LEU A 306 20.92 24.01 10.10
N SER A 307 20.64 25.01 9.26
CA SER A 307 20.19 26.30 9.77
C SER A 307 18.84 26.18 10.47
N ASP A 308 17.99 25.25 10.03
CA ASP A 308 16.70 25.07 10.67
C ASP A 308 16.83 24.42 12.04
N ILE A 309 17.80 23.51 12.18
CA ILE A 309 18.00 22.82 13.45
C ILE A 309 18.83 23.67 14.42
N LEU A 310 19.91 24.26 13.91
CA LEU A 310 20.83 25.04 14.74
C LEU A 310 20.55 26.52 14.49
N ARG A 311 19.84 27.15 15.42
CA ARG A 311 19.50 28.57 15.33
C ARG A 311 20.38 29.43 16.23
N VAL A 312 21.55 28.94 16.60
CA VAL A 312 22.53 29.66 17.39
C VAL A 312 23.89 29.53 16.71
N ASN A 313 24.59 30.64 16.55
CA ASN A 313 25.90 30.62 15.90
C ASN A 313 26.88 29.77 16.70
N THR A 314 27.66 28.96 15.99
CA THR A 314 28.55 27.98 16.60
C THR A 314 29.82 28.58 17.19
N GLU A 315 29.90 29.91 17.29
CA GLU A 315 31.08 30.53 17.90
C GLU A 315 31.02 30.50 19.42
N ILE A 316 29.82 30.64 19.99
CA ILE A 316 29.69 30.72 21.44
C ILE A 316 29.87 29.35 22.09
N THR A 317 29.30 28.30 21.50
CA THR A 317 29.26 26.99 22.13
C THR A 317 29.57 25.90 21.12
N LYS A 318 29.98 24.74 21.64
CA LYS A 318 30.08 23.51 20.88
C LYS A 318 28.82 22.68 20.94
N ALA A 319 27.76 23.20 21.55
CA ALA A 319 26.47 22.53 21.64
C ALA A 319 25.41 23.40 20.99
N PRO A 320 25.45 23.53 19.65
CA PRO A 320 24.47 24.40 18.98
C PRO A 320 23.06 23.87 19.09
N LEU A 321 22.87 22.55 19.08
CA LEU A 321 21.54 21.99 19.21
C LEU A 321 20.95 22.30 20.58
N SER A 322 21.68 21.98 21.65
CA SER A 322 21.19 22.27 22.99
C SER A 322 20.98 23.76 23.19
N ALA A 323 21.92 24.59 22.71
CA ALA A 323 21.76 26.03 22.83
C ALA A 323 20.52 26.52 22.08
N SER A 324 20.19 25.89 20.96
CA SER A 324 18.96 26.25 20.26
C SER A 324 17.72 25.83 21.05
N MET A 325 17.82 24.74 21.81
CA MET A 325 16.71 24.34 22.68
C MET A 325 16.56 25.31 23.86
N ILE A 326 17.68 25.79 24.39
CA ILE A 326 17.63 26.80 25.45
C ILE A 326 17.05 28.10 24.91
N LYS A 327 17.30 28.40 23.63
CA LYS A 327 16.67 29.56 23.01
C LYS A 327 15.16 29.39 22.91
N ARG A 328 14.71 28.19 22.54
CA ARG A 328 13.28 27.88 22.59
C ARG A 328 12.72 28.15 23.98
N TYR A 329 13.45 27.73 25.01
CA TYR A 329 12.96 27.83 26.38
C TYR A 329 12.89 29.28 26.83
N ASP A 330 13.94 30.07 26.56
CA ASP A 330 13.97 31.45 27.03
C ASP A 330 12.91 32.29 26.31
N GLU A 331 12.75 32.11 25.00
CA GLU A 331 11.72 32.86 24.29
C GLU A 331 10.33 32.40 24.67
N HIS A 332 10.16 31.13 25.04
CA HIS A 332 8.92 30.67 25.63
C HIS A 332 8.65 31.40 26.94
N HIS A 333 9.67 31.50 27.80
CA HIS A 333 9.51 32.18 29.08
C HIS A 333 9.15 33.65 28.90
N GLN A 334 9.93 34.36 28.07
CA GLN A 334 9.69 35.78 27.87
C GLN A 334 8.29 36.04 27.33
N ASP A 335 7.90 35.30 26.28
CA ASP A 335 6.61 35.52 25.65
C ASP A 335 5.45 35.02 26.49
N LEU A 336 5.71 34.13 27.45
CA LEU A 336 4.65 33.73 28.37
C LEU A 336 4.37 34.83 29.39
N THR A 337 5.42 35.46 29.92
CA THR A 337 5.23 36.55 30.87
C THR A 337 4.52 37.73 30.20
N LEU A 338 4.85 38.02 28.94
CA LEU A 338 4.21 39.12 28.24
C LEU A 338 2.73 38.82 27.97
N LEU A 339 2.44 37.60 27.48
CA LEU A 339 1.06 37.23 27.19
C LEU A 339 0.19 37.28 28.45
N LYS A 340 0.76 36.94 29.60
CA LYS A 340 0.01 36.99 30.85
C LYS A 340 -0.34 38.44 31.22
N ALA A 341 0.69 39.29 31.33
CA ALA A 341 0.44 40.69 31.67
C ALA A 341 -0.43 41.38 30.65
N LEU A 342 -0.31 40.99 29.37
CA LEU A 342 -1.20 41.52 28.33
C LEU A 342 -2.65 41.14 28.62
N VAL A 343 -2.94 39.83 28.64
CA VAL A 343 -4.30 39.37 28.83
C VAL A 343 -4.83 39.75 30.21
N ARG A 344 -3.95 40.06 31.16
CA ARG A 344 -4.41 40.53 32.46
C ARG A 344 -4.95 41.94 32.35
N GLN A 345 -4.31 42.79 31.54
CA GLN A 345 -4.72 44.18 31.42
C GLN A 345 -5.90 44.36 30.46
N GLN A 346 -5.91 43.61 29.36
CA GLN A 346 -6.87 43.86 28.29
C GLN A 346 -8.02 42.85 28.25
N LEU A 347 -7.80 41.62 28.68
CA LEU A 347 -8.85 40.59 28.68
C LEU A 347 -8.86 39.82 30.00
N PRO A 348 -9.09 40.51 31.13
CA PRO A 348 -9.06 39.81 32.43
C PRO A 348 -10.18 38.80 32.59
N GLU A 349 -11.23 38.86 31.77
CA GLU A 349 -12.33 37.91 31.92
C GLU A 349 -11.94 36.52 31.45
N LYS A 350 -11.02 36.42 30.48
CA LYS A 350 -10.65 35.15 29.88
C LYS A 350 -9.38 34.55 30.49
N TYR A 351 -8.74 35.22 31.43
CA TYR A 351 -7.49 34.70 31.99
C TYR A 351 -7.68 33.30 32.57
N LYS A 352 -8.86 33.02 33.13
CA LYS A 352 -9.11 31.69 33.68
C LYS A 352 -9.15 30.63 32.59
N GLU A 353 -9.71 30.98 31.42
CA GLU A 353 -9.85 30.00 30.36
C GLU A 353 -8.51 29.64 29.73
N ILE A 354 -7.61 30.62 29.60
CA ILE A 354 -6.36 30.38 28.88
C ILE A 354 -5.36 29.63 29.76
N PHE A 355 -5.23 30.02 31.02
CA PHE A 355 -4.16 29.55 31.90
C PHE A 355 -4.62 28.57 32.97
N PHE A 356 -5.90 28.19 32.99
CA PHE A 356 -6.36 27.23 33.99
C PHE A 356 -7.24 26.11 33.44
N ASP A 357 -8.00 26.33 32.36
CA ASP A 357 -8.94 25.31 31.88
C ASP A 357 -8.19 24.32 31.01
N GLN A 358 -8.03 23.08 31.49
CA GLN A 358 -7.37 22.06 30.69
C GLN A 358 -8.28 21.57 29.56
N SER A 359 -9.59 21.68 29.74
CA SER A 359 -10.50 21.21 28.70
C SER A 359 -10.40 22.07 27.44
N LYS A 360 -10.16 23.37 27.60
CA LYS A 360 -10.05 24.25 26.45
C LYS A 360 -8.62 24.24 25.92
N ASN A 361 -8.48 24.67 24.66
CA ASN A 361 -7.18 24.57 23.99
C ASN A 361 -6.28 25.76 24.29
N GLY A 362 -6.36 26.28 25.51
CA GLY A 362 -5.49 27.36 25.94
C GLY A 362 -4.13 26.84 26.35
N TYR A 363 -3.37 27.73 27.00
CA TYR A 363 -2.05 27.35 27.49
C TYR A 363 -2.15 26.23 28.53
N ALA A 364 -3.23 26.19 29.30
CA ALA A 364 -3.42 25.12 30.27
C ALA A 364 -3.57 23.78 29.57
N GLY A 365 -4.45 23.71 28.57
CA GLY A 365 -4.56 22.51 27.76
C GLY A 365 -3.32 22.25 26.91
N TYR A 366 -2.53 23.28 26.65
CA TYR A 366 -1.31 23.11 25.87
C TYR A 366 -0.22 22.45 26.71
N ILE A 367 -0.16 22.78 28.00
CA ILE A 367 0.88 22.25 28.88
C ILE A 367 0.40 21.00 29.61
N ASP A 368 -0.81 21.05 30.18
CA ASP A 368 -1.32 19.97 31.01
C ASP A 368 -2.46 19.18 30.39
N GLY A 369 -3.21 19.77 29.47
CA GLY A 369 -4.28 19.08 28.77
C GLY A 369 -3.78 18.28 27.59
N GLY A 370 -4.69 18.02 26.64
CA GLY A 370 -4.35 17.26 25.45
C GLY A 370 -4.30 18.07 24.18
N ALA A 371 -4.11 19.38 24.32
CA ALA A 371 -4.07 20.27 23.16
C ALA A 371 -2.69 20.28 22.55
N SER A 372 -2.61 20.04 21.24
CA SER A 372 -1.34 20.06 20.54
C SER A 372 -0.90 21.50 20.26
N GLN A 373 0.34 21.63 19.77
CA GLN A 373 0.85 22.95 19.42
C GLN A 373 -0.02 23.61 18.36
N GLU A 374 -0.47 22.85 17.38
CA GLU A 374 -1.33 23.41 16.34
C GLU A 374 -2.69 23.82 16.90
N GLU A 375 -3.32 22.91 17.66
CA GLU A 375 -4.59 23.24 18.30
C GLU A 375 -4.46 24.45 19.21
N PHE A 376 -3.30 24.60 19.85
CA PHE A 376 -3.05 25.76 20.69
C PHE A 376 -2.98 27.04 19.87
N TYR A 377 -2.27 27.00 18.73
CA TYR A 377 -2.15 28.19 17.89
C TYR A 377 -3.49 28.60 17.31
N LYS A 378 -4.27 27.63 16.82
CA LYS A 378 -5.57 27.93 16.24
C LYS A 378 -6.51 28.55 17.27
N PHE A 379 -6.48 28.03 18.50
CA PHE A 379 -7.35 28.54 19.55
C PHE A 379 -6.97 29.97 19.94
N ILE A 380 -5.68 30.26 20.03
CA ILE A 380 -5.25 31.51 20.64
C ILE A 380 -5.07 32.63 19.61
N LYS A 381 -4.80 32.30 18.35
CA LYS A 381 -4.56 33.32 17.33
C LYS A 381 -5.65 34.39 17.25
N PRO A 382 -6.95 34.07 17.34
CA PRO A 382 -7.95 35.14 17.41
C PRO A 382 -7.78 36.05 18.63
N ILE A 383 -7.26 35.52 19.74
CA ILE A 383 -7.11 36.33 20.95
C ILE A 383 -6.00 37.36 20.77
N LEU A 384 -4.87 36.95 20.18
CA LEU A 384 -3.74 37.86 20.03
C LEU A 384 -4.09 39.02 19.11
N GLU A 385 -4.85 38.75 18.05
CA GLU A 385 -5.20 39.80 17.09
C GLU A 385 -6.04 40.88 17.75
N LYS A 386 -7.05 40.48 18.52
CA LYS A 386 -7.93 41.45 19.17
C LYS A 386 -7.14 42.44 20.03
N MET A 387 -6.10 41.97 20.71
CA MET A 387 -5.35 42.80 21.63
C MET A 387 -4.31 43.63 20.89
N ASP A 388 -3.87 44.70 21.55
CA ASP A 388 -2.78 45.52 21.07
C ASP A 388 -1.45 45.04 21.65
N GLY A 389 -0.37 45.40 20.97
CA GLY A 389 0.96 45.01 21.42
C GLY A 389 1.32 43.57 21.22
N THR A 390 0.49 42.79 20.53
CA THR A 390 0.78 41.39 20.22
C THR A 390 1.38 41.22 18.83
N GLU A 391 2.12 42.23 18.37
CA GLU A 391 2.64 42.22 17.00
C GLU A 391 3.68 41.11 16.82
N GLU A 392 4.73 41.12 17.67
CA GLU A 392 5.80 40.15 17.50
C GLU A 392 5.33 38.73 17.77
N LEU A 393 4.31 38.57 18.60
CA LEU A 393 3.81 37.23 18.91
C LEU A 393 3.00 36.66 17.75
N LEU A 394 2.21 37.49 17.09
CA LEU A 394 1.54 37.04 15.87
C LEU A 394 2.55 36.66 14.80
N VAL A 395 3.67 37.39 14.73
CA VAL A 395 4.74 37.02 13.82
C VAL A 395 5.38 35.70 14.25
N LYS A 396 5.63 35.54 15.55
CA LYS A 396 6.21 34.29 16.03
C LYS A 396 5.25 33.12 15.86
N LEU A 397 3.94 33.38 15.90
CA LEU A 397 2.97 32.31 15.70
C LEU A 397 2.99 31.79 14.26
N ASN A 398 2.94 32.71 13.29
CA ASN A 398 2.85 32.31 11.89
C ASN A 398 4.11 31.61 11.39
N ARG A 399 5.23 31.75 12.10
CA ARG A 399 6.43 30.99 11.80
C ARG A 399 6.50 29.69 12.59
N GLU A 400 5.45 29.37 13.36
CA GLU A 400 5.41 28.18 14.21
C GLU A 400 6.60 28.16 15.18
N ASP A 401 6.76 29.28 15.91
CA ASP A 401 7.90 29.46 16.81
C ASP A 401 7.48 30.27 18.04
N LEU A 402 6.26 30.04 18.51
CA LEU A 402 5.72 30.73 19.68
C LEU A 402 5.46 29.73 20.79
N LEU A 403 6.05 29.98 21.97
CA LEU A 403 5.84 29.16 23.16
C LEU A 403 6.14 27.69 22.85
N ARG A 404 7.29 27.47 22.21
CA ARG A 404 7.65 26.15 21.72
C ARG A 404 8.23 25.29 22.84
N LYS A 405 7.82 24.03 22.87
CA LYS A 405 8.47 23.06 23.73
C LYS A 405 9.77 22.58 23.08
N GLN A 406 10.55 21.82 23.85
CA GLN A 406 11.80 21.28 23.35
C GLN A 406 11.68 19.84 22.87
N ARG A 407 10.62 19.14 23.25
CA ARG A 407 10.31 17.80 22.73
C ARG A 407 9.07 17.97 21.84
N THR A 408 9.30 18.11 20.53
CA THR A 408 8.24 18.45 19.60
C THR A 408 8.23 17.46 18.43
N PHE A 409 7.12 17.48 17.70
CA PHE A 409 6.92 16.55 16.58
C PHE A 409 7.94 16.77 15.48
N ASP A 410 8.45 18.00 15.34
CA ASP A 410 9.35 18.35 14.23
C ASP A 410 10.82 18.13 14.56
N ASN A 411 11.13 17.39 15.62
CA ASN A 411 12.51 17.09 15.95
C ASN A 411 13.11 15.99 15.08
N GLY A 412 12.37 15.50 14.09
CA GLY A 412 12.89 14.47 13.21
C GLY A 412 13.97 14.94 12.26
N SER A 413 14.22 16.25 12.19
CA SER A 413 15.25 16.78 11.30
C SER A 413 16.64 16.51 11.85
N ILE A 414 16.77 16.36 13.17
CA ILE A 414 18.06 16.28 13.85
C ILE A 414 18.82 15.02 13.44
N PRO A 415 19.99 15.15 12.82
CA PRO A 415 20.81 13.97 12.54
C PRO A 415 21.55 13.50 13.79
N HIS A 416 21.92 12.22 13.77
CA HIS A 416 22.63 11.65 14.92
C HIS A 416 24.02 12.23 15.08
N GLN A 417 24.62 12.77 14.03
CA GLN A 417 25.93 13.40 14.16
C GLN A 417 25.88 14.59 15.10
N ILE A 418 24.74 15.28 15.17
CA ILE A 418 24.63 16.43 16.05
C ILE A 418 24.63 16.00 17.50
N HIS A 419 23.79 15.02 17.84
CA HIS A 419 23.82 14.45 19.19
C HIS A 419 25.20 13.86 19.50
N LEU A 420 25.82 13.23 18.52
CA LEU A 420 27.15 12.67 18.72
C LEU A 420 28.19 13.75 19.02
N GLY A 421 28.03 14.92 18.41
CA GLY A 421 28.97 16.01 18.68
C GLY A 421 28.93 16.46 20.12
N GLU A 422 27.73 16.59 20.68
CA GLU A 422 27.61 16.97 22.08
C GLU A 422 28.04 15.83 23.00
N LEU A 423 27.72 14.59 22.64
CA LEU A 423 28.18 13.45 23.43
C LEU A 423 29.70 13.35 23.41
N HIS A 424 30.32 13.57 22.25
CA HIS A 424 31.77 13.53 22.17
C HIS A 424 32.39 14.66 22.98
N ALA A 425 31.75 15.82 23.00
CA ALA A 425 32.29 16.95 23.75
C ALA A 425 32.20 16.72 25.25
N ILE A 426 31.08 16.19 25.72
CA ILE A 426 30.94 15.86 27.15
C ILE A 426 31.99 14.84 27.54
N LEU A 427 32.15 13.80 26.72
CA LEU A 427 33.16 12.79 27.01
C LEU A 427 34.58 13.37 26.96
N ARG A 428 34.78 14.44 26.19
CA ARG A 428 36.10 15.05 26.14
C ARG A 428 36.39 15.91 27.36
N ARG A 429 35.35 16.47 27.98
CA ARG A 429 35.53 17.29 29.18
C ARG A 429 35.82 16.42 30.40
N GLN A 430 34.86 15.57 30.76
CA GLN A 430 34.97 14.78 31.98
C GLN A 430 35.95 13.62 31.84
N GLU A 431 36.47 13.38 30.64
CA GLU A 431 37.54 12.40 30.47
C GLU A 431 38.70 12.67 31.41
N ASP A 432 39.06 13.95 31.56
CA ASP A 432 40.22 14.32 32.37
C ASP A 432 40.01 13.99 33.84
N PHE A 433 38.76 14.00 34.31
CA PHE A 433 38.47 13.80 35.72
C PHE A 433 38.10 12.37 36.07
N TYR A 434 37.56 11.61 35.13
CA TYR A 434 37.16 10.22 35.37
C TYR A 434 37.94 9.30 34.44
N PRO A 435 38.86 8.49 34.96
CA PRO A 435 39.67 7.65 34.07
C PRO A 435 38.87 6.69 33.21
N PHE A 436 37.79 6.11 33.73
CA PHE A 436 37.05 5.11 32.96
C PHE A 436 36.32 5.71 31.77
N LEU A 437 36.04 7.02 31.79
CA LEU A 437 35.45 7.66 30.61
C LEU A 437 36.47 7.79 29.48
N LYS A 438 37.76 7.77 29.80
CA LYS A 438 38.78 7.81 28.76
C LYS A 438 38.84 6.49 28.01
N ASP A 439 38.90 5.38 28.74
CA ASP A 439 39.04 4.07 28.09
C ASP A 439 37.81 3.71 27.28
N ASN A 440 36.63 4.18 27.69
CA ASN A 440 35.38 3.81 27.04
C ASN A 440 34.78 4.96 26.23
N ARG A 441 35.59 5.93 25.83
CA ARG A 441 35.08 7.02 25.00
C ARG A 441 34.57 6.49 23.66
N GLU A 442 35.35 5.63 23.01
CA GLU A 442 34.90 5.04 21.75
C GLU A 442 33.75 4.07 21.97
N LYS A 443 33.80 3.30 23.07
CA LYS A 443 32.72 2.36 23.37
C LYS A 443 31.39 3.08 23.49
N ILE A 444 31.36 4.18 24.25
CA ILE A 444 30.13 4.94 24.43
C ILE A 444 29.71 5.58 23.11
N GLU A 445 30.66 6.14 22.36
CA GLU A 445 30.34 6.68 21.05
C GLU A 445 29.76 5.61 20.13
N LYS A 446 30.23 4.36 20.27
CA LYS A 446 29.73 3.28 19.44
C LYS A 446 28.28 2.98 19.76
N ILE A 447 27.89 3.06 21.03
CA ILE A 447 26.52 2.78 21.43
C ILE A 447 25.55 3.71 20.71
N LEU A 448 25.94 4.97 20.54
CA LEU A 448 25.07 5.93 19.86
C LEU A 448 25.06 5.68 18.36
N THR A 449 26.24 5.48 17.76
CA THR A 449 26.33 5.45 16.31
C THR A 449 25.96 4.08 15.71
N PHE A 450 26.17 2.99 16.44
CA PHE A 450 26.00 1.67 15.85
C PHE A 450 24.56 1.45 15.41
N ARG A 451 24.41 0.83 14.24
CA ARG A 451 23.12 0.56 13.65
C ARG A 451 23.22 -0.76 12.90
N ILE A 452 22.34 -1.69 13.22
CA ILE A 452 22.33 -2.99 12.56
C ILE A 452 22.01 -2.78 11.08
N PRO A 453 22.86 -3.23 10.17
CA PRO A 453 22.56 -3.06 8.74
C PRO A 453 21.33 -3.86 8.34
N TYR A 454 20.57 -3.30 7.41
CA TYR A 454 19.34 -3.95 6.98
C TYR A 454 19.62 -5.30 6.35
N TYR A 455 20.77 -5.48 5.72
CA TYR A 455 21.12 -6.74 5.08
C TYR A 455 21.63 -7.79 6.06
N VAL A 456 21.58 -7.51 7.36
CA VAL A 456 21.96 -8.48 8.37
C VAL A 456 20.74 -9.07 9.07
N GLY A 457 19.76 -8.22 9.41
CA GLY A 457 18.54 -8.68 10.02
C GLY A 457 18.69 -8.94 11.50
N PRO A 458 17.74 -9.68 12.07
CA PRO A 458 17.80 -9.97 13.52
C PRO A 458 19.03 -10.79 13.87
N LEU A 459 19.63 -10.45 15.01
CA LEU A 459 20.79 -11.19 15.54
C LEU A 459 20.32 -12.44 16.29
N ALA A 460 19.70 -13.34 15.53
CA ALA A 460 19.06 -14.51 16.12
C ALA A 460 20.06 -15.66 16.27
N ARG A 461 19.61 -16.70 16.97
CA ARG A 461 20.38 -17.93 17.16
C ARG A 461 19.45 -19.13 16.97
N GLY A 462 18.90 -19.26 15.76
CA GLY A 462 18.14 -20.44 15.40
C GLY A 462 16.72 -20.51 15.92
N ASN A 463 16.15 -19.39 16.38
CA ASN A 463 14.79 -19.37 16.89
C ASN A 463 13.98 -18.23 16.28
N SER A 464 14.34 -17.78 15.09
CA SER A 464 13.63 -16.72 14.40
C SER A 464 13.41 -17.14 12.94
N ARG A 465 12.15 -17.17 12.52
CA ARG A 465 11.82 -17.50 11.14
C ARG A 465 12.11 -16.36 10.17
N PHE A 466 12.49 -15.19 10.67
CA PHE A 466 12.80 -14.04 9.83
C PHE A 466 14.30 -13.83 9.62
N ALA A 467 15.14 -14.51 10.39
CA ALA A 467 16.56 -14.22 10.43
C ALA A 467 17.32 -15.01 9.37
N TRP A 468 18.39 -14.40 8.86
CA TRP A 468 19.30 -15.03 7.90
C TRP A 468 20.76 -14.81 8.28
N MET A 469 21.02 -14.21 9.44
CA MET A 469 22.36 -13.77 9.79
C MET A 469 23.29 -14.95 10.06
N THR A 470 24.53 -14.82 9.59
CA THR A 470 25.57 -15.82 9.79
C THR A 470 26.64 -15.25 10.72
N ARG A 471 27.15 -16.09 11.62
CA ARG A 471 28.16 -15.68 12.58
C ARG A 471 29.53 -16.21 12.20
N LYS A 472 30.57 -15.42 12.51
CA LYS A 472 31.93 -15.91 12.42
C LYS A 472 32.33 -16.67 13.68
N SER A 473 31.96 -16.14 14.84
CA SER A 473 32.29 -16.73 16.13
C SER A 473 31.00 -16.92 16.93
N GLU A 474 30.89 -18.06 17.61
CA GLU A 474 29.70 -18.37 18.41
C GLU A 474 29.84 -17.71 19.77
N GLU A 475 29.44 -16.45 19.84
CA GLU A 475 29.43 -15.70 21.10
C GLU A 475 28.47 -14.53 20.95
N THR A 476 28.20 -13.88 22.08
CA THR A 476 27.22 -12.81 22.13
C THR A 476 27.68 -11.60 21.31
N ILE A 477 26.73 -10.98 20.60
CA ILE A 477 27.00 -9.85 19.72
C ILE A 477 26.68 -8.56 20.45
N THR A 478 27.63 -7.64 20.44
CA THR A 478 27.52 -6.31 21.03
C THR A 478 27.86 -5.29 19.96
N PRO A 479 27.56 -4.00 20.20
CA PRO A 479 27.92 -2.98 19.20
C PRO A 479 29.42 -2.87 18.96
N TRP A 480 30.25 -3.43 19.83
CA TRP A 480 31.70 -3.29 19.73
C TRP A 480 32.38 -4.47 19.05
N ASN A 481 31.78 -5.66 19.12
CA ASN A 481 32.35 -6.84 18.47
C ASN A 481 31.53 -7.28 17.26
N PHE A 482 30.70 -6.38 16.71
CA PHE A 482 29.81 -6.75 15.62
C PHE A 482 30.59 -7.16 14.37
N GLU A 483 31.61 -6.37 14.01
CA GLU A 483 32.40 -6.68 12.83
C GLU A 483 33.12 -8.02 12.98
N GLU A 484 33.63 -8.30 14.18
CA GLU A 484 34.44 -9.50 14.36
C GLU A 484 33.60 -10.76 14.52
N VAL A 485 32.37 -10.64 15.03
CA VAL A 485 31.52 -11.79 15.31
C VAL A 485 30.57 -12.08 14.16
N VAL A 486 29.94 -11.05 13.61
CA VAL A 486 28.99 -11.24 12.51
C VAL A 486 29.75 -11.33 11.20
N ASP A 487 29.43 -12.36 10.40
CA ASP A 487 29.95 -12.49 9.04
C ASP A 487 29.07 -11.63 8.14
N LYS A 488 29.41 -10.34 8.04
CA LYS A 488 28.61 -9.43 7.23
C LYS A 488 28.64 -9.82 5.76
N GLY A 489 29.75 -10.39 5.29
CA GLY A 489 29.82 -10.81 3.90
C GLY A 489 28.84 -11.93 3.59
N ALA A 490 28.89 -13.00 4.38
CA ALA A 490 27.95 -14.10 4.16
C ALA A 490 26.52 -13.67 4.40
N SER A 491 26.30 -12.79 5.38
CA SER A 491 24.95 -12.33 5.68
C SER A 491 24.41 -11.44 4.57
N ALA A 492 25.24 -10.51 4.07
CA ALA A 492 24.81 -9.66 2.97
C ALA A 492 24.55 -10.45 1.71
N GLN A 493 25.22 -11.61 1.57
CA GLN A 493 24.97 -12.46 0.41
C GLN A 493 23.69 -13.27 0.59
N SER A 494 23.51 -13.88 1.76
CA SER A 494 22.27 -14.61 2.03
C SER A 494 21.06 -13.69 1.97
N PHE A 495 21.22 -12.43 2.35
CA PHE A 495 20.11 -11.49 2.34
C PHE A 495 19.49 -11.38 0.95
N ILE A 496 20.28 -11.59 -0.09
CA ILE A 496 19.81 -11.49 -1.48
C ILE A 496 19.45 -12.86 -2.04
N GLU A 497 20.35 -13.84 -1.90
CA GLU A 497 20.15 -15.14 -2.52
C GLU A 497 18.94 -15.87 -1.95
N ARG A 498 18.47 -15.51 -0.77
CA ARG A 498 17.24 -16.10 -0.23
C ARG A 498 15.99 -15.54 -0.90
N MET A 499 16.12 -14.48 -1.70
CA MET A 499 14.96 -13.86 -2.35
C MET A 499 15.01 -13.90 -3.87
N THR A 500 16.17 -14.17 -4.46
CA THR A 500 16.30 -14.10 -5.91
C THR A 500 15.73 -15.33 -6.60
N ASN A 501 15.15 -15.10 -7.77
CA ASN A 501 14.56 -16.17 -8.56
C ASN A 501 15.63 -17.13 -9.07
N PHE A 502 15.20 -18.36 -9.36
CA PHE A 502 15.99 -19.32 -10.10
C PHE A 502 15.51 -19.36 -11.55
N ASP A 503 16.42 -19.74 -12.45
CA ASP A 503 16.07 -19.90 -13.86
C ASP A 503 15.01 -20.98 -13.99
N LYS A 504 13.81 -20.62 -14.45
CA LYS A 504 12.75 -21.62 -14.60
C LYS A 504 13.14 -22.72 -15.57
N ASN A 505 14.00 -22.41 -16.55
CA ASN A 505 14.43 -23.42 -17.50
C ASN A 505 15.41 -24.40 -16.87
N LEU A 506 16.33 -23.89 -16.04
CA LEU A 506 17.29 -24.70 -15.31
C LEU A 506 17.12 -24.39 -13.83
N PRO A 507 16.18 -25.04 -13.15
CA PRO A 507 15.76 -24.57 -11.81
C PRO A 507 16.86 -24.58 -10.75
N ASN A 508 17.96 -25.29 -10.97
CA ASN A 508 19.06 -25.31 -10.02
C ASN A 508 20.06 -24.18 -10.24
N GLU A 509 19.74 -23.20 -11.09
CA GLU A 509 20.65 -22.12 -11.42
C GLU A 509 20.02 -20.78 -11.07
N LYS A 510 20.82 -19.89 -10.49
CA LYS A 510 20.37 -18.55 -10.17
C LYS A 510 20.42 -17.66 -11.42
N VAL A 511 19.46 -16.73 -11.50
CA VAL A 511 19.41 -15.83 -12.63
C VAL A 511 20.58 -14.86 -12.59
N LEU A 512 21.01 -14.42 -13.77
CA LEU A 512 22.06 -13.42 -13.87
C LEU A 512 21.56 -12.07 -13.35
N PRO A 513 22.47 -11.19 -12.96
CA PRO A 513 22.07 -9.81 -12.67
C PRO A 513 21.54 -9.13 -13.91
N LYS A 514 20.51 -8.31 -13.73
CA LYS A 514 19.88 -7.61 -14.85
C LYS A 514 20.89 -6.82 -15.69
N HIS A 515 21.93 -6.30 -15.05
CA HIS A 515 22.93 -5.49 -15.73
C HIS A 515 24.22 -6.27 -16.02
N SER A 516 24.15 -7.60 -15.98
CA SER A 516 25.30 -8.40 -16.38
C SER A 516 25.63 -8.18 -17.84
N LEU A 517 26.92 -8.13 -18.16
CA LEU A 517 27.34 -7.93 -19.55
C LEU A 517 26.87 -9.09 -20.42
N LEU A 518 26.98 -10.32 -19.92
CA LEU A 518 26.49 -11.48 -20.67
C LEU A 518 24.99 -11.36 -20.93
N TYR A 519 24.24 -10.86 -19.95
CA TYR A 519 22.79 -10.79 -20.09
C TYR A 519 22.38 -9.77 -21.14
N GLU A 520 23.09 -8.65 -21.23
CA GLU A 520 22.74 -7.62 -22.21
C GLU A 520 23.19 -8.00 -23.61
N TYR A 521 24.30 -8.72 -23.75
CA TYR A 521 24.65 -9.31 -25.04
C TYR A 521 23.53 -10.23 -25.52
N PHE A 522 22.93 -10.98 -24.60
CA PHE A 522 21.82 -11.86 -24.94
C PHE A 522 20.63 -11.06 -25.46
N THR A 523 20.23 -10.02 -24.72
CA THR A 523 19.07 -9.23 -25.11
C THR A 523 19.30 -8.52 -26.43
N VAL A 524 20.53 -8.09 -26.71
CA VAL A 524 20.82 -7.40 -27.96
C VAL A 524 20.80 -8.39 -29.12
N TYR A 525 21.50 -9.51 -28.98
CA TYR A 525 21.55 -10.49 -30.06
C TYR A 525 20.21 -11.19 -30.25
N ASN A 526 19.39 -11.29 -29.20
CA ASN A 526 18.09 -11.93 -29.35
C ASN A 526 17.12 -11.06 -30.15
N GLU A 527 17.23 -9.74 -30.01
CA GLU A 527 16.43 -8.83 -30.81
C GLU A 527 17.06 -8.58 -32.17
N LEU A 528 18.39 -8.59 -32.25
CA LEU A 528 19.07 -8.33 -33.52
C LEU A 528 18.85 -9.47 -34.50
N THR A 529 18.90 -10.71 -34.01
CA THR A 529 18.86 -11.88 -34.90
C THR A 529 17.52 -12.05 -35.60
N LYS A 530 16.51 -11.26 -35.24
CA LYS A 530 15.20 -11.33 -35.88
C LYS A 530 14.91 -10.10 -36.71
N VAL A 531 15.88 -9.21 -36.88
CA VAL A 531 15.73 -8.09 -37.80
C VAL A 531 15.89 -8.59 -39.23
N LYS A 532 15.03 -8.13 -40.12
CA LYS A 532 15.10 -8.43 -41.54
C LYS A 532 15.22 -7.14 -42.33
N TYR A 533 16.09 -7.14 -43.35
CA TYR A 533 16.33 -5.97 -44.16
C TYR A 533 16.14 -6.32 -45.63
N VAL A 534 15.66 -5.35 -46.40
CA VAL A 534 15.45 -5.51 -47.83
C VAL A 534 15.87 -4.24 -48.54
N THR A 535 16.39 -4.39 -49.75
CA THR A 535 16.77 -3.26 -50.59
C THR A 535 16.17 -3.46 -51.98
N GLU A 536 16.47 -2.53 -52.88
CA GLU A 536 15.88 -2.57 -54.22
C GLU A 536 16.31 -3.81 -54.99
N GLY A 537 17.57 -4.20 -54.87
CA GLY A 537 18.09 -5.28 -55.70
C GLY A 537 17.57 -6.65 -55.30
N MET A 538 17.51 -6.93 -54.01
CA MET A 538 17.21 -8.29 -53.55
C MET A 538 15.74 -8.63 -53.75
N ARG A 539 15.48 -9.92 -53.97
CA ARG A 539 14.12 -10.36 -54.27
C ARG A 539 13.27 -10.42 -53.02
N LYS A 540 13.87 -10.78 -51.89
CA LYS A 540 13.15 -11.02 -50.64
C LYS A 540 13.97 -10.47 -49.48
N PRO A 541 13.29 -9.99 -48.43
CA PRO A 541 14.02 -9.54 -47.23
C PRO A 541 14.74 -10.71 -46.56
N ALA A 542 15.98 -10.47 -46.14
CA ALA A 542 16.82 -11.49 -45.56
C ALA A 542 17.26 -11.10 -44.16
N PHE A 543 17.79 -12.08 -43.43
CA PHE A 543 18.36 -11.83 -42.12
C PHE A 543 19.71 -11.13 -42.24
N LEU A 544 20.25 -10.74 -41.09
CA LEU A 544 21.63 -10.29 -41.02
C LEU A 544 22.50 -11.49 -40.62
N SER A 545 23.59 -11.68 -41.35
CA SER A 545 24.46 -12.82 -41.09
C SER A 545 25.23 -12.61 -39.79
N GLY A 546 26.02 -13.62 -39.41
CA GLY A 546 26.81 -13.50 -38.19
C GLY A 546 27.85 -12.39 -38.27
N GLU A 547 28.47 -12.22 -39.44
CA GLU A 547 29.45 -11.17 -39.60
C GLU A 547 28.80 -9.79 -39.61
N GLN A 548 27.56 -9.70 -40.07
CA GLN A 548 26.87 -8.41 -40.10
C GLN A 548 26.47 -7.97 -38.69
N LYS A 549 26.02 -8.92 -37.85
CA LYS A 549 25.58 -8.56 -36.52
C LYS A 549 26.75 -8.12 -35.64
N LYS A 550 27.89 -8.80 -35.74
CA LYS A 550 29.07 -8.35 -35.02
C LYS A 550 29.52 -6.99 -35.51
N ALA A 551 29.38 -6.73 -36.81
CA ALA A 551 29.70 -5.41 -37.34
C ALA A 551 28.77 -4.34 -36.77
N ILE A 552 27.49 -4.66 -36.63
CA ILE A 552 26.54 -3.70 -36.08
C ILE A 552 26.75 -3.52 -34.58
N VAL A 553 27.04 -4.62 -33.87
CA VAL A 553 27.28 -4.52 -32.43
C VAL A 553 28.56 -3.74 -32.17
N ASP A 554 29.60 -3.95 -32.98
CA ASP A 554 30.86 -3.26 -32.77
C ASP A 554 30.79 -1.80 -33.22
N LEU A 555 30.06 -1.52 -34.31
CA LEU A 555 30.06 -0.16 -34.85
C LEU A 555 29.02 0.73 -34.16
N LEU A 556 27.85 0.19 -33.85
CA LEU A 556 26.74 0.99 -33.32
C LEU A 556 26.51 0.74 -31.83
N PHE A 557 26.28 -0.51 -31.43
CA PHE A 557 25.91 -0.77 -30.04
C PHE A 557 27.04 -0.44 -29.07
N LYS A 558 28.29 -0.64 -29.49
CA LYS A 558 29.44 -0.31 -28.66
C LYS A 558 29.92 1.12 -28.86
N THR A 559 29.16 1.93 -29.60
CA THR A 559 29.45 3.34 -29.77
C THR A 559 28.42 4.24 -29.10
N ASN A 560 27.14 3.97 -29.29
CA ASN A 560 26.07 4.76 -28.71
C ASN A 560 25.30 3.93 -27.68
N ARG A 561 24.70 4.64 -26.72
CA ARG A 561 23.88 3.97 -25.71
C ARG A 561 22.71 3.25 -26.36
N LYS A 562 21.84 4.00 -27.04
CA LYS A 562 20.71 3.43 -27.75
C LYS A 562 20.96 3.51 -29.24
N VAL A 563 20.63 2.43 -29.96
CA VAL A 563 20.79 2.36 -31.40
C VAL A 563 19.42 2.57 -32.04
N THR A 564 19.31 3.57 -32.88
CA THR A 564 18.09 3.82 -33.64
C THR A 564 18.22 3.20 -35.03
N VAL A 565 17.08 2.81 -35.60
CA VAL A 565 17.07 2.40 -36.99
C VAL A 565 17.54 3.54 -37.88
N LYS A 566 17.28 4.78 -37.47
CA LYS A 566 17.86 5.93 -38.17
C LYS A 566 19.39 5.84 -38.19
N GLN A 567 20.00 5.56 -37.03
CA GLN A 567 21.43 5.30 -37.01
C GLN A 567 21.77 4.02 -37.78
N LEU A 568 20.93 3.00 -37.64
CA LEU A 568 21.16 1.75 -38.38
C LEU A 568 21.11 1.99 -39.88
N LYS A 569 20.13 2.77 -40.34
CA LYS A 569 20.03 3.08 -41.77
C LYS A 569 21.24 3.86 -42.26
N GLU A 570 21.63 4.89 -41.51
CA GLU A 570 22.59 5.89 -41.97
C GLU A 570 24.03 5.62 -41.56
N ASP A 571 24.28 4.71 -40.62
CA ASP A 571 25.63 4.46 -40.15
C ASP A 571 26.14 3.06 -40.43
N TYR A 572 25.31 2.14 -40.91
CA TYR A 572 25.79 0.82 -41.33
C TYR A 572 25.52 0.59 -42.81
N PHE A 573 24.25 0.48 -43.23
CA PHE A 573 23.97 0.21 -44.64
C PHE A 573 24.41 1.37 -45.52
N LYS A 574 24.32 2.60 -45.01
CA LYS A 574 24.68 3.76 -45.82
C LYS A 574 26.18 3.88 -46.03
N LYS A 575 27.00 3.23 -45.20
CA LYS A 575 28.45 3.28 -45.32
C LYS A 575 29.04 1.92 -45.69
N ILE A 576 28.77 0.89 -44.89
CA ILE A 576 29.39 -0.41 -45.11
C ILE A 576 28.79 -1.12 -46.31
N GLU A 577 27.50 -0.93 -46.57
CA GLU A 577 26.85 -1.49 -47.74
C GLU A 577 26.56 -0.47 -48.83
N CYS A 578 26.64 0.82 -48.51
CA CYS A 578 26.45 1.95 -49.43
C CYS A 578 25.04 2.04 -49.99
N PHE A 579 24.07 1.35 -49.38
CA PHE A 579 22.68 1.49 -49.79
C PHE A 579 22.17 2.87 -49.38
N ASP A 580 21.73 3.67 -50.35
CA ASP A 580 21.23 5.00 -50.05
C ASP A 580 19.79 4.98 -49.56
N SER A 581 19.10 3.84 -49.62
CA SER A 581 17.75 3.72 -49.09
C SER A 581 17.47 2.25 -48.80
N VAL A 582 17.35 1.91 -47.52
CA VAL A 582 17.03 0.56 -47.09
C VAL A 582 15.84 0.64 -46.14
N GLU A 583 15.08 -0.46 -46.09
CA GLU A 583 13.93 -0.57 -45.20
C GLU A 583 14.20 -1.71 -44.21
N ILE A 584 13.94 -1.45 -42.92
CA ILE A 584 14.25 -2.37 -41.85
C ILE A 584 12.96 -2.99 -41.33
N SER A 585 13.01 -4.28 -41.04
CA SER A 585 11.86 -5.02 -40.51
C SER A 585 12.25 -5.68 -39.19
N GLY A 586 11.33 -5.64 -38.22
CA GLY A 586 11.55 -6.25 -36.92
C GLY A 586 11.86 -5.28 -35.79
N VAL A 587 12.01 -3.99 -36.07
CA VAL A 587 12.30 -2.99 -35.04
C VAL A 587 11.79 -1.63 -35.50
N GLU A 588 10.98 -0.97 -34.66
CA GLU A 588 10.42 0.35 -34.97
C GLU A 588 11.12 1.42 -34.14
N ASP A 589 11.41 2.56 -34.77
CA ASP A 589 12.01 3.73 -34.13
C ASP A 589 13.42 3.45 -33.60
N ARG A 590 13.59 2.43 -32.77
CA ARG A 590 14.87 2.18 -32.12
C ARG A 590 14.87 0.80 -31.51
N PHE A 591 16.06 0.31 -31.20
CA PHE A 591 16.19 -0.99 -30.54
C PHE A 591 15.81 -0.87 -29.07
N ASN A 592 15.12 -1.89 -28.56
CA ASN A 592 14.79 -1.91 -27.13
C ASN A 592 16.00 -2.26 -26.29
N ALA A 593 16.77 -3.26 -26.70
CA ALA A 593 17.95 -3.66 -25.95
C ALA A 593 19.07 -2.64 -26.12
N SER A 594 20.03 -2.70 -25.20
CA SER A 594 21.16 -1.78 -25.23
C SER A 594 22.28 -2.34 -24.35
N LEU A 595 23.52 -2.03 -24.72
CA LEU A 595 24.68 -2.40 -23.92
C LEU A 595 24.98 -1.32 -22.88
N GLY A 596 24.02 -1.16 -21.96
CA GLY A 596 24.14 -0.11 -20.96
C GLY A 596 25.32 -0.31 -20.03
N THR A 597 25.54 -1.55 -19.58
CA THR A 597 26.65 -1.82 -18.69
C THR A 597 27.98 -1.67 -19.41
N TYR A 598 28.04 -2.04 -20.69
CA TYR A 598 29.26 -1.88 -21.46
C TYR A 598 29.71 -0.42 -21.48
N HIS A 599 28.79 0.49 -21.79
CA HIS A 599 29.13 1.91 -21.83
C HIS A 599 29.36 2.47 -20.44
N ASP A 600 28.67 1.94 -19.43
CA ASP A 600 28.90 2.38 -18.06
C ASP A 600 30.33 2.09 -17.64
N LEU A 601 30.77 0.85 -17.81
CA LEU A 601 32.15 0.50 -17.44
C LEU A 601 33.16 1.21 -18.33
N LEU A 602 32.79 1.49 -19.58
CA LEU A 602 33.71 2.16 -20.49
C LEU A 602 34.03 3.58 -20.03
N LYS A 603 33.07 4.26 -19.41
CA LYS A 603 33.36 5.58 -18.86
C LYS A 603 34.27 5.49 -17.65
N ILE A 604 34.21 4.38 -16.91
CA ILE A 604 34.96 4.27 -15.66
C ILE A 604 36.39 3.82 -15.92
N ILE A 605 36.61 2.88 -16.84
CA ILE A 605 37.93 2.32 -17.07
C ILE A 605 38.58 2.83 -18.35
N LYS A 606 37.81 3.33 -19.32
CA LYS A 606 38.32 3.89 -20.57
C LYS A 606 39.02 2.86 -21.45
N ASP A 607 39.20 1.64 -20.94
CA ASP A 607 39.95 0.61 -21.67
C ASP A 607 38.96 -0.22 -22.49
N LYS A 608 38.61 0.33 -23.66
CA LYS A 608 37.67 -0.34 -24.55
C LYS A 608 38.21 -1.69 -25.02
N ASP A 609 39.53 -1.78 -25.22
CA ASP A 609 40.13 -3.06 -25.56
C ASP A 609 39.94 -4.08 -24.45
N PHE A 610 39.90 -3.62 -23.19
CA PHE A 610 39.77 -4.54 -22.07
C PHE A 610 38.35 -5.11 -21.99
N LEU A 611 37.33 -4.29 -22.27
CA LEU A 611 35.97 -4.79 -22.28
C LEU A 611 35.71 -5.66 -23.51
N ASP A 612 36.40 -5.38 -24.62
CA ASP A 612 36.28 -6.19 -25.82
C ASP A 612 37.13 -7.45 -25.76
N ASN A 613 38.20 -7.45 -24.96
CA ASN A 613 38.99 -8.65 -24.74
C ASN A 613 38.10 -9.75 -24.16
N GLU A 614 37.77 -10.74 -24.98
CA GLU A 614 36.83 -11.77 -24.58
C GLU A 614 37.36 -12.61 -23.41
N GLU A 615 38.67 -12.64 -23.20
CA GLU A 615 39.23 -13.44 -22.11
C GLU A 615 38.81 -12.93 -20.74
N ASN A 616 38.37 -11.68 -20.64
CA ASN A 616 37.92 -11.09 -19.39
C ASN A 616 36.43 -11.24 -19.16
N GLU A 617 35.81 -12.29 -19.71
CA GLU A 617 34.37 -12.47 -19.56
C GLU A 617 34.01 -12.83 -18.13
N ASP A 618 34.75 -13.76 -17.52
CA ASP A 618 34.42 -14.22 -16.18
C ASP A 618 34.66 -13.13 -15.13
N ILE A 619 35.76 -12.38 -15.27
CA ILE A 619 36.07 -11.35 -14.28
C ILE A 619 35.11 -10.18 -14.38
N LEU A 620 34.72 -9.82 -15.61
CA LEU A 620 33.73 -8.75 -15.77
C LEU A 620 32.36 -9.17 -15.24
N GLU A 621 32.03 -10.46 -15.29
CA GLU A 621 30.78 -10.93 -14.73
C GLU A 621 30.82 -10.91 -13.20
N ASP A 622 31.97 -11.22 -12.62
CA ASP A 622 32.10 -11.19 -11.17
C ASP A 622 32.04 -9.77 -10.62
N ILE A 623 32.48 -8.79 -11.42
CA ILE A 623 32.43 -7.40 -10.97
C ILE A 623 30.99 -6.91 -10.94
N VAL A 624 30.23 -7.17 -12.01
CA VAL A 624 28.83 -6.76 -12.05
C VAL A 624 28.03 -7.49 -10.98
N LEU A 625 28.39 -8.75 -10.70
CA LEU A 625 27.69 -9.48 -9.66
C LEU A 625 27.92 -8.86 -8.28
N THR A 626 29.16 -8.46 -8.00
CA THR A 626 29.45 -7.80 -6.73
C THR A 626 28.75 -6.45 -6.63
N LEU A 627 28.78 -5.67 -7.70
CA LEU A 627 28.13 -4.35 -7.67
C LEU A 627 26.62 -4.46 -7.52
N THR A 628 26.04 -5.59 -7.91
CA THR A 628 24.61 -5.80 -7.76
C THR A 628 24.28 -6.44 -6.41
N LEU A 629 25.09 -7.40 -5.97
CA LEU A 629 24.80 -8.14 -4.74
C LEU A 629 24.86 -7.25 -3.51
N PHE A 630 25.72 -6.22 -3.51
CA PHE A 630 25.99 -5.43 -2.34
C PHE A 630 25.63 -3.98 -2.55
N GLU A 631 25.27 -3.31 -1.44
CA GLU A 631 25.01 -1.88 -1.43
C GLU A 631 25.94 -1.10 -0.52
N ASP A 632 26.57 -1.75 0.45
CA ASP A 632 27.57 -1.10 1.28
C ASP A 632 28.85 -0.92 0.47
N ARG A 633 29.23 0.34 0.24
CA ARG A 633 30.39 0.64 -0.59
C ARG A 633 31.70 0.20 0.04
N GLU A 634 31.72 -0.04 1.34
CA GLU A 634 32.92 -0.60 1.97
C GLU A 634 33.09 -2.07 1.62
N MET A 635 32.00 -2.84 1.65
CA MET A 635 32.07 -4.25 1.29
C MET A 635 32.32 -4.42 -0.21
N ILE A 636 31.83 -3.49 -1.03
CA ILE A 636 32.09 -3.56 -2.47
C ILE A 636 33.58 -3.39 -2.75
N GLU A 637 34.21 -2.41 -2.09
CA GLU A 637 35.64 -2.19 -2.27
C GLU A 637 36.45 -3.41 -1.87
N GLU A 638 36.07 -4.05 -0.76
CA GLU A 638 36.82 -5.22 -0.30
C GLU A 638 36.75 -6.35 -1.31
N ARG A 639 35.61 -6.53 -1.95
CA ARG A 639 35.45 -7.62 -2.91
C ARG A 639 36.06 -7.29 -4.26
N LEU A 640 36.16 -6.00 -4.61
CA LEU A 640 36.83 -5.58 -5.83
C LEU A 640 38.33 -5.43 -5.66
N LYS A 641 38.85 -5.70 -4.46
CA LYS A 641 40.28 -5.52 -4.21
C LYS A 641 41.11 -6.60 -4.90
N THR A 642 40.53 -7.78 -5.14
CA THR A 642 41.25 -8.82 -5.86
C THR A 642 41.56 -8.42 -7.30
N TYR A 643 40.79 -7.49 -7.87
CA TYR A 643 41.04 -6.97 -9.20
C TYR A 643 41.69 -5.59 -9.19
N ALA A 644 42.21 -5.16 -8.04
CA ALA A 644 42.75 -3.81 -7.93
C ALA A 644 44.02 -3.62 -8.75
N HIS A 645 44.75 -4.70 -9.03
CA HIS A 645 46.00 -4.59 -9.77
C HIS A 645 45.76 -4.23 -11.22
N LEU A 646 44.60 -4.59 -11.77
CA LEU A 646 44.33 -4.38 -13.19
C LEU A 646 44.04 -2.94 -13.54
N PHE A 647 43.60 -2.12 -12.58
CA PHE A 647 43.20 -0.74 -12.85
C PHE A 647 43.96 0.21 -11.93
N ASP A 648 44.02 1.47 -12.34
CA ASP A 648 44.62 2.48 -11.50
C ASP A 648 43.72 2.77 -10.29
N ASP A 649 44.28 3.52 -9.33
CA ASP A 649 43.56 3.76 -8.08
C ASP A 649 42.36 4.67 -8.28
N LYS A 650 42.41 5.57 -9.27
CA LYS A 650 41.28 6.46 -9.52
C LYS A 650 40.12 5.69 -10.15
N VAL A 651 40.41 4.73 -11.03
CA VAL A 651 39.36 3.90 -11.61
C VAL A 651 38.66 3.08 -10.53
N MET A 652 39.45 2.54 -9.59
CA MET A 652 38.86 1.79 -8.49
C MET A 652 37.95 2.67 -7.64
N LYS A 653 38.33 3.93 -7.46
CA LYS A 653 37.48 4.87 -6.74
C LYS A 653 36.17 5.12 -7.47
N GLN A 654 36.20 5.11 -8.81
CA GLN A 654 34.97 5.30 -9.58
C GLN A 654 34.17 4.00 -9.67
N LEU A 655 34.84 2.87 -9.90
CA LEU A 655 34.15 1.59 -10.04
C LEU A 655 33.48 1.19 -8.73
N LYS A 656 34.04 1.61 -7.60
CA LYS A 656 33.46 1.23 -6.31
C LYS A 656 32.14 1.95 -6.06
N ARG A 657 32.03 3.21 -6.49
CA ARG A 657 30.80 3.96 -6.25
C ARG A 657 29.68 3.49 -7.15
N ARG A 658 30.01 3.11 -8.39
CA ARG A 658 29.00 2.62 -9.33
C ARG A 658 28.36 1.34 -8.81
N ARG A 659 27.03 1.26 -8.91
CA ARG A 659 26.31 0.10 -8.43
C ARG A 659 25.03 -0.10 -9.23
N TYR A 660 24.50 -1.31 -9.18
CA TYR A 660 23.32 -1.71 -9.93
C TYR A 660 22.33 -2.44 -9.03
N THR A 661 21.10 -2.53 -9.50
CA THR A 661 20.07 -3.32 -8.84
C THR A 661 19.22 -4.02 -9.89
N GLY A 662 18.56 -5.08 -9.48
CA GLY A 662 17.70 -5.83 -10.38
C GLY A 662 18.36 -7.10 -10.87
N TRP A 663 17.53 -8.09 -11.17
CA TRP A 663 18.00 -9.39 -11.63
C TRP A 663 17.24 -9.81 -12.88
N GLY A 664 17.91 -10.58 -13.72
CA GLY A 664 17.32 -11.07 -14.94
C GLY A 664 16.39 -12.25 -14.69
N ARG A 665 15.91 -12.82 -15.79
CA ARG A 665 15.04 -13.99 -15.72
C ARG A 665 15.72 -15.27 -16.16
N LEU A 666 16.96 -15.20 -16.64
CA LEU A 666 17.68 -16.37 -17.13
C LEU A 666 19.03 -16.46 -16.45
N SER A 667 19.54 -17.68 -16.37
CA SER A 667 20.82 -17.93 -15.73
C SER A 667 21.96 -17.84 -16.75
N ARG A 668 23.19 -17.78 -16.23
CA ARG A 668 24.36 -17.77 -17.09
C ARG A 668 24.54 -19.11 -17.80
N LYS A 669 24.25 -20.21 -17.10
CA LYS A 669 24.42 -21.53 -17.68
C LYS A 669 23.47 -21.75 -18.85
N LEU A 670 22.27 -21.17 -18.82
CA LEU A 670 21.32 -21.37 -19.90
C LEU A 670 21.75 -20.63 -21.16
N ILE A 671 22.15 -19.35 -21.02
CA ILE A 671 22.39 -18.52 -22.19
C ILE A 671 23.79 -18.75 -22.78
N ASN A 672 24.77 -19.13 -21.96
CA ASN A 672 26.14 -19.23 -22.43
C ASN A 672 26.88 -20.34 -21.71
N GLY A 673 26.19 -21.45 -21.43
CA GLY A 673 26.79 -22.55 -20.72
C GLY A 673 26.51 -23.90 -21.35
N ILE A 674 25.24 -24.33 -21.31
CA ILE A 674 24.86 -25.58 -21.93
C ILE A 674 25.04 -25.49 -23.44
N ARG A 675 25.27 -26.65 -24.07
CA ARG A 675 25.61 -26.69 -25.48
C ARG A 675 24.79 -27.75 -26.20
N ASP A 676 24.62 -27.54 -27.50
CA ASP A 676 23.99 -28.54 -28.35
C ASP A 676 25.00 -29.65 -28.67
N LYS A 677 24.52 -30.88 -28.70
CA LYS A 677 25.43 -32.02 -28.87
C LYS A 677 26.11 -31.99 -30.24
N GLN A 678 25.34 -31.70 -31.29
CA GLN A 678 25.90 -31.74 -32.64
C GLN A 678 26.82 -30.56 -32.91
N SER A 679 26.33 -29.34 -32.69
CA SER A 679 27.08 -28.14 -33.02
C SER A 679 28.08 -27.73 -31.94
N GLY A 680 27.79 -28.02 -30.67
CA GLY A 680 28.66 -27.57 -29.60
C GLY A 680 28.59 -26.10 -29.31
N LYS A 681 27.61 -25.39 -29.85
CA LYS A 681 27.42 -23.97 -29.61
C LYS A 681 26.39 -23.76 -28.51
N THR A 682 26.61 -22.76 -27.68
CA THR A 682 25.65 -22.41 -26.65
C THR A 682 24.56 -21.52 -27.25
N ILE A 683 23.57 -21.17 -26.44
CA ILE A 683 22.43 -20.39 -26.92
C ILE A 683 22.88 -19.03 -27.43
N LEU A 684 23.81 -18.39 -26.72
CA LEU A 684 24.32 -17.11 -27.17
C LEU A 684 25.08 -17.24 -28.49
N ASP A 685 25.75 -18.37 -28.70
CA ASP A 685 26.47 -18.57 -29.95
C ASP A 685 25.52 -18.62 -31.14
N PHE A 686 24.35 -19.23 -30.97
CA PHE A 686 23.35 -19.26 -32.03
C PHE A 686 22.81 -17.87 -32.32
N LEU A 687 22.58 -17.08 -31.26
CA LEU A 687 22.11 -15.71 -31.46
C LEU A 687 23.13 -14.89 -32.25
N LYS A 688 24.41 -15.19 -32.11
CA LYS A 688 25.43 -14.51 -32.90
C LYS A 688 25.45 -15.01 -34.34
N SER A 689 25.33 -16.32 -34.54
CA SER A 689 25.38 -16.89 -35.88
C SER A 689 24.60 -18.19 -35.89
N ASP A 690 23.56 -18.25 -36.72
CA ASP A 690 22.77 -19.47 -36.92
C ASP A 690 22.53 -19.69 -38.41
N GLY A 691 23.58 -19.49 -39.21
CA GLY A 691 23.43 -19.67 -40.65
C GLY A 691 22.45 -18.65 -41.21
N PHE A 692 21.40 -19.15 -41.86
CA PHE A 692 20.33 -18.31 -42.37
C PHE A 692 19.01 -18.55 -41.67
N ALA A 693 18.95 -19.44 -40.68
CA ALA A 693 17.75 -19.61 -39.88
C ALA A 693 17.61 -18.49 -38.85
N ASN A 694 18.73 -18.08 -38.24
CA ASN A 694 18.76 -16.96 -37.31
C ASN A 694 17.76 -17.14 -36.17
N ARG A 695 17.73 -18.33 -35.58
CA ARG A 695 16.75 -18.63 -34.54
C ARG A 695 17.05 -17.85 -33.27
N ASN A 696 15.98 -17.45 -32.57
CA ASN A 696 16.10 -16.68 -31.34
C ASN A 696 15.88 -17.60 -30.14
N PHE A 697 15.75 -16.99 -28.95
CA PHE A 697 15.73 -17.76 -27.71
C PHE A 697 14.56 -18.75 -27.68
N MET A 698 13.35 -18.27 -27.98
CA MET A 698 12.19 -19.16 -27.94
C MET A 698 12.30 -20.26 -28.99
N GLN A 699 12.78 -19.93 -30.19
CA GLN A 699 12.94 -20.93 -31.23
C GLN A 699 14.02 -21.95 -30.86
N LEU A 700 15.07 -21.52 -30.17
CA LEU A 700 16.19 -22.42 -29.90
C LEU A 700 15.83 -23.51 -28.90
N ILE A 701 15.10 -23.13 -27.83
CA ILE A 701 14.77 -24.09 -26.77
C ILE A 701 13.53 -24.90 -27.09
N HIS A 702 12.91 -24.69 -28.24
CA HIS A 702 11.78 -25.49 -28.68
C HIS A 702 12.05 -26.31 -29.93
N ASP A 703 13.20 -26.13 -30.57
CA ASP A 703 13.51 -26.82 -31.81
C ASP A 703 14.06 -28.21 -31.52
N ASP A 704 13.38 -29.23 -32.03
CA ASP A 704 13.77 -30.62 -31.79
C ASP A 704 15.09 -30.98 -32.48
N SER A 705 15.60 -30.12 -33.36
CA SER A 705 16.83 -30.45 -34.08
C SER A 705 18.03 -30.50 -33.15
N LEU A 706 17.98 -29.76 -32.04
CA LEU A 706 19.08 -29.64 -31.09
C LEU A 706 18.61 -30.14 -29.72
N THR A 707 19.55 -30.11 -28.76
CA THR A 707 19.37 -30.75 -27.47
C THR A 707 18.82 -29.83 -26.38
N PHE A 708 18.69 -28.54 -26.66
CA PHE A 708 18.26 -27.59 -25.63
C PHE A 708 16.88 -27.96 -25.07
N LYS A 709 15.94 -28.28 -25.97
CA LYS A 709 14.59 -28.62 -25.52
C LYS A 709 14.58 -29.79 -24.55
N GLU A 710 15.49 -30.74 -24.72
CA GLU A 710 15.51 -31.91 -23.85
C GLU A 710 16.20 -31.63 -22.52
N ASP A 711 17.35 -30.92 -22.56
CA ASP A 711 18.05 -30.60 -21.32
C ASP A 711 17.22 -29.70 -20.42
N ILE A 712 16.42 -28.81 -21.01
CA ILE A 712 15.52 -27.99 -20.20
C ILE A 712 14.44 -28.87 -19.57
N GLN A 713 13.87 -29.79 -20.34
CA GLN A 713 12.87 -30.70 -19.79
C GLN A 713 13.48 -31.64 -18.76
N LYS A 714 14.75 -31.98 -18.91
CA LYS A 714 15.42 -32.85 -17.93
C LYS A 714 15.53 -32.15 -16.58
N ALA A 715 15.88 -30.87 -16.58
CA ALA A 715 16.11 -30.14 -15.34
C ALA A 715 14.82 -29.89 -14.55
N GLN A 716 13.68 -29.89 -15.21
CA GLN A 716 12.40 -29.63 -14.53
C GLN A 716 12.11 -30.66 -13.45
N ASP A 722 4.04 -29.60 -1.99
CA ASP A 722 3.32 -28.33 -1.89
C ASP A 722 1.83 -28.57 -1.61
N SER A 723 1.38 -28.11 -0.45
CA SER A 723 -0.02 -28.27 -0.06
C SER A 723 -0.91 -27.28 -0.78
N LEU A 724 -2.23 -27.52 -0.67
CA LEU A 724 -3.20 -26.59 -1.25
C LEU A 724 -3.15 -25.23 -0.56
N HIS A 725 -3.20 -25.23 0.77
CA HIS A 725 -3.12 -23.97 1.51
C HIS A 725 -1.81 -23.26 1.20
N GLU A 726 -0.71 -24.00 1.10
CA GLU A 726 0.56 -23.40 0.69
C GLU A 726 0.44 -22.76 -0.68
N HIS A 727 -0.16 -23.49 -1.63
CA HIS A 727 -0.20 -23.04 -3.02
C HIS A 727 -0.96 -21.72 -3.15
N ILE A 728 -2.05 -21.56 -2.40
CA ILE A 728 -2.83 -20.34 -2.50
C ILE A 728 -2.09 -19.17 -1.85
N ALA A 729 -1.45 -19.41 -0.70
CA ALA A 729 -0.76 -18.33 -0.02
C ALA A 729 0.46 -17.85 -0.81
N ASN A 730 1.01 -18.68 -1.68
CA ASN A 730 2.16 -18.30 -2.50
C ASN A 730 1.77 -17.55 -3.76
N LEU A 731 0.48 -17.48 -4.09
CA LEU A 731 0.04 -16.72 -5.24
C LEU A 731 0.25 -15.23 -4.99
N ALA A 732 0.25 -14.47 -6.09
CA ALA A 732 0.21 -13.02 -5.99
C ALA A 732 -1.24 -12.57 -5.82
N GLY A 733 -1.43 -11.26 -5.70
CA GLY A 733 -2.74 -10.71 -5.43
C GLY A 733 -2.96 -10.44 -3.95
N SER A 734 -4.07 -9.76 -3.67
CA SER A 734 -4.32 -9.32 -2.30
C SER A 734 -4.64 -10.51 -1.41
N PRO A 735 -4.12 -10.54 -0.18
CA PRO A 735 -4.54 -11.58 0.77
C PRO A 735 -6.02 -11.56 1.07
N ALA A 736 -6.73 -10.48 0.73
CA ALA A 736 -8.18 -10.45 0.92
C ALA A 736 -8.88 -11.33 -0.11
N ILE A 737 -8.47 -11.26 -1.37
CA ILE A 737 -9.10 -12.10 -2.39
C ILE A 737 -8.63 -13.55 -2.27
N LYS A 738 -7.41 -13.76 -1.75
CA LYS A 738 -6.96 -15.13 -1.52
C LYS A 738 -7.86 -15.86 -0.55
N LYS A 739 -8.45 -15.15 0.42
CA LYS A 739 -9.33 -15.79 1.39
C LYS A 739 -10.54 -16.41 0.71
N GLY A 740 -11.09 -15.73 -0.31
CA GLY A 740 -12.21 -16.29 -1.04
C GLY A 740 -11.83 -17.47 -1.90
N ILE A 741 -10.59 -17.52 -2.37
CA ILE A 741 -10.15 -18.62 -3.22
C ILE A 741 -10.16 -19.93 -2.44
N LEU A 742 -9.57 -19.93 -1.25
CA LEU A 742 -9.52 -21.16 -0.44
C LEU A 742 -10.92 -21.59 -0.03
N GLN A 743 -11.77 -20.64 0.35
CA GLN A 743 -13.14 -20.97 0.71
C GLN A 743 -13.91 -21.51 -0.49
N THR A 744 -13.63 -20.97 -1.68
CA THR A 744 -14.27 -21.46 -2.90
C THR A 744 -13.97 -22.93 -3.11
N VAL A 745 -12.71 -23.32 -2.95
CA VAL A 745 -12.33 -24.73 -3.09
C VAL A 745 -13.04 -25.58 -2.05
N LYS A 746 -13.03 -25.13 -0.79
CA LYS A 746 -13.69 -25.89 0.26
C LYS A 746 -15.20 -25.98 0.01
N VAL A 747 -15.79 -24.95 -0.58
CA VAL A 747 -17.21 -24.99 -0.91
C VAL A 747 -17.47 -26.04 -1.98
N VAL A 748 -16.60 -26.11 -2.99
CA VAL A 748 -16.76 -27.09 -4.06
C VAL A 748 -16.68 -28.51 -3.51
N ASP A 749 -15.68 -28.76 -2.66
CA ASP A 749 -15.49 -30.10 -2.11
C ASP A 749 -16.74 -30.59 -1.38
N GLU A 750 -17.41 -29.69 -0.66
CA GLU A 750 -18.63 -30.09 0.05
C GLU A 750 -19.77 -30.35 -0.92
N LEU A 751 -19.93 -29.50 -1.93
CA LEU A 751 -21.00 -29.70 -2.91
C LEU A 751 -20.84 -31.03 -3.63
N VAL A 752 -19.59 -31.42 -3.92
CA VAL A 752 -19.36 -32.73 -4.53
C VAL A 752 -19.83 -33.84 -3.60
N LYS A 753 -19.51 -33.74 -2.31
CA LYS A 753 -19.97 -34.74 -1.36
C LYS A 753 -21.48 -34.71 -1.20
N VAL A 754 -22.10 -33.54 -1.33
CA VAL A 754 -23.55 -33.45 -1.26
C VAL A 754 -24.18 -34.21 -2.43
N MET A 755 -23.60 -34.09 -3.61
CA MET A 755 -24.12 -34.72 -4.81
C MET A 755 -23.65 -36.16 -4.97
N GLY A 756 -23.41 -36.86 -3.86
CA GLY A 756 -23.02 -38.26 -3.93
C GLY A 756 -21.64 -38.50 -4.52
N ARG A 757 -20.72 -37.55 -4.35
CA ARG A 757 -19.34 -37.67 -4.80
C ARG A 757 -19.22 -37.77 -6.32
N HIS A 758 -20.27 -37.38 -7.04
CA HIS A 758 -20.20 -37.26 -8.48
C HIS A 758 -19.68 -35.88 -8.85
N LYS A 759 -18.80 -35.83 -9.85
CA LYS A 759 -18.25 -34.54 -10.25
C LYS A 759 -19.21 -33.81 -11.18
N PRO A 760 -19.22 -32.48 -11.15
CA PRO A 760 -20.17 -31.73 -11.96
C PRO A 760 -19.76 -31.70 -13.43
N GLU A 761 -20.74 -31.41 -14.28
CA GLU A 761 -20.45 -31.19 -15.69
C GLU A 761 -19.57 -29.97 -15.87
N ASN A 762 -20.00 -28.84 -15.31
CA ASN A 762 -19.31 -27.58 -15.48
C ASN A 762 -19.18 -26.87 -14.13
N ILE A 763 -18.12 -26.08 -14.00
CA ILE A 763 -17.95 -25.16 -12.88
C ILE A 763 -17.72 -23.79 -13.48
N VAL A 764 -18.71 -22.90 -13.31
CA VAL A 764 -18.61 -21.54 -13.81
C VAL A 764 -18.19 -20.65 -12.66
N ILE A 765 -17.06 -19.95 -12.83
CA ILE A 765 -16.52 -19.09 -11.79
C ILE A 765 -16.54 -17.65 -12.27
N GLU A 766 -16.73 -16.74 -11.32
CA GLU A 766 -16.69 -15.30 -11.56
C GLU A 766 -16.01 -14.64 -10.38
N MET A 767 -15.16 -13.65 -10.66
CA MET A 767 -14.41 -12.94 -9.64
C MET A 767 -14.73 -11.46 -9.71
N ALA A 768 -14.99 -10.86 -8.55
CA ALA A 768 -15.30 -9.44 -8.49
C ALA A 768 -14.10 -8.60 -8.89
N ARG A 769 -14.37 -7.38 -9.34
CA ARG A 769 -13.34 -6.46 -9.78
C ARG A 769 -12.44 -6.02 -8.62
N ASN A 780 -4.85 6.46 1.02
CA ASN A 780 -5.33 6.90 -0.28
C ASN A 780 -5.15 8.40 -0.46
N SER A 781 -5.76 9.17 0.44
CA SER A 781 -5.65 10.63 0.36
C SER A 781 -4.25 11.11 0.69
N ARG A 782 -3.55 10.42 1.60
CA ARG A 782 -2.18 10.81 1.92
C ARG A 782 -1.27 10.62 0.71
N GLU A 783 -1.53 9.61 -0.11
CA GLU A 783 -0.78 9.43 -1.34
C GLU A 783 -1.22 10.40 -2.42
N ARG A 784 -2.49 10.82 -2.40
CA ARG A 784 -2.96 11.78 -3.41
C ARG A 784 -2.39 13.17 -3.16
N MET A 785 -2.35 13.60 -1.89
CA MET A 785 -1.83 14.93 -1.58
C MET A 785 -0.36 15.06 -1.97
N LYS A 786 0.43 14.01 -1.74
CA LYS A 786 1.84 14.06 -2.11
C LYS A 786 2.01 14.12 -3.62
N ARG A 787 1.14 13.44 -4.37
CA ARG A 787 1.22 13.48 -5.83
C ARG A 787 0.91 14.87 -6.36
N ILE A 788 -0.10 15.53 -5.80
CA ILE A 788 -0.42 16.90 -6.20
C ILE A 788 0.73 17.83 -5.83
N GLU A 789 1.27 17.67 -4.61
CA GLU A 789 2.32 18.56 -4.13
C GLU A 789 3.56 18.49 -5.02
N GLU A 790 3.99 17.28 -5.37
CA GLU A 790 5.14 17.14 -6.26
C GLU A 790 4.77 17.48 -7.70
N GLY A 791 3.50 17.35 -8.06
CA GLY A 791 3.10 17.63 -9.44
C GLY A 791 3.18 19.10 -9.79
N ILE A 792 2.58 19.95 -8.96
CA ILE A 792 2.62 21.38 -9.23
C ILE A 792 4.02 21.94 -9.00
N LYS A 793 4.71 21.46 -7.95
CA LYS A 793 6.05 21.95 -7.67
C LYS A 793 7.01 21.65 -8.81
N GLU A 794 6.82 20.53 -9.49
CA GLU A 794 7.65 20.22 -10.66
C GLU A 794 7.38 21.20 -11.79
N LEU A 795 6.11 21.50 -12.05
CA LEU A 795 5.75 22.48 -13.06
C LEU A 795 5.91 23.92 -12.61
N GLY A 796 6.03 24.15 -11.30
CA GLY A 796 6.20 25.51 -10.81
C GLY A 796 4.97 26.37 -10.91
N SER A 797 3.78 25.77 -10.97
CA SER A 797 2.55 26.54 -11.01
C SER A 797 2.27 27.18 -9.65
N GLN A 798 1.28 28.08 -9.63
CA GLN A 798 0.90 28.79 -8.43
C GLN A 798 -0.48 28.40 -7.93
N ILE A 799 -1.04 27.30 -8.43
CA ILE A 799 -2.42 26.96 -8.10
C ILE A 799 -2.55 26.52 -6.64
N LEU A 800 -1.51 25.89 -6.08
CA LEU A 800 -1.55 25.55 -4.67
C LEU A 800 -1.48 26.81 -3.81
N LYS A 801 -0.69 27.80 -4.24
CA LYS A 801 -0.67 29.08 -3.55
C LYS A 801 -1.99 29.82 -3.73
N GLU A 802 -2.54 29.79 -4.94
CA GLU A 802 -3.82 30.45 -5.19
C GLU A 802 -4.98 29.69 -4.54
N HIS A 803 -4.90 28.36 -4.51
CA HIS A 803 -5.97 27.53 -3.95
C HIS A 803 -5.37 26.43 -3.08
N PRO A 804 -5.39 26.59 -1.76
CA PRO A 804 -4.86 25.55 -0.87
C PRO A 804 -5.94 24.60 -0.39
N VAL A 805 -5.67 23.30 -0.44
CA VAL A 805 -6.65 22.28 -0.06
C VAL A 805 -6.05 21.36 0.99
N GLU A 806 -6.90 20.86 1.87
CA GLU A 806 -6.52 19.80 2.78
C GLU A 806 -6.46 18.47 2.04
N ASN A 807 -5.67 17.55 2.58
CA ASN A 807 -5.51 16.25 1.93
C ASN A 807 -6.83 15.49 1.85
N THR A 808 -7.70 15.65 2.86
CA THR A 808 -8.96 14.93 2.85
C THR A 808 -9.90 15.43 1.77
N GLN A 809 -9.78 16.71 1.39
CA GLN A 809 -10.67 17.30 0.40
C GLN A 809 -10.43 16.79 -1.02
N LEU A 810 -9.30 16.11 -1.26
CA LEU A 810 -9.00 15.57 -2.58
C LEU A 810 -9.81 14.32 -2.92
N GLN A 811 -10.71 13.89 -2.04
CA GLN A 811 -11.58 12.76 -2.31
C GLN A 811 -12.70 13.08 -3.29
N ASN A 812 -12.77 14.33 -3.78
CA ASN A 812 -13.73 14.70 -4.80
C ASN A 812 -13.14 14.40 -6.17
N GLU A 813 -13.90 13.70 -7.01
CA GLU A 813 -13.38 13.29 -8.31
C GLU A 813 -13.04 14.50 -9.17
N LYS A 814 -13.97 15.44 -9.31
CA LYS A 814 -13.72 16.61 -10.15
C LYS A 814 -12.65 17.51 -9.54
N LEU A 815 -12.64 17.65 -8.22
CA LEU A 815 -11.65 18.50 -7.58
C LEU A 815 -10.27 17.87 -7.62
N TYR A 816 -10.19 16.54 -7.47
CA TYR A 816 -8.92 15.86 -7.62
C TYR A 816 -8.41 15.96 -9.06
N LEU A 817 -9.30 15.82 -10.03
CA LEU A 817 -8.93 16.05 -11.43
C LEU A 817 -8.55 17.50 -11.65
N TYR A 818 -9.25 18.43 -11.01
CA TYR A 818 -8.96 19.85 -11.17
C TYR A 818 -7.51 20.16 -10.85
N TYR A 819 -6.97 19.55 -9.79
CA TYR A 819 -5.58 19.79 -9.42
C TYR A 819 -4.61 19.01 -10.30
N LEU A 820 -5.02 17.84 -10.79
CA LEU A 820 -4.17 17.11 -11.73
C LEU A 820 -4.00 17.88 -13.03
N GLN A 821 -4.99 18.68 -13.41
CA GLN A 821 -4.97 19.45 -14.65
C GLN A 821 -4.56 20.90 -14.42
N ASN A 822 -3.97 21.20 -13.27
CA ASN A 822 -3.46 22.54 -12.94
C ASN A 822 -4.56 23.60 -13.00
N GLY A 823 -5.80 23.19 -12.73
CA GLY A 823 -6.93 24.10 -12.82
C GLY A 823 -7.11 24.68 -14.21
N ARG A 824 -7.16 23.80 -15.20
CA ARG A 824 -7.21 24.22 -16.60
C ARG A 824 -7.86 23.12 -17.41
N ASP A 825 -8.83 23.49 -18.24
CA ASP A 825 -9.43 22.55 -19.17
C ASP A 825 -8.36 21.98 -20.09
N MET A 826 -8.43 20.68 -20.37
CA MET A 826 -7.38 20.02 -21.13
C MET A 826 -7.86 19.43 -22.45
N TYR A 827 -9.16 19.47 -22.76
CA TYR A 827 -9.58 19.26 -24.13
C TYR A 827 -9.41 20.53 -24.96
N VAL A 828 -9.52 21.70 -24.32
CA VAL A 828 -9.39 22.99 -24.98
C VAL A 828 -8.62 23.93 -24.06
N ASP A 829 -8.07 24.99 -24.66
CA ASP A 829 -7.09 25.85 -24.00
C ASP A 829 -7.80 27.01 -23.28
N GLN A 830 -8.33 26.72 -22.10
CA GLN A 830 -8.83 27.74 -21.20
C GLN A 830 -8.58 27.32 -19.76
N GLU A 831 -8.77 28.26 -18.85
CA GLU A 831 -8.66 27.99 -17.42
C GLU A 831 -10.00 27.51 -16.87
N LEU A 832 -9.96 26.92 -15.68
CA LEU A 832 -11.15 26.48 -14.97
C LEU A 832 -11.23 27.17 -13.62
N ASP A 833 -12.45 27.30 -13.10
CA ASP A 833 -12.70 27.94 -11.83
C ASP A 833 -13.16 26.91 -10.82
N ILE A 834 -12.56 26.94 -9.62
CA ILE A 834 -12.91 26.00 -8.57
C ILE A 834 -14.37 26.14 -8.16
N ASN A 835 -14.92 27.36 -8.26
CA ASN A 835 -16.29 27.60 -7.81
C ASN A 835 -17.33 27.01 -8.75
N ARG A 836 -17.00 26.81 -10.03
CA ARG A 836 -17.94 26.26 -11.01
C ARG A 836 -17.69 24.78 -11.28
N LEU A 837 -17.28 24.02 -10.26
CA LEU A 837 -16.93 22.63 -10.47
C LEU A 837 -18.13 21.79 -10.93
N SER A 838 -19.34 22.17 -10.50
CA SER A 838 -20.53 21.41 -10.83
C SER A 838 -20.95 21.55 -12.28
N ASP A 839 -20.39 22.51 -13.02
CA ASP A 839 -20.78 22.75 -14.41
C ASP A 839 -19.84 22.13 -15.43
N TYR A 840 -18.68 21.61 -15.00
CA TYR A 840 -17.75 20.99 -15.93
C TYR A 840 -18.20 19.55 -16.22
N ASP A 841 -17.43 18.86 -17.07
CA ASP A 841 -17.74 17.50 -17.48
C ASP A 841 -16.56 16.59 -17.16
N VAL A 842 -16.87 15.29 -17.03
CA VAL A 842 -15.87 14.28 -16.73
C VAL A 842 -15.92 13.20 -17.82
N ASP A 843 -15.46 13.55 -19.03
CA ASP A 843 -15.47 12.62 -20.14
C ASP A 843 -14.35 11.59 -19.99
N HIS A 844 -14.63 10.36 -20.40
CA HIS A 844 -13.64 9.30 -20.39
C HIS A 844 -12.86 9.32 -21.70
N ILE A 845 -11.54 9.23 -21.61
CA ILE A 845 -10.69 9.33 -22.80
C ILE A 845 -11.07 8.27 -23.81
N VAL A 846 -11.07 7.01 -23.39
CA VAL A 846 -11.64 5.93 -24.20
C VAL A 846 -13.09 5.78 -23.76
N PRO A 847 -14.04 5.75 -24.70
CA PRO A 847 -15.46 5.68 -24.31
C PRO A 847 -15.75 4.51 -23.38
N GLN A 848 -16.53 4.79 -22.33
CA GLN A 848 -16.85 3.78 -21.32
C GLN A 848 -17.52 2.56 -21.94
N SER A 849 -18.17 2.71 -23.09
CA SER A 849 -18.74 1.56 -23.78
C SER A 849 -17.64 0.59 -24.24
N PHE A 850 -16.55 1.13 -24.78
CA PHE A 850 -15.46 0.28 -25.26
C PHE A 850 -14.72 -0.38 -24.09
N LEU A 851 -14.29 0.40 -23.12
CA LEU A 851 -13.43 -0.08 -22.06
C LEU A 851 -14.08 0.18 -20.70
N LYS A 852 -14.03 -0.83 -19.83
CA LYS A 852 -14.56 -0.73 -18.48
C LYS A 852 -13.48 -0.21 -17.52
N ASP A 853 -12.93 0.96 -17.87
CA ASP A 853 -11.90 1.62 -17.09
C ASP A 853 -12.44 2.96 -16.63
N ASP A 854 -12.86 3.04 -15.38
CA ASP A 854 -13.30 4.28 -14.75
C ASP A 854 -12.34 4.70 -13.64
N SER A 855 -11.05 4.60 -13.90
CA SER A 855 -10.01 5.06 -13.00
C SER A 855 -9.54 6.44 -13.43
N ILE A 856 -8.59 6.99 -12.65
CA ILE A 856 -8.01 8.28 -13.00
C ILE A 856 -7.28 8.19 -14.33
N ASP A 857 -6.78 7.01 -14.68
CA ASP A 857 -6.05 6.82 -15.94
C ASP A 857 -6.90 7.12 -17.17
N ASN A 858 -8.23 7.08 -17.05
CA ASN A 858 -9.11 7.26 -18.20
C ASN A 858 -10.07 8.43 -18.03
N LYS A 859 -9.95 9.22 -16.97
CA LYS A 859 -10.85 10.33 -16.72
C LYS A 859 -10.16 11.66 -17.02
N VAL A 860 -10.97 12.70 -17.17
CA VAL A 860 -10.50 14.01 -17.59
C VAL A 860 -11.55 15.04 -17.17
N LEU A 861 -11.11 16.29 -17.01
CA LEU A 861 -12.00 17.37 -16.57
C LEU A 861 -11.98 18.48 -17.62
N THR A 862 -12.81 18.32 -18.65
CA THR A 862 -13.03 19.36 -19.63
C THR A 862 -14.29 20.15 -19.28
N ARG A 863 -14.56 21.20 -20.05
CA ARG A 863 -15.76 21.99 -19.83
C ARG A 863 -17.00 21.28 -20.38
N SER A 864 -16.96 20.89 -21.65
CA SER A 864 -18.08 20.21 -22.29
C SER A 864 -17.59 18.93 -22.93
N ASP A 865 -18.39 17.87 -22.80
CA ASP A 865 -18.05 16.59 -23.42
C ASP A 865 -18.06 16.67 -24.95
N LYS A 866 -18.80 17.61 -25.52
CA LYS A 866 -18.84 17.77 -26.97
C LYS A 866 -17.57 18.42 -27.52
N ALA A 867 -16.79 19.10 -26.68
CA ALA A 867 -15.53 19.70 -27.10
C ALA A 867 -14.43 18.66 -27.33
N ARG A 868 -14.76 17.37 -27.20
CA ARG A 868 -13.84 16.30 -27.55
C ARG A 868 -13.88 15.97 -29.03
N GLY A 869 -15.00 16.25 -29.69
CA GLY A 869 -15.31 15.71 -31.00
C GLY A 869 -16.38 14.64 -30.88
N LYS A 870 -16.51 13.86 -31.95
CA LYS A 870 -17.46 12.76 -31.95
C LYS A 870 -17.01 11.68 -30.97
N SER A 871 -17.93 11.22 -30.12
CA SER A 871 -17.62 10.18 -29.14
C SER A 871 -17.42 8.82 -29.78
N ASP A 872 -17.48 8.72 -31.12
CA ASP A 872 -17.22 7.44 -31.79
C ASP A 872 -15.81 6.96 -31.52
N ASN A 873 -14.84 7.89 -31.46
CA ASN A 873 -13.44 7.52 -31.40
C ASN A 873 -12.75 8.16 -30.20
N VAL A 874 -11.42 8.11 -30.19
CA VAL A 874 -10.60 8.83 -29.23
C VAL A 874 -10.74 10.32 -29.56
N PRO A 875 -10.49 11.24 -28.58
CA PRO A 875 -10.55 12.68 -28.88
C PRO A 875 -9.99 13.09 -30.25
N SER A 876 -10.59 14.13 -30.82
CA SER A 876 -10.32 14.51 -32.20
C SER A 876 -8.84 14.77 -32.45
N GLU A 877 -8.44 14.57 -33.71
CA GLU A 877 -7.06 14.83 -34.10
C GLU A 877 -6.72 16.31 -33.97
N GLU A 878 -7.69 17.18 -34.23
CA GLU A 878 -7.49 18.61 -34.03
C GLU A 878 -7.33 18.94 -32.55
N VAL A 879 -8.01 18.20 -31.67
CA VAL A 879 -7.86 18.41 -30.24
C VAL A 879 -6.45 17.99 -29.79
N VAL A 880 -6.00 16.82 -30.26
CA VAL A 880 -4.67 16.34 -29.89
C VAL A 880 -3.60 17.29 -30.41
N LYS A 881 -3.74 17.74 -31.66
CA LYS A 881 -2.76 18.67 -32.24
C LYS A 881 -2.72 19.98 -31.48
N LYS A 882 -3.86 20.42 -30.93
CA LYS A 882 -3.90 21.67 -30.19
C LYS A 882 -3.44 21.51 -28.75
N MET A 883 -3.56 20.32 -28.18
CA MET A 883 -3.27 20.09 -26.77
C MET A 883 -2.10 19.14 -26.56
N LYS A 884 -1.30 18.87 -27.59
CA LYS A 884 -0.23 17.88 -27.48
C LYS A 884 0.83 18.32 -26.46
N ASN A 885 1.29 19.56 -26.55
CA ASN A 885 2.34 20.03 -25.66
C ASN A 885 1.85 20.10 -24.21
N TYR A 886 0.57 20.41 -24.00
CA TYR A 886 0.06 20.52 -22.63
C TYR A 886 0.02 19.16 -21.94
N TRP A 887 -0.25 18.09 -22.69
CA TRP A 887 -0.31 16.76 -22.09
C TRP A 887 1.08 16.21 -21.79
N ARG A 888 2.08 16.60 -22.57
CA ARG A 888 3.45 16.15 -22.30
C ARG A 888 4.02 16.85 -21.07
N GLN A 889 3.55 18.07 -20.77
CA GLN A 889 3.97 18.74 -19.55
C GLN A 889 3.42 18.03 -18.32
N LEU A 890 2.15 17.64 -18.35
CA LEU A 890 1.55 16.95 -17.21
C LEU A 890 2.16 15.58 -17.02
N LEU A 891 2.65 14.95 -18.09
CA LEU A 891 3.37 13.68 -17.94
C LEU A 891 4.66 13.88 -17.18
N ASN A 892 5.46 14.88 -17.58
CA ASN A 892 6.75 15.13 -16.95
C ASN A 892 6.62 15.66 -15.53
N ALA A 893 5.42 16.02 -15.10
CA ALA A 893 5.15 16.37 -13.71
C ALA A 893 4.48 15.23 -12.94
N LYS A 894 4.42 14.03 -13.53
CA LYS A 894 3.78 12.85 -12.97
C LYS A 894 2.29 13.05 -12.71
N LEU A 895 1.69 14.11 -13.24
CA LEU A 895 0.27 14.36 -13.05
C LEU A 895 -0.60 13.46 -13.91
N ILE A 896 -0.06 12.90 -14.98
CA ILE A 896 -0.72 11.87 -15.77
C ILE A 896 0.28 10.76 -16.05
N THR A 897 -0.22 9.54 -16.18
CA THR A 897 0.65 8.42 -16.51
C THR A 897 0.93 8.41 -18.01
N GLN A 898 1.96 7.66 -18.39
CA GLN A 898 2.32 7.55 -19.80
C GLN A 898 1.20 6.88 -20.60
N ARG A 899 0.49 5.92 -19.99
CA ARG A 899 -0.65 5.30 -20.65
C ARG A 899 -1.75 6.32 -20.92
N LYS A 900 -2.05 7.15 -19.91
CA LYS A 900 -3.05 8.19 -20.09
C LYS A 900 -2.65 9.15 -21.21
N PHE A 901 -1.36 9.49 -21.29
CA PHE A 901 -0.87 10.31 -22.39
C PHE A 901 -0.97 9.55 -23.72
N ASP A 902 -0.63 8.25 -23.70
CA ASP A 902 -0.70 7.47 -24.93
C ASP A 902 -2.12 7.37 -25.45
N ASN A 903 -3.09 7.17 -24.56
CA ASN A 903 -4.47 7.05 -24.99
C ASN A 903 -5.01 8.37 -25.54
N LEU A 904 -4.72 9.48 -24.86
CA LEU A 904 -5.12 10.79 -25.37
C LEU A 904 -4.54 11.04 -26.75
N THR A 905 -3.27 10.71 -26.95
CA THR A 905 -2.58 10.94 -28.21
C THR A 905 -2.80 9.83 -29.24
N LYS A 906 -3.71 8.89 -28.97
CA LYS A 906 -3.93 7.79 -29.90
C LYS A 906 -4.49 8.24 -31.23
N ALA A 907 -5.15 9.41 -31.27
CA ALA A 907 -5.78 9.86 -32.52
C ALA A 907 -4.73 10.16 -33.59
N GLU A 908 -3.58 10.69 -33.20
CA GLU A 908 -2.52 10.96 -34.17
C GLU A 908 -1.92 9.66 -34.70
N ARG A 909 -2.02 8.56 -33.96
CA ARG A 909 -1.54 7.27 -34.40
C ARG A 909 -2.62 6.47 -35.13
N GLY A 910 -3.60 7.14 -35.72
CA GLY A 910 -4.70 6.50 -36.40
C GLY A 910 -5.95 6.33 -35.56
N GLY A 911 -5.83 6.43 -34.23
CA GLY A 911 -6.98 6.24 -33.38
C GLY A 911 -7.36 4.77 -33.27
N LEU A 912 -8.61 4.55 -32.86
CA LEU A 912 -9.14 3.20 -32.82
C LEU A 912 -9.37 2.68 -34.23
N SER A 913 -9.20 1.37 -34.40
CA SER A 913 -9.37 0.70 -35.68
C SER A 913 -10.48 -0.34 -35.57
N GLU A 914 -10.67 -1.09 -36.66
CA GLU A 914 -11.56 -2.25 -36.60
C GLU A 914 -10.98 -3.34 -35.72
N LEU A 915 -9.65 -3.50 -35.73
CA LEU A 915 -9.01 -4.47 -34.85
C LEU A 915 -9.02 -3.99 -33.40
N ASP A 916 -8.80 -2.69 -33.18
CA ASP A 916 -8.80 -2.15 -31.83
C ASP A 916 -10.17 -2.31 -31.18
N LYS A 917 -11.23 -1.93 -31.90
CA LYS A 917 -12.58 -2.06 -31.35
C LYS A 917 -12.96 -3.52 -31.14
N ALA A 918 -12.33 -4.43 -31.89
CA ALA A 918 -12.65 -5.86 -31.73
C ALA A 918 -12.08 -6.40 -30.43
N GLY A 919 -10.88 -5.96 -30.06
CA GLY A 919 -10.25 -6.46 -28.84
C GLY A 919 -10.89 -5.99 -27.56
N PHE A 920 -11.61 -4.87 -27.60
CA PHE A 920 -12.20 -4.32 -26.38
C PHE A 920 -13.37 -5.16 -25.90
N ILE A 921 -14.26 -5.55 -26.81
CA ILE A 921 -15.44 -6.31 -26.39
C ILE A 921 -15.07 -7.75 -26.07
N LYS A 922 -13.98 -8.27 -26.64
CA LYS A 922 -13.48 -9.56 -26.19
C LYS A 922 -12.98 -9.48 -24.76
N ARG A 923 -12.30 -8.38 -24.42
CA ARG A 923 -11.89 -8.15 -23.03
C ARG A 923 -13.07 -7.97 -22.11
N GLN A 924 -14.24 -7.59 -22.65
CA GLN A 924 -15.45 -7.43 -21.84
C GLN A 924 -16.06 -8.76 -21.44
N LEU A 925 -15.78 -9.84 -22.18
CA LEU A 925 -16.40 -11.13 -21.92
C LEU A 925 -15.42 -12.20 -21.44
N VAL A 926 -14.19 -12.20 -21.94
CA VAL A 926 -13.18 -13.18 -21.56
C VAL A 926 -12.33 -12.58 -20.44
N GLU A 927 -12.27 -13.28 -19.31
CA GLU A 927 -11.48 -12.83 -18.18
C GLU A 927 -10.01 -13.14 -18.42
N THR A 928 -9.16 -12.12 -18.36
CA THR A 928 -7.73 -12.27 -18.63
C THR A 928 -6.87 -12.10 -17.38
N ARG A 929 -7.46 -11.79 -16.23
CA ARG A 929 -6.68 -11.60 -15.02
C ARG A 929 -6.01 -12.90 -14.61
N GLN A 930 -4.72 -12.79 -14.25
CA GLN A 930 -3.95 -13.97 -13.88
C GLN A 930 -4.48 -14.62 -12.60
N ILE A 931 -4.99 -13.82 -11.67
CA ILE A 931 -5.48 -14.37 -10.41
C ILE A 931 -6.70 -15.25 -10.67
N THR A 932 -7.55 -14.86 -11.61
CA THR A 932 -8.72 -15.69 -11.93
C THR A 932 -8.31 -16.97 -12.65
N LYS A 933 -7.24 -16.92 -13.43
CA LYS A 933 -6.75 -18.12 -14.11
C LYS A 933 -6.27 -19.16 -13.11
N HIS A 934 -5.64 -18.71 -12.02
CA HIS A 934 -5.16 -19.67 -11.02
C HIS A 934 -6.31 -20.42 -10.37
N VAL A 935 -7.40 -19.70 -10.05
CA VAL A 935 -8.57 -20.37 -9.47
C VAL A 935 -9.11 -21.40 -10.45
N ALA A 936 -9.13 -21.08 -11.74
CA ALA A 936 -9.55 -22.06 -12.74
C ALA A 936 -8.55 -23.19 -12.86
N GLN A 937 -7.25 -22.89 -12.72
CA GLN A 937 -6.23 -23.94 -12.76
C GLN A 937 -6.32 -24.85 -11.54
N ILE A 938 -6.58 -24.26 -10.36
CA ILE A 938 -6.67 -25.05 -9.14
C ILE A 938 -7.87 -25.99 -9.21
N LEU A 939 -9.04 -25.45 -9.56
CA LEU A 939 -10.24 -26.27 -9.64
C LEU A 939 -10.11 -27.35 -10.72
N ASP A 940 -9.55 -26.99 -11.88
CA ASP A 940 -9.35 -27.98 -12.93
C ASP A 940 -8.38 -29.07 -12.49
N SER A 941 -7.37 -28.72 -11.68
CA SER A 941 -6.43 -29.71 -11.21
C SER A 941 -7.07 -30.68 -10.23
N ARG A 942 -8.02 -30.21 -9.42
CA ARG A 942 -8.67 -31.09 -8.46
C ARG A 942 -9.70 -32.00 -9.13
N MET A 943 -10.40 -31.49 -10.14
CA MET A 943 -11.49 -32.24 -10.75
C MET A 943 -11.00 -33.25 -11.78
N ASN A 944 -10.11 -32.83 -12.68
CA ASN A 944 -9.65 -33.65 -13.79
C ASN A 944 -8.28 -34.23 -13.44
N THR A 945 -8.25 -35.53 -13.12
CA THR A 945 -7.05 -36.16 -12.59
C THR A 945 -6.61 -37.42 -13.33
N LYS A 946 -7.42 -37.95 -14.25
CA LYS A 946 -7.09 -39.18 -14.94
C LYS A 946 -6.48 -38.89 -16.31
N TYR A 947 -5.98 -39.95 -16.96
CA TYR A 947 -5.35 -39.83 -18.26
C TYR A 947 -5.84 -40.94 -19.17
N ASP A 948 -5.81 -40.68 -20.48
CA ASP A 948 -6.35 -41.58 -21.49
C ASP A 948 -5.24 -42.47 -22.04
N GLU A 949 -5.50 -43.09 -23.21
CA GLU A 949 -4.53 -44.00 -23.80
C GLU A 949 -3.26 -43.28 -24.24
N ASN A 950 -3.37 -42.03 -24.71
CA ASN A 950 -2.22 -41.24 -25.11
C ASN A 950 -1.66 -40.40 -23.97
N ASP A 951 -2.02 -40.73 -22.72
CA ASP A 951 -1.55 -40.00 -21.54
C ASP A 951 -1.87 -38.51 -21.63
N LYS A 952 -3.01 -38.18 -22.24
CA LYS A 952 -3.53 -36.82 -22.23
C LYS A 952 -4.60 -36.72 -21.16
N LEU A 953 -4.67 -35.56 -20.50
CA LEU A 953 -5.57 -35.40 -19.38
C LEU A 953 -7.02 -35.51 -19.82
N ILE A 954 -7.79 -36.35 -19.12
CA ILE A 954 -9.22 -36.48 -19.37
C ILE A 954 -9.93 -35.32 -18.69
N ARG A 955 -10.68 -34.53 -19.47
CA ARG A 955 -11.35 -33.35 -18.94
C ARG A 955 -12.82 -33.71 -18.66
N GLU A 956 -13.03 -34.26 -17.47
CA GLU A 956 -14.40 -34.56 -17.04
C GLU A 956 -15.19 -33.27 -16.78
N VAL A 957 -14.58 -32.34 -16.08
CA VAL A 957 -15.25 -31.12 -15.63
C VAL A 957 -14.68 -29.95 -16.42
N LYS A 958 -15.56 -29.23 -17.11
CA LYS A 958 -15.19 -28.01 -17.81
C LYS A 958 -15.29 -26.83 -16.84
N VAL A 959 -14.18 -26.09 -16.68
CA VAL A 959 -14.14 -24.93 -15.81
C VAL A 959 -14.26 -23.69 -16.67
N ILE A 960 -15.41 -23.02 -16.59
CA ILE A 960 -15.70 -21.83 -17.39
C ILE A 960 -15.45 -20.60 -16.54
N THR A 961 -14.92 -19.55 -17.18
CA THR A 961 -14.67 -18.29 -16.50
C THR A 961 -15.41 -17.17 -17.22
N LEU A 962 -16.18 -16.39 -16.47
CA LEU A 962 -16.97 -15.30 -17.01
C LEU A 962 -16.64 -14.00 -16.29
N LYS A 963 -17.04 -12.89 -16.89
CA LYS A 963 -16.89 -11.58 -16.29
C LYS A 963 -18.28 -11.04 -15.92
N SER A 964 -18.27 -10.01 -15.06
CA SER A 964 -19.51 -9.54 -14.46
C SER A 964 -20.47 -8.96 -15.50
N LYS A 965 -19.95 -8.37 -16.58
CA LYS A 965 -20.82 -7.71 -17.54
C LYS A 965 -21.76 -8.70 -18.22
N LEU A 966 -21.38 -9.98 -18.29
CA LEU A 966 -22.22 -10.97 -18.97
C LEU A 966 -23.52 -11.18 -18.21
N VAL A 967 -23.43 -11.43 -16.90
CA VAL A 967 -24.64 -11.60 -16.10
C VAL A 967 -25.28 -10.25 -15.79
N SER A 968 -24.48 -9.20 -15.69
CA SER A 968 -25.04 -7.86 -15.48
C SER A 968 -25.99 -7.49 -16.62
N ASP A 969 -25.54 -7.65 -17.86
CA ASP A 969 -26.43 -7.41 -19.00
C ASP A 969 -27.62 -8.35 -18.97
N PHE A 970 -27.40 -9.61 -18.61
CA PHE A 970 -28.48 -10.58 -18.56
C PHE A 970 -29.56 -10.16 -17.56
N ARG A 971 -29.14 -9.69 -16.38
CA ARG A 971 -30.10 -9.19 -15.40
C ARG A 971 -30.89 -8.01 -15.96
N LYS A 972 -30.20 -7.07 -16.60
CA LYS A 972 -30.84 -5.85 -17.07
C LYS A 972 -31.60 -6.05 -18.37
N ASP A 973 -31.33 -7.13 -19.11
CA ASP A 973 -32.06 -7.40 -20.34
C ASP A 973 -33.40 -8.08 -20.06
N PHE A 974 -33.44 -8.98 -19.08
CA PHE A 974 -34.64 -9.76 -18.78
C PHE A 974 -35.27 -9.37 -17.45
N GLN A 975 -34.89 -8.21 -16.90
CA GLN A 975 -35.52 -7.64 -15.71
C GLN A 975 -35.38 -8.55 -14.50
N PHE A 976 -34.24 -9.22 -14.38
CA PHE A 976 -33.86 -9.93 -13.15
C PHE A 976 -32.99 -9.01 -12.29
N TYR A 977 -33.59 -7.89 -11.89
CA TYR A 977 -32.84 -6.79 -11.30
C TYR A 977 -32.26 -7.19 -9.94
N LYS A 978 -31.25 -6.44 -9.52
CA LYS A 978 -30.52 -6.69 -8.29
C LYS A 978 -30.54 -5.44 -7.42
N VAL A 979 -30.88 -5.63 -6.14
CA VAL A 979 -30.80 -4.56 -5.14
C VAL A 979 -29.98 -5.12 -3.99
N ARG A 980 -28.75 -4.61 -3.82
CA ARG A 980 -27.82 -5.18 -2.86
C ARG A 980 -28.27 -4.94 -1.42
N GLU A 981 -28.94 -3.83 -1.15
CA GLU A 981 -29.25 -3.45 0.22
C GLU A 981 -30.40 -4.24 0.82
N ILE A 982 -31.17 -4.97 0.01
CA ILE A 982 -32.33 -5.70 0.54
C ILE A 982 -31.89 -6.82 1.47
N ASN A 983 -30.97 -7.66 1.00
CA ASN A 983 -30.43 -8.75 1.79
C ASN A 983 -29.15 -9.24 1.11
N ASN A 984 -28.66 -10.41 1.53
CA ASN A 984 -27.45 -11.00 0.97
C ASN A 984 -27.74 -12.04 -0.11
N TYR A 985 -28.99 -12.14 -0.56
CA TYR A 985 -29.34 -13.17 -1.53
C TYR A 985 -28.73 -12.92 -2.90
N HIS A 986 -28.36 -11.66 -3.22
CA HIS A 986 -27.84 -11.37 -4.55
C HIS A 986 -26.50 -12.06 -4.79
N HIS A 987 -25.71 -12.29 -3.73
CA HIS A 987 -24.48 -13.04 -3.89
C HIS A 987 -24.75 -14.44 -4.44
N ALA A 988 -25.78 -15.10 -3.92
CA ALA A 988 -26.12 -16.44 -4.39
C ALA A 988 -26.82 -16.38 -5.74
N HIS A 989 -27.67 -15.37 -5.96
CA HIS A 989 -28.35 -15.24 -7.23
C HIS A 989 -27.38 -15.04 -8.38
N ASP A 990 -26.33 -14.24 -8.16
CA ASP A 990 -25.32 -14.07 -9.19
C ASP A 990 -24.63 -15.39 -9.51
N ALA A 991 -24.39 -16.22 -8.49
CA ALA A 991 -23.78 -17.52 -8.73
C ALA A 991 -24.70 -18.41 -9.55
N TYR A 992 -26.01 -18.34 -9.29
CA TYR A 992 -26.96 -19.12 -10.07
C TYR A 992 -26.97 -18.67 -11.53
N LEU A 993 -27.05 -17.36 -11.76
CA LEU A 993 -27.07 -16.85 -13.11
C LEU A 993 -25.75 -17.11 -13.84
N ASN A 994 -24.64 -17.20 -13.10
CA ASN A 994 -23.38 -17.57 -13.72
C ASN A 994 -23.42 -18.99 -14.25
N ALA A 995 -23.99 -19.92 -13.48
CA ALA A 995 -24.09 -21.30 -13.94
C ALA A 995 -25.04 -21.42 -15.14
N VAL A 996 -26.15 -20.68 -15.11
CA VAL A 996 -27.11 -20.75 -16.21
C VAL A 996 -26.50 -20.18 -17.49
N VAL A 997 -26.02 -18.94 -17.42
CA VAL A 997 -25.47 -18.29 -18.61
C VAL A 997 -24.22 -19.02 -19.08
N GLY A 998 -23.37 -19.45 -18.16
CA GLY A 998 -22.13 -20.12 -18.53
C GLY A 998 -22.38 -21.43 -19.25
N THR A 999 -23.30 -22.25 -18.75
CA THR A 999 -23.56 -23.55 -19.36
C THR A 999 -24.37 -23.41 -20.65
N ALA A 1000 -25.31 -22.47 -20.69
CA ALA A 1000 -26.11 -22.29 -21.90
C ALA A 1000 -25.27 -21.77 -23.05
N LEU A 1001 -24.33 -20.86 -22.77
CA LEU A 1001 -23.46 -20.31 -23.81
C LEU A 1001 -22.58 -21.40 -24.39
N ILE A 1002 -22.08 -22.31 -23.54
CA ILE A 1002 -21.18 -23.35 -24.02
C ILE A 1002 -21.95 -24.44 -24.76
N LYS A 1003 -23.14 -24.80 -24.28
CA LYS A 1003 -23.94 -25.80 -24.98
C LYS A 1003 -24.45 -25.25 -26.32
N LYS A 1004 -24.73 -23.95 -26.38
CA LYS A 1004 -25.21 -23.36 -27.62
C LYS A 1004 -24.09 -23.22 -28.65
N TYR A 1005 -22.93 -22.71 -28.22
CA TYR A 1005 -21.78 -22.48 -29.09
C TYR A 1005 -20.61 -23.30 -28.55
N PRO A 1006 -20.55 -24.60 -28.88
CA PRO A 1006 -19.44 -25.43 -28.38
C PRO A 1006 -18.07 -25.00 -28.87
N LYS A 1007 -18.01 -24.18 -29.92
CA LYS A 1007 -16.73 -23.71 -30.43
C LYS A 1007 -16.02 -22.75 -29.48
N LEU A 1008 -16.72 -22.24 -28.46
CA LEU A 1008 -16.15 -21.27 -27.54
C LEU A 1008 -15.41 -21.92 -26.37
N GLU A 1009 -15.32 -23.25 -26.33
CA GLU A 1009 -14.66 -23.90 -25.20
C GLU A 1009 -13.19 -23.48 -25.11
N SER A 1010 -12.54 -23.21 -26.24
CA SER A 1010 -11.15 -22.76 -26.20
C SER A 1010 -11.02 -21.44 -25.47
N GLU A 1011 -11.97 -20.53 -25.67
CA GLU A 1011 -11.91 -19.19 -25.11
C GLU A 1011 -12.46 -19.08 -23.70
N PHE A 1012 -13.35 -20.00 -23.29
CA PHE A 1012 -13.98 -19.91 -21.98
C PHE A 1012 -13.65 -21.03 -21.02
N VAL A 1013 -13.16 -22.18 -21.50
CA VAL A 1013 -12.80 -23.29 -20.64
C VAL A 1013 -11.30 -23.29 -20.43
N TYR A 1014 -10.88 -23.53 -19.18
CA TYR A 1014 -9.46 -23.54 -18.87
C TYR A 1014 -8.77 -24.68 -19.62
N GLY A 1015 -7.57 -24.40 -20.12
CA GLY A 1015 -6.78 -25.40 -20.84
C GLY A 1015 -7.32 -25.70 -22.22
N ALA A 1036 -11.24 -9.12 -38.12
CA ALA A 1036 -11.36 -7.86 -37.38
C ALA A 1036 -12.83 -7.49 -37.16
N THR A 1037 -13.47 -7.01 -38.23
CA THR A 1037 -14.88 -6.64 -38.13
C THR A 1037 -15.77 -7.85 -37.90
N ALA A 1038 -15.39 -9.01 -38.45
CA ALA A 1038 -16.17 -10.22 -38.23
C ALA A 1038 -16.12 -10.66 -36.77
N LYS A 1039 -14.93 -10.63 -36.17
CA LYS A 1039 -14.81 -10.98 -34.76
C LYS A 1039 -15.52 -9.97 -33.87
N TYR A 1040 -15.56 -8.70 -34.29
CA TYR A 1040 -16.26 -7.69 -33.51
C TYR A 1040 -17.77 -7.92 -33.54
N PHE A 1041 -18.33 -8.19 -34.72
CA PHE A 1041 -19.77 -8.41 -34.83
C PHE A 1041 -20.19 -9.68 -34.09
N PHE A 1042 -19.36 -10.72 -34.15
CA PHE A 1042 -19.70 -11.98 -33.49
C PHE A 1042 -19.82 -11.79 -31.98
N TYR A 1043 -18.77 -11.25 -31.36
CA TYR A 1043 -18.76 -11.13 -29.90
C TYR A 1043 -19.79 -10.13 -29.40
N SER A 1044 -20.11 -9.11 -30.19
CA SER A 1044 -21.06 -8.10 -29.74
C SER A 1044 -22.50 -8.61 -29.75
N ASN A 1045 -22.80 -9.64 -30.55
CA ASN A 1045 -24.13 -10.21 -30.64
C ASN A 1045 -24.19 -11.64 -30.11
N ILE A 1046 -23.20 -12.04 -29.30
CA ILE A 1046 -23.09 -13.44 -28.88
C ILE A 1046 -24.25 -13.84 -27.98
N MET A 1047 -24.76 -12.92 -27.16
CA MET A 1047 -25.81 -13.22 -26.21
C MET A 1047 -27.21 -13.08 -26.80
N ASN A 1048 -27.32 -12.79 -28.10
CA ASN A 1048 -28.62 -12.55 -28.71
C ASN A 1048 -29.51 -13.77 -28.72
N PHE A 1049 -28.95 -14.98 -28.65
CA PHE A 1049 -29.74 -16.18 -28.78
C PHE A 1049 -30.74 -16.36 -27.64
N PHE A 1050 -30.59 -15.61 -26.55
CA PHE A 1050 -31.57 -15.67 -25.46
C PHE A 1050 -32.86 -14.94 -25.80
N LYS A 1051 -32.78 -13.89 -26.60
CA LYS A 1051 -33.94 -13.04 -26.86
C LYS A 1051 -34.79 -13.62 -28.00
N THR A 1052 -35.98 -13.05 -28.15
CA THR A 1052 -36.89 -13.38 -29.24
C THR A 1052 -36.95 -12.29 -30.30
N GLU A 1053 -37.08 -11.03 -29.88
CA GLU A 1053 -37.06 -9.88 -30.78
C GLU A 1053 -35.83 -9.05 -30.45
N ILE A 1054 -34.89 -8.98 -31.40
CA ILE A 1054 -33.61 -8.30 -31.19
C ILE A 1054 -33.51 -7.14 -32.16
N THR A 1055 -33.25 -5.95 -31.62
CA THR A 1055 -33.01 -4.76 -32.43
C THR A 1055 -31.51 -4.55 -32.54
N LEU A 1056 -31.01 -4.50 -33.77
CA LEU A 1056 -29.59 -4.37 -34.04
C LEU A 1056 -29.23 -2.93 -34.37
N ALA A 1057 -27.94 -2.61 -34.21
CA ALA A 1057 -27.46 -1.27 -34.54
C ALA A 1057 -27.62 -0.97 -36.03
N ASN A 1058 -27.63 -2.00 -36.87
CA ASN A 1058 -27.90 -1.82 -38.29
C ASN A 1058 -29.35 -1.43 -38.58
N GLY A 1059 -30.20 -1.39 -37.55
CA GLY A 1059 -31.63 -1.23 -37.75
C GLY A 1059 -32.35 -2.52 -38.05
N GLU A 1060 -31.64 -3.62 -38.28
CA GLU A 1060 -32.26 -4.90 -38.56
C GLU A 1060 -32.93 -5.45 -37.31
N ILE A 1061 -34.21 -5.77 -37.42
CA ILE A 1061 -34.96 -6.44 -36.36
C ILE A 1061 -34.92 -7.94 -36.65
N ARG A 1062 -34.34 -8.70 -35.73
CA ARG A 1062 -34.16 -10.14 -35.90
C ARG A 1062 -35.14 -10.88 -35.00
N LYS A 1063 -35.74 -11.93 -35.54
CA LYS A 1063 -36.67 -12.79 -34.80
C LYS A 1063 -36.06 -14.17 -34.65
N ARG A 1064 -36.18 -14.73 -33.45
CA ARG A 1064 -35.65 -16.05 -33.15
C ARG A 1064 -36.76 -16.94 -32.60
N PRO A 1065 -36.69 -18.25 -32.84
CA PRO A 1065 -37.76 -19.15 -32.40
C PRO A 1065 -37.82 -19.24 -30.88
N LEU A 1066 -38.88 -19.91 -30.41
CA LEU A 1066 -39.09 -20.04 -28.97
C LEU A 1066 -38.02 -20.91 -28.33
N ILE A 1067 -37.64 -22.00 -28.98
CA ILE A 1067 -36.63 -22.91 -28.47
C ILE A 1067 -35.33 -22.69 -29.25
N GLU A 1068 -34.21 -22.74 -28.54
CA GLU A 1068 -32.89 -22.61 -29.12
C GLU A 1068 -32.15 -23.94 -28.99
N THR A 1069 -31.24 -24.19 -29.92
CA THR A 1069 -30.57 -25.48 -29.99
C THR A 1069 -29.18 -25.30 -30.56
N ASN A 1070 -28.35 -26.32 -30.36
CA ASN A 1070 -27.06 -26.41 -31.04
C ASN A 1070 -27.28 -26.96 -32.44
N GLY A 1071 -26.79 -26.24 -33.45
CA GLY A 1071 -27.09 -26.61 -34.82
C GLY A 1071 -26.57 -27.98 -35.21
N GLU A 1072 -25.38 -28.34 -34.72
CA GLU A 1072 -24.79 -29.62 -35.10
C GLU A 1072 -25.46 -30.78 -34.38
N THR A 1073 -25.56 -30.70 -33.05
CA THR A 1073 -26.08 -31.83 -32.28
C THR A 1073 -27.60 -31.86 -32.24
N GLY A 1074 -28.25 -30.70 -32.31
CA GLY A 1074 -29.69 -30.63 -32.15
C GLY A 1074 -30.17 -30.66 -30.72
N GLU A 1075 -29.27 -30.75 -29.74
CA GLU A 1075 -29.68 -30.74 -28.35
C GLU A 1075 -30.27 -29.39 -27.97
N ILE A 1076 -31.32 -29.41 -27.16
CA ILE A 1076 -32.01 -28.18 -26.79
C ILE A 1076 -31.16 -27.41 -25.80
N VAL A 1077 -30.97 -26.12 -26.08
CA VAL A 1077 -30.18 -25.26 -25.23
C VAL A 1077 -31.05 -24.33 -24.40
N TRP A 1078 -31.93 -23.58 -25.05
CA TRP A 1078 -32.76 -22.60 -24.34
C TRP A 1078 -34.19 -22.68 -24.81
N ASP A 1079 -35.12 -22.78 -23.86
CA ASP A 1079 -36.55 -22.78 -24.12
C ASP A 1079 -37.10 -21.46 -23.55
N LYS A 1080 -37.33 -20.49 -24.42
CA LYS A 1080 -37.72 -19.16 -23.96
C LYS A 1080 -39.12 -19.13 -23.35
N GLY A 1081 -39.93 -20.15 -23.59
CA GLY A 1081 -41.22 -20.29 -22.94
C GLY A 1081 -41.23 -21.18 -21.73
N ARG A 1082 -40.06 -21.59 -21.24
CA ARG A 1082 -39.99 -22.56 -20.16
C ARG A 1082 -38.83 -22.27 -19.22
N ASP A 1083 -37.70 -21.84 -19.78
CA ASP A 1083 -36.48 -21.69 -18.99
C ASP A 1083 -36.37 -20.34 -18.28
N PHE A 1084 -36.98 -19.29 -18.84
CA PHE A 1084 -37.02 -18.02 -18.11
C PHE A 1084 -37.86 -18.15 -16.85
N ALA A 1085 -38.97 -18.89 -16.93
CA ALA A 1085 -39.80 -19.12 -15.75
C ALA A 1085 -39.02 -19.84 -14.66
N THR A 1086 -38.06 -20.69 -15.04
CA THR A 1086 -37.25 -21.39 -14.05
C THR A 1086 -36.39 -20.41 -13.25
N VAL A 1087 -35.88 -19.38 -13.92
CA VAL A 1087 -34.99 -18.43 -13.26
C VAL A 1087 -35.73 -17.68 -12.16
N ARG A 1088 -36.91 -17.13 -12.49
CA ARG A 1088 -37.69 -16.40 -11.49
C ARG A 1088 -38.10 -17.31 -10.33
N LYS A 1089 -38.45 -18.57 -10.64
CA LYS A 1089 -38.74 -19.53 -9.58
C LYS A 1089 -37.53 -19.72 -8.68
N VAL A 1090 -36.33 -19.73 -9.26
CA VAL A 1090 -35.12 -19.88 -8.46
C VAL A 1090 -34.84 -18.58 -7.69
N LEU A 1091 -34.97 -17.44 -8.35
CA LEU A 1091 -34.63 -16.17 -7.70
C LEU A 1091 -35.62 -15.80 -6.61
N SER A 1092 -36.87 -16.28 -6.71
CA SER A 1092 -37.89 -15.96 -5.72
C SER A 1092 -37.88 -16.91 -4.53
N MET A 1093 -37.05 -17.95 -4.55
CA MET A 1093 -37.01 -18.90 -3.45
C MET A 1093 -36.60 -18.19 -2.17
N PRO A 1094 -37.41 -18.24 -1.12
CA PRO A 1094 -37.06 -17.52 0.11
C PRO A 1094 -36.00 -18.20 0.95
N GLN A 1095 -35.82 -19.51 0.80
CA GLN A 1095 -34.86 -20.27 1.59
C GLN A 1095 -33.58 -20.43 0.78
N VAL A 1096 -32.61 -19.56 1.02
CA VAL A 1096 -31.26 -19.72 0.48
C VAL A 1096 -30.29 -19.69 1.66
N ASN A 1097 -29.16 -20.37 1.51
CA ASN A 1097 -28.26 -20.64 2.63
C ASN A 1097 -27.20 -19.56 2.72
N ILE A 1098 -27.52 -18.47 3.42
CA ILE A 1098 -26.55 -17.42 3.71
C ILE A 1098 -25.88 -17.75 5.04
N VAL A 1099 -24.57 -17.95 5.00
CA VAL A 1099 -23.81 -18.41 6.16
C VAL A 1099 -22.71 -17.39 6.45
N LYS A 1100 -22.71 -16.85 7.68
CA LYS A 1100 -21.62 -16.02 8.16
C LYS A 1100 -20.60 -16.91 8.83
N LYS A 1101 -19.36 -16.86 8.36
CA LYS A 1101 -18.31 -17.76 8.82
C LYS A 1101 -17.89 -17.39 10.23
N THR A 1102 -18.10 -18.31 11.17
CA THR A 1102 -17.69 -18.09 12.55
C THR A 1102 -16.17 -18.10 12.64
N GLU A 1103 -15.62 -17.13 13.36
CA GLU A 1103 -14.17 -16.94 13.40
C GLU A 1103 -13.73 -16.57 14.81
N VAL A 1104 -12.68 -17.24 15.28
CA VAL A 1104 -12.02 -16.83 16.50
C VAL A 1104 -11.25 -15.55 16.23
N GLN A 1105 -11.47 -14.54 17.07
CA GLN A 1105 -10.80 -13.26 16.90
C GLN A 1105 -9.36 -13.34 17.38
N THR A 1106 -8.48 -12.67 16.64
CA THR A 1106 -7.05 -12.59 16.95
C THR A 1106 -6.61 -11.15 16.87
N GLY A 1107 -5.33 -10.91 17.13
CA GLY A 1107 -4.79 -9.57 17.03
C GLY A 1107 -4.39 -8.95 18.35
N GLY A 1108 -4.46 -7.63 18.45
CA GLY A 1108 -4.08 -6.96 19.67
C GLY A 1108 -4.99 -7.34 20.83
N PHE A 1109 -4.42 -7.29 22.04
CA PHE A 1109 -5.16 -7.66 23.23
C PHE A 1109 -6.33 -6.72 23.48
N SER A 1110 -6.08 -5.42 23.38
CA SER A 1110 -7.08 -4.41 23.71
C SER A 1110 -6.78 -3.16 22.90
N LYS A 1111 -7.53 -2.09 23.17
CA LYS A 1111 -7.16 -0.80 22.64
C LYS A 1111 -5.82 -0.36 23.22
N GLU A 1112 -5.11 0.48 22.48
CA GLU A 1112 -3.74 0.84 22.79
C GLU A 1112 -3.61 1.99 23.78
N SER A 1113 -4.60 2.88 23.86
CA SER A 1113 -4.48 4.04 24.72
C SER A 1113 -4.34 3.64 26.18
N ILE A 1114 -3.36 4.22 26.86
CA ILE A 1114 -3.17 4.02 28.29
C ILE A 1114 -4.05 5.02 29.02
N ARG A 1115 -5.02 4.52 29.77
CA ARG A 1115 -5.93 5.43 30.44
C ARG A 1115 -5.39 5.82 31.82
N PRO A 1116 -5.76 7.01 32.31
CA PRO A 1116 -5.35 7.39 33.67
C PRO A 1116 -5.95 6.46 34.71
N LYS A 1117 -5.43 6.56 35.92
CA LYS A 1117 -5.92 5.73 37.02
C LYS A 1117 -7.39 6.04 37.31
N ARG A 1118 -8.18 4.98 37.43
CA ARG A 1118 -9.55 5.09 37.93
C ARG A 1118 -9.83 3.88 38.81
N ASN A 1119 -10.90 3.97 39.60
CA ASN A 1119 -11.22 2.93 40.56
C ASN A 1119 -12.08 1.83 39.96
N SER A 1120 -12.10 1.70 38.64
CA SER A 1120 -12.78 0.59 37.99
C SER A 1120 -11.84 -0.60 37.85
N ASP A 1121 -12.42 -1.79 37.84
CA ASP A 1121 -11.66 -3.03 37.63
C ASP A 1121 -11.70 -3.49 36.19
N LYS A 1122 -12.22 -2.66 35.29
CA LYS A 1122 -12.16 -2.95 33.86
C LYS A 1122 -10.77 -2.74 33.29
N LEU A 1123 -9.95 -1.92 33.95
CA LEU A 1123 -8.62 -1.60 33.44
C LEU A 1123 -7.70 -2.81 33.50
N ILE A 1124 -6.73 -2.83 32.60
CA ILE A 1124 -5.79 -3.94 32.45
C ILE A 1124 -4.39 -3.41 32.72
N ALA A 1125 -3.67 -4.10 33.60
CA ALA A 1125 -2.32 -3.67 33.97
C ALA A 1125 -1.37 -3.82 32.80
N ARG A 1126 -0.54 -2.79 32.58
CA ARG A 1126 0.46 -2.82 31.52
C ARG A 1126 1.70 -3.62 31.92
N LYS A 1127 1.97 -3.75 33.21
CA LYS A 1127 2.97 -4.67 33.71
C LYS A 1127 2.36 -5.44 34.88
N LYS A 1128 2.99 -6.55 35.23
CA LYS A 1128 2.41 -7.47 36.21
C LYS A 1128 2.11 -6.77 37.54
N ASP A 1129 3.04 -5.97 38.03
CA ASP A 1129 2.92 -5.36 39.35
C ASP A 1129 2.34 -3.95 39.31
N TRP A 1130 1.86 -3.49 38.15
CA TRP A 1130 1.36 -2.13 38.00
C TRP A 1130 -0.15 -2.15 38.13
N ASP A 1131 -0.63 -2.11 39.36
CA ASP A 1131 -2.05 -2.05 39.66
C ASP A 1131 -2.68 -0.83 39.01
N PRO A 1132 -3.68 -1.00 38.13
CA PRO A 1132 -4.24 0.17 37.42
C PRO A 1132 -4.90 1.19 38.33
N LYS A 1133 -5.30 0.81 39.55
CA LYS A 1133 -5.85 1.81 40.47
C LYS A 1133 -4.82 2.87 40.84
N LYS A 1134 -3.53 2.54 40.74
CA LYS A 1134 -2.45 3.49 40.97
C LYS A 1134 -1.82 3.99 39.67
N TYR A 1135 -1.72 3.14 38.66
CA TYR A 1135 -0.94 3.46 37.45
C TYR A 1135 -1.77 3.49 36.17
N GLY A 1136 -3.06 3.16 36.23
CA GLY A 1136 -3.86 3.09 35.03
C GLY A 1136 -3.52 1.89 34.17
N GLY A 1137 -4.07 1.89 32.96
CA GLY A 1137 -3.81 0.80 32.03
C GLY A 1137 -4.72 0.85 30.82
N PHE A 1138 -5.01 -0.33 30.27
CA PHE A 1138 -5.75 -0.47 29.03
C PHE A 1138 -7.24 -0.70 29.28
N VAL A 1139 -8.04 -0.38 28.26
CA VAL A 1139 -9.47 -0.63 28.28
C VAL A 1139 -9.83 -1.48 27.06
N SER A 1140 -11.09 -1.94 27.05
CA SER A 1140 -11.70 -2.62 25.92
C SER A 1140 -10.84 -3.76 25.38
N PRO A 1141 -10.73 -4.87 26.10
CA PRO A 1141 -10.04 -6.03 25.55
C PRO A 1141 -10.89 -6.71 24.49
N THR A 1142 -10.22 -7.29 23.51
CA THR A 1142 -10.91 -8.02 22.45
C THR A 1142 -11.15 -9.45 22.90
N VAL A 1143 -12.41 -9.88 22.82
CA VAL A 1143 -12.78 -11.26 23.12
C VAL A 1143 -12.39 -12.14 21.94
N ALA A 1144 -11.58 -13.16 22.21
CA ALA A 1144 -11.24 -14.13 21.16
C ALA A 1144 -12.46 -14.99 20.84
N TYR A 1145 -13.05 -15.61 21.85
CA TYR A 1145 -14.29 -16.35 21.70
C TYR A 1145 -14.96 -16.44 23.07
N SER A 1146 -16.23 -16.77 23.07
CA SER A 1146 -16.99 -16.97 24.29
C SER A 1146 -17.11 -18.45 24.61
N VAL A 1147 -17.34 -18.74 25.89
CA VAL A 1147 -17.53 -20.10 26.35
C VAL A 1147 -18.82 -20.15 27.16
N LEU A 1148 -19.64 -21.16 26.89
CA LEU A 1148 -20.80 -21.45 27.72
C LEU A 1148 -20.32 -22.09 29.02
N VAL A 1149 -20.54 -21.40 30.14
CA VAL A 1149 -20.11 -21.87 31.44
C VAL A 1149 -21.34 -22.30 32.23
N VAL A 1150 -21.40 -23.58 32.58
CA VAL A 1150 -22.45 -24.14 33.44
C VAL A 1150 -21.77 -24.66 34.69
N ALA A 1151 -22.08 -24.03 35.83
CA ALA A 1151 -21.44 -24.36 37.10
C ALA A 1151 -22.17 -23.70 38.26
N LYS A 1152 -21.46 -23.46 39.35
CA LYS A 1152 -22.01 -22.77 40.50
C LYS A 1152 -21.09 -21.62 40.89
N VAL A 1153 -21.67 -20.61 41.53
CA VAL A 1153 -20.92 -19.48 42.05
C VAL A 1153 -21.28 -19.29 43.52
N GLU A 1154 -20.31 -18.82 44.29
CA GLU A 1154 -20.56 -18.47 45.68
C GLU A 1154 -21.43 -17.22 45.73
N LYS A 1155 -22.47 -17.26 46.56
CA LYS A 1155 -23.45 -16.19 46.63
C LYS A 1155 -23.58 -15.72 48.08
N GLY A 1156 -23.66 -14.40 48.26
CA GLY A 1156 -23.81 -13.82 49.57
C GLY A 1156 -22.59 -14.00 50.44
N LYS A 1157 -22.65 -13.38 51.62
CA LYS A 1157 -21.58 -13.50 52.60
C LYS A 1157 -21.42 -14.93 53.10
N SER A 1158 -22.48 -15.73 53.06
CA SER A 1158 -22.38 -17.12 53.49
C SER A 1158 -21.59 -17.98 52.52
N LYS A 1159 -21.45 -17.54 51.26
CA LYS A 1159 -20.73 -18.29 50.23
C LYS A 1159 -21.47 -19.59 49.89
N LYS A 1160 -22.79 -19.54 49.91
CA LYS A 1160 -23.58 -20.67 49.44
C LYS A 1160 -23.51 -20.76 47.92
N LEU A 1161 -23.43 -21.99 47.41
CA LEU A 1161 -23.22 -22.23 45.99
C LEU A 1161 -24.55 -22.18 45.24
N LYS A 1162 -24.65 -21.28 44.27
CA LYS A 1162 -25.83 -21.14 43.44
C LYS A 1162 -25.50 -21.53 42.00
N SER A 1163 -26.32 -22.40 41.43
CA SER A 1163 -26.10 -22.86 40.06
C SER A 1163 -26.39 -21.74 39.06
N VAL A 1164 -25.55 -21.67 38.02
CA VAL A 1164 -25.68 -20.64 36.99
C VAL A 1164 -25.37 -21.25 35.63
N LYS A 1165 -25.88 -20.58 34.59
CA LYS A 1165 -25.51 -20.84 33.21
C LYS A 1165 -25.34 -19.48 32.55
N GLU A 1166 -24.10 -19.13 32.21
CA GLU A 1166 -23.81 -17.81 31.68
C GLU A 1166 -22.72 -17.88 30.63
N LEU A 1167 -22.51 -16.75 29.96
CA LEU A 1167 -21.63 -16.66 28.81
C LEU A 1167 -20.41 -15.84 29.20
N LEU A 1168 -19.24 -16.47 29.19
CA LEU A 1168 -17.99 -15.85 29.59
C LEU A 1168 -17.15 -15.58 28.35
N GLY A 1169 -16.75 -14.33 28.16
CA GLY A 1169 -15.89 -13.96 27.06
C GLY A 1169 -14.42 -14.16 27.36
N ILE A 1170 -13.78 -15.09 26.66
CA ILE A 1170 -12.35 -15.32 26.81
C ILE A 1170 -11.61 -14.31 25.94
N THR A 1171 -10.81 -13.46 26.58
CA THR A 1171 -10.06 -12.46 25.82
C THR A 1171 -8.87 -13.11 25.12
N ILE A 1172 -8.31 -12.37 24.16
CA ILE A 1172 -7.14 -12.86 23.43
C ILE A 1172 -5.97 -13.07 24.38
N MET A 1173 -5.84 -12.19 25.38
CA MET A 1173 -4.74 -12.35 26.33
C MET A 1173 -4.93 -13.58 27.21
N GLU A 1174 -6.18 -13.86 27.59
CA GLU A 1174 -6.47 -14.98 28.48
C GLU A 1174 -6.53 -16.32 27.75
N ARG A 1175 -6.51 -16.31 26.42
CA ARG A 1175 -6.84 -17.53 25.67
C ARG A 1175 -5.85 -18.66 25.95
N SER A 1176 -4.55 -18.35 25.95
CA SER A 1176 -3.55 -19.40 26.12
C SER A 1176 -3.67 -20.07 27.49
N SER A 1177 -3.82 -19.27 28.55
CA SER A 1177 -3.96 -19.84 29.88
C SER A 1177 -5.27 -20.61 30.04
N PHE A 1178 -6.33 -20.15 29.36
CA PHE A 1178 -7.61 -20.86 29.45
C PHE A 1178 -7.55 -22.21 28.75
N GLU A 1179 -6.84 -22.28 27.62
CA GLU A 1179 -6.77 -23.54 26.89
C GLU A 1179 -5.75 -24.50 27.50
N LYS A 1180 -4.75 -23.97 28.20
CA LYS A 1180 -3.78 -24.84 28.88
C LYS A 1180 -4.45 -25.64 30.00
N ASN A 1181 -5.33 -24.99 30.76
CA ASN A 1181 -6.05 -25.65 31.86
C ASN A 1181 -7.38 -24.96 32.03
N PRO A 1182 -8.43 -25.41 31.33
CA PRO A 1182 -9.72 -24.73 31.39
C PRO A 1182 -10.36 -24.72 32.77
N ILE A 1183 -10.19 -25.80 33.55
CA ILE A 1183 -10.83 -25.87 34.86
C ILE A 1183 -10.21 -24.87 35.83
N ASP A 1184 -8.88 -24.86 35.91
CA ASP A 1184 -8.21 -23.93 36.83
C ASP A 1184 -8.44 -22.48 36.42
N PHE A 1185 -8.51 -22.22 35.12
CA PHE A 1185 -8.82 -20.87 34.65
C PHE A 1185 -10.22 -20.44 35.11
N LEU A 1186 -11.22 -21.29 34.86
CA LEU A 1186 -12.59 -20.95 35.24
C LEU A 1186 -12.76 -20.91 36.75
N GLU A 1187 -12.10 -21.83 37.47
CA GLU A 1187 -12.17 -21.81 38.93
C GLU A 1187 -11.53 -20.55 39.51
N ALA A 1188 -10.49 -20.04 38.85
CA ALA A 1188 -9.91 -18.78 39.31
C ALA A 1188 -10.83 -17.60 39.01
N LYS A 1189 -11.71 -17.74 38.02
CA LYS A 1189 -12.67 -16.69 37.69
C LYS A 1189 -13.82 -16.63 38.69
N GLY A 1190 -14.07 -17.69 39.44
CA GLY A 1190 -15.13 -17.68 40.44
C GLY A 1190 -16.17 -18.78 40.24
N TYR A 1191 -15.89 -19.72 39.35
CA TYR A 1191 -16.80 -20.84 39.10
C TYR A 1191 -16.31 -22.08 39.83
N LYS A 1192 -17.25 -22.81 40.43
CA LYS A 1192 -16.96 -24.05 41.12
C LYS A 1192 -17.73 -25.20 40.49
N GLU A 1193 -17.11 -26.38 40.49
CA GLU A 1193 -17.72 -27.61 39.99
C GLU A 1193 -18.23 -27.43 38.55
N VAL A 1194 -17.33 -26.97 37.68
CA VAL A 1194 -17.70 -26.71 36.29
C VAL A 1194 -17.95 -28.03 35.58
N LYS A 1195 -19.12 -28.16 34.96
CA LYS A 1195 -19.42 -29.29 34.09
C LYS A 1195 -18.51 -29.19 32.88
N LYS A 1196 -17.39 -29.93 32.91
CA LYS A 1196 -16.36 -29.78 31.89
C LYS A 1196 -16.87 -30.18 30.51
N ASP A 1197 -17.67 -31.24 30.44
CA ASP A 1197 -18.14 -31.74 29.16
C ASP A 1197 -19.21 -30.87 28.52
N LEU A 1198 -19.69 -29.84 29.23
CA LEU A 1198 -20.71 -28.95 28.69
C LEU A 1198 -20.16 -27.59 28.27
N ILE A 1199 -18.84 -27.40 28.38
CA ILE A 1199 -18.24 -26.15 27.90
C ILE A 1199 -18.32 -26.12 26.38
N ILE A 1200 -18.99 -25.10 25.85
CA ILE A 1200 -19.18 -24.95 24.41
C ILE A 1200 -18.38 -23.73 23.96
N LYS A 1201 -17.42 -23.97 23.06
CA LYS A 1201 -16.64 -22.89 22.46
C LYS A 1201 -17.51 -22.14 21.46
N LEU A 1202 -17.80 -20.88 21.75
CA LEU A 1202 -18.70 -20.07 20.92
C LEU A 1202 -17.93 -18.92 20.27
N PRO A 1203 -17.37 -19.12 19.08
CA PRO A 1203 -16.67 -18.03 18.40
C PRO A 1203 -17.63 -16.97 17.91
N LYS A 1204 -17.06 -15.88 17.41
CA LYS A 1204 -17.86 -14.77 16.91
C LYS A 1204 -18.74 -15.24 15.75
N TYR A 1205 -19.96 -14.68 15.69
CA TYR A 1205 -20.98 -14.98 14.68
C TYR A 1205 -21.65 -16.34 14.90
N SER A 1206 -21.54 -16.91 16.10
CA SER A 1206 -22.26 -18.14 16.40
C SER A 1206 -23.77 -17.90 16.30
N LEU A 1207 -24.44 -18.80 15.58
CA LEU A 1207 -25.85 -18.60 15.24
C LEU A 1207 -26.75 -19.23 16.29
N PHE A 1208 -27.80 -18.50 16.66
CA PHE A 1208 -28.83 -18.99 17.58
C PHE A 1208 -30.20 -18.71 16.98
N GLU A 1209 -31.12 -19.66 17.16
CA GLU A 1209 -32.52 -19.47 16.81
C GLU A 1209 -33.35 -19.43 18.08
N LEU A 1210 -34.24 -18.44 18.17
CA LEU A 1210 -35.08 -18.26 19.36
C LEU A 1210 -36.52 -18.65 19.06
N GLU A 1211 -37.44 -17.68 19.08
CA GLU A 1211 -38.84 -17.95 18.80
C GLU A 1211 -39.23 -17.38 17.44
N ASN A 1212 -40.18 -18.05 16.80
CA ASN A 1212 -40.69 -17.64 15.48
C ASN A 1212 -39.57 -17.48 14.46
N GLY A 1213 -38.55 -18.34 14.56
CA GLY A 1213 -37.42 -18.28 13.65
C GLY A 1213 -36.54 -17.06 13.80
N ARG A 1214 -36.75 -16.26 14.85
CA ARG A 1214 -35.89 -15.10 15.09
C ARG A 1214 -34.49 -15.57 15.46
N LYS A 1215 -33.48 -15.05 14.76
CA LYS A 1215 -32.12 -15.51 14.90
C LYS A 1215 -31.21 -14.39 15.39
N ARG A 1216 -30.23 -14.75 16.22
CA ARG A 1216 -29.20 -13.84 16.69
C ARG A 1216 -27.82 -14.42 16.38
N MET A 1217 -26.87 -13.54 16.14
CA MET A 1217 -25.47 -13.92 15.98
C MET A 1217 -24.64 -13.29 17.07
N LEU A 1218 -23.73 -14.08 17.65
CA LEU A 1218 -22.85 -13.57 18.69
C LEU A 1218 -21.84 -12.59 18.11
N ALA A 1219 -21.96 -11.32 18.50
CA ALA A 1219 -20.89 -10.37 18.24
C ALA A 1219 -19.77 -10.50 19.28
N SER A 1220 -20.12 -10.87 20.51
CA SER A 1220 -19.19 -11.07 21.60
C SER A 1220 -19.91 -11.75 22.76
N ALA A 1221 -19.41 -11.59 23.98
CA ALA A 1221 -20.11 -12.09 25.15
C ALA A 1221 -21.18 -11.12 25.65
N ARG A 1222 -21.22 -9.90 25.11
CA ARG A 1222 -22.11 -8.85 25.59
C ARG A 1222 -22.76 -8.09 24.44
N PHE A 1223 -22.82 -8.69 23.25
CA PHE A 1223 -23.30 -7.97 22.09
C PHE A 1223 -23.82 -8.98 21.07
N LEU A 1224 -24.96 -8.67 20.47
CA LEU A 1224 -25.61 -9.54 19.50
C LEU A 1224 -25.74 -8.83 18.15
N GLN A 1225 -25.89 -9.63 17.10
CA GLN A 1225 -26.13 -9.15 15.76
C GLN A 1225 -27.38 -9.81 15.20
N LYS A 1226 -28.04 -9.11 14.27
CA LYS A 1226 -29.21 -9.66 13.61
C LYS A 1226 -28.86 -10.91 12.83
N GLY A 1227 -29.69 -11.95 12.97
CA GLY A 1227 -29.39 -13.23 12.39
C GLY A 1227 -30.33 -13.69 11.28
N ASN A 1228 -31.29 -12.84 10.91
CA ASN A 1228 -32.30 -13.18 9.92
C ASN A 1228 -32.07 -12.42 8.62
N GLU A 1229 -32.52 -13.03 7.52
CA GLU A 1229 -32.54 -12.39 6.21
C GLU A 1229 -33.98 -12.11 5.82
N LEU A 1230 -34.27 -10.88 5.42
CA LEU A 1230 -35.60 -10.52 4.95
C LEU A 1230 -35.72 -10.91 3.48
N ALA A 1231 -36.45 -12.00 3.22
CA ALA A 1231 -36.67 -12.47 1.86
C ALA A 1231 -37.81 -11.67 1.25
N LEU A 1232 -37.48 -10.62 0.51
CA LEU A 1232 -38.51 -9.81 -0.10
C LEU A 1232 -39.00 -10.46 -1.40
N PRO A 1233 -40.30 -10.46 -1.64
CA PRO A 1233 -40.82 -11.02 -2.90
C PRO A 1233 -40.21 -10.33 -4.11
N SER A 1234 -40.08 -11.09 -5.20
CA SER A 1234 -39.37 -10.59 -6.37
C SER A 1234 -40.07 -9.40 -7.01
N LYS A 1235 -41.41 -9.35 -6.93
CA LYS A 1235 -42.14 -8.25 -7.55
C LYS A 1235 -41.81 -6.92 -6.91
N TYR A 1236 -41.45 -6.90 -5.62
CA TYR A 1236 -41.07 -5.65 -4.97
C TYR A 1236 -39.64 -5.26 -5.29
N VAL A 1237 -38.77 -6.23 -5.55
CA VAL A 1237 -37.36 -5.94 -5.78
C VAL A 1237 -37.19 -5.15 -7.09
N ASN A 1238 -37.73 -5.69 -8.18
CA ASN A 1238 -37.58 -5.00 -9.47
C ASN A 1238 -38.41 -3.72 -9.52
N PHE A 1239 -39.47 -3.62 -8.72
CA PHE A 1239 -40.18 -2.35 -8.59
C PHE A 1239 -39.35 -1.33 -7.84
N LEU A 1240 -38.67 -1.76 -6.77
CA LEU A 1240 -37.76 -0.87 -6.07
C LEU A 1240 -36.59 -0.45 -6.94
N TYR A 1241 -36.16 -1.34 -7.84
CA TYR A 1241 -35.07 -1.00 -8.76
C TYR A 1241 -35.48 0.12 -9.70
N LEU A 1242 -36.58 -0.08 -10.43
CA LEU A 1242 -36.96 0.85 -11.49
C LEU A 1242 -37.41 2.20 -10.92
N ALA A 1243 -38.17 2.18 -9.82
CA ALA A 1243 -38.65 3.43 -9.24
C ALA A 1243 -37.49 4.27 -8.72
N SER A 1244 -36.43 3.63 -8.21
CA SER A 1244 -35.27 4.36 -7.73
C SER A 1244 -34.34 4.81 -8.85
N HIS A 1245 -34.40 4.15 -10.01
CA HIS A 1245 -33.46 4.44 -11.09
C HIS A 1245 -34.00 5.43 -12.11
N TYR A 1246 -35.31 5.51 -12.29
CA TYR A 1246 -35.90 6.40 -13.29
C TYR A 1246 -35.62 7.87 -12.99
N GLU A 1254 -35.10 3.99 -25.06
CA GLU A 1254 -35.85 2.89 -25.63
C GLU A 1254 -37.28 2.85 -25.09
N ASP A 1255 -37.59 1.82 -24.30
CA ASP A 1255 -38.88 1.71 -23.63
C ASP A 1255 -38.82 2.21 -22.19
N ASN A 1256 -38.03 3.25 -21.94
CA ASN A 1256 -38.01 3.87 -20.61
C ASN A 1256 -39.38 4.42 -20.25
N GLU A 1257 -40.18 4.81 -21.24
CA GLU A 1257 -41.53 5.30 -20.98
C GLU A 1257 -42.47 4.14 -20.64
N GLN A 1258 -42.23 2.96 -21.21
CA GLN A 1258 -43.08 1.81 -20.90
C GLN A 1258 -42.91 1.38 -19.46
N LYS A 1259 -41.66 1.27 -18.99
CA LYS A 1259 -41.39 0.90 -17.61
C LYS A 1259 -41.89 1.97 -16.64
N GLN A 1260 -42.06 3.21 -17.10
CA GLN A 1260 -42.54 4.27 -16.22
C GLN A 1260 -44.01 4.06 -15.84
N LEU A 1261 -44.81 3.51 -16.74
CA LEU A 1261 -46.20 3.23 -16.42
C LEU A 1261 -46.32 2.11 -15.40
N PHE A 1262 -45.45 1.10 -15.50
CA PHE A 1262 -45.38 0.06 -14.48
C PHE A 1262 -45.15 0.68 -13.10
N VAL A 1263 -44.22 1.63 -13.02
CA VAL A 1263 -43.95 2.29 -11.75
C VAL A 1263 -45.17 3.06 -11.26
N GLU A 1264 -45.84 3.78 -12.17
CA GLU A 1264 -46.97 4.61 -11.77
C GLU A 1264 -48.18 3.76 -11.41
N GLN A 1265 -48.47 2.71 -12.18
CA GLN A 1265 -49.62 1.87 -11.89
C GLN A 1265 -49.44 1.14 -10.57
N HIS A 1266 -48.23 0.60 -10.33
CA HIS A 1266 -47.95 -0.14 -9.10
C HIS A 1266 -47.42 0.76 -7.99
N LYS A 1267 -47.88 2.01 -7.91
CA LYS A 1267 -47.49 2.90 -6.82
C LYS A 1267 -47.99 2.41 -5.47
N HIS A 1268 -48.93 1.47 -5.44
CA HIS A 1268 -49.42 0.90 -4.19
C HIS A 1268 -48.43 -0.06 -3.55
N TYR A 1269 -47.37 -0.44 -4.25
CA TYR A 1269 -46.39 -1.37 -3.70
C TYR A 1269 -45.64 -0.79 -2.50
N LEU A 1270 -45.59 0.54 -2.38
CA LEU A 1270 -44.84 1.17 -1.28
C LEU A 1270 -45.42 0.77 0.07
N ASP A 1271 -46.73 0.93 0.24
CA ASP A 1271 -47.36 0.55 1.51
C ASP A 1271 -47.31 -0.95 1.73
N GLU A 1272 -47.11 -1.74 0.67
CA GLU A 1272 -46.91 -3.17 0.84
C GLU A 1272 -45.49 -3.49 1.29
N ILE A 1273 -44.50 -2.81 0.72
CA ILE A 1273 -43.12 -3.02 1.12
C ILE A 1273 -42.93 -2.58 2.57
N ILE A 1274 -43.51 -1.44 2.93
CA ILE A 1274 -43.43 -0.97 4.32
C ILE A 1274 -44.08 -1.97 5.26
N GLU A 1275 -45.25 -2.51 4.88
CA GLU A 1275 -45.87 -3.55 5.68
C GLU A 1275 -44.97 -4.78 5.79
N GLN A 1276 -44.29 -5.13 4.69
CA GLN A 1276 -43.33 -6.23 4.73
C GLN A 1276 -42.21 -5.95 5.73
N ILE A 1277 -41.70 -4.72 5.75
CA ILE A 1277 -40.64 -4.37 6.68
C ILE A 1277 -41.16 -4.41 8.12
N SER A 1278 -42.31 -3.78 8.37
CA SER A 1278 -42.86 -3.74 9.72
C SER A 1278 -43.17 -5.14 10.24
N GLU A 1279 -43.75 -5.99 9.39
CA GLU A 1279 -44.06 -7.36 9.80
C GLU A 1279 -42.79 -8.12 10.13
N PHE A 1280 -41.77 -8.00 9.27
CA PHE A 1280 -40.49 -8.65 9.54
C PHE A 1280 -39.83 -8.06 10.78
N SER A 1281 -39.88 -6.73 10.93
CA SER A 1281 -39.23 -6.09 12.07
C SER A 1281 -39.89 -6.51 13.38
N LYS A 1282 -41.22 -6.47 13.43
CA LYS A 1282 -41.94 -6.85 14.64
C LYS A 1282 -41.71 -8.31 15.01
N ARG A 1283 -41.27 -9.14 14.06
CA ARG A 1283 -41.03 -10.55 14.36
C ARG A 1283 -39.61 -10.82 14.82
N VAL A 1284 -38.61 -10.22 14.18
CA VAL A 1284 -37.23 -10.63 14.43
C VAL A 1284 -36.35 -9.47 14.91
N ILE A 1285 -36.69 -8.24 14.54
CA ILE A 1285 -35.82 -7.12 14.87
C ILE A 1285 -36.05 -6.65 16.29
N LEU A 1286 -37.31 -6.45 16.67
CA LEU A 1286 -37.69 -6.00 18.01
C LEU A 1286 -37.06 -4.65 18.34
N ALA A 1287 -37.35 -3.67 17.48
CA ALA A 1287 -36.95 -2.28 17.69
C ALA A 1287 -38.21 -1.42 17.59
N ASP A 1288 -39.10 -1.58 18.57
CA ASP A 1288 -40.41 -0.94 18.54
C ASP A 1288 -40.29 0.56 18.34
N ALA A 1289 -39.47 1.22 19.16
CA ALA A 1289 -39.30 2.66 19.05
C ALA A 1289 -38.74 3.05 17.69
N ASN A 1290 -37.73 2.31 17.23
CA ASN A 1290 -37.15 2.61 15.92
C ASN A 1290 -38.11 2.31 14.80
N LEU A 1291 -39.01 1.34 14.97
CA LEU A 1291 -39.93 0.98 13.90
C LEU A 1291 -41.01 2.04 13.71
N ASP A 1292 -41.71 2.41 14.80
CA ASP A 1292 -42.73 3.43 14.67
C ASP A 1292 -42.14 4.82 14.40
N LYS A 1293 -40.84 5.00 14.67
CA LYS A 1293 -40.18 6.23 14.24
C LYS A 1293 -40.01 6.24 12.72
N VAL A 1294 -39.72 5.08 12.13
CA VAL A 1294 -39.68 4.97 10.68
C VAL A 1294 -41.08 5.11 10.10
N LEU A 1295 -42.07 4.46 10.72
CA LEU A 1295 -43.45 4.58 10.28
C LEU A 1295 -43.91 6.04 10.31
N SER A 1296 -43.56 6.76 11.37
CA SER A 1296 -43.89 8.18 11.44
C SER A 1296 -43.09 8.98 10.43
N ALA A 1297 -41.80 8.66 10.27
CA ALA A 1297 -40.99 9.33 9.26
C ALA A 1297 -41.46 8.99 7.84
N TYR A 1298 -42.05 7.81 7.66
CA TYR A 1298 -42.58 7.45 6.35
C TYR A 1298 -43.83 8.25 6.02
N ASN A 1299 -44.81 8.24 6.92
CA ASN A 1299 -46.07 8.93 6.67
C ASN A 1299 -45.90 10.44 6.53
N LYS A 1300 -44.74 10.98 6.92
CA LYS A 1300 -44.50 12.42 6.78
C LYS A 1300 -44.17 12.80 5.34
N HIS A 1301 -43.38 11.99 4.65
CA HIS A 1301 -42.92 12.29 3.30
C HIS A 1301 -43.71 11.56 2.23
N ARG A 1302 -44.99 11.26 2.49
CA ARG A 1302 -45.79 10.57 1.48
C ARG A 1302 -46.06 11.45 0.26
N ASP A 1303 -46.01 12.77 0.41
CA ASP A 1303 -46.22 13.69 -0.70
C ASP A 1303 -44.99 13.89 -1.57
N LYS A 1304 -43.90 13.19 -1.30
CA LYS A 1304 -42.67 13.32 -2.06
C LYS A 1304 -42.78 12.57 -3.39
N PRO A 1305 -41.92 12.90 -4.36
CA PRO A 1305 -41.90 12.15 -5.62
C PRO A 1305 -41.59 10.68 -5.38
N ILE A 1306 -42.10 9.84 -6.29
CA ILE A 1306 -41.98 8.40 -6.13
C ILE A 1306 -40.53 7.95 -6.26
N ARG A 1307 -39.76 8.61 -7.14
CA ARG A 1307 -38.34 8.31 -7.24
C ARG A 1307 -37.63 8.63 -5.93
N GLU A 1308 -37.92 9.79 -5.36
CA GLU A 1308 -37.28 10.20 -4.11
C GLU A 1308 -37.72 9.33 -2.94
N GLN A 1309 -38.98 8.88 -2.93
CA GLN A 1309 -39.43 8.00 -1.86
C GLN A 1309 -38.85 6.59 -1.99
N ALA A 1310 -38.69 6.11 -3.23
CA ALA A 1310 -38.18 4.76 -3.43
C ALA A 1310 -36.72 4.64 -2.99
N GLU A 1311 -35.96 5.73 -3.08
CA GLU A 1311 -34.55 5.68 -2.69
C GLU A 1311 -34.40 5.48 -1.19
N ASN A 1312 -35.21 6.18 -0.39
CA ASN A 1312 -35.10 6.09 1.06
C ASN A 1312 -35.72 4.82 1.63
N ILE A 1313 -36.62 4.17 0.89
CA ILE A 1313 -37.07 2.83 1.27
C ILE A 1313 -35.89 1.87 1.31
N ILE A 1314 -34.94 2.02 0.38
CA ILE A 1314 -33.75 1.19 0.37
C ILE A 1314 -32.92 1.39 1.63
N HIS A 1315 -32.93 2.61 2.18
CA HIS A 1315 -32.20 2.86 3.43
C HIS A 1315 -32.78 2.10 4.60
N LEU A 1316 -34.10 1.87 4.58
CA LEU A 1316 -34.78 1.21 5.70
C LEU A 1316 -34.31 -0.22 5.91
N PHE A 1317 -33.73 -0.86 4.89
CA PHE A 1317 -33.27 -2.23 5.05
C PHE A 1317 -32.06 -2.32 5.97
N THR A 1318 -31.38 -1.20 6.24
CA THR A 1318 -30.36 -1.19 7.29
C THR A 1318 -30.96 -1.62 8.62
N LEU A 1319 -32.26 -1.33 8.84
CA LEU A 1319 -32.93 -1.76 10.05
C LEU A 1319 -33.09 -3.28 10.09
N THR A 1320 -33.16 -3.92 8.93
CA THR A 1320 -33.43 -5.36 8.85
C THR A 1320 -32.28 -6.17 8.29
N ASN A 1321 -31.17 -5.55 7.91
CA ASN A 1321 -30.07 -6.31 7.31
C ASN A 1321 -29.46 -7.27 8.33
N LEU A 1322 -28.81 -8.30 7.81
CA LEU A 1322 -28.06 -9.23 8.65
C LEU A 1322 -26.87 -8.52 9.28
N GLY A 1323 -26.54 -8.93 10.50
CA GLY A 1323 -25.34 -8.42 11.15
C GLY A 1323 -25.55 -7.32 12.18
N ALA A 1324 -24.54 -6.48 12.34
CA ALA A 1324 -24.54 -5.49 13.42
C ALA A 1324 -25.55 -4.39 13.13
N PRO A 1325 -26.29 -3.94 14.14
CA PRO A 1325 -27.21 -2.80 13.95
C PRO A 1325 -26.44 -1.54 13.62
N ARG A 1326 -26.96 -0.77 12.66
CA ARG A 1326 -26.27 0.39 12.15
C ARG A 1326 -27.27 1.53 11.97
N ALA A 1327 -26.77 2.76 12.08
CA ALA A 1327 -27.61 3.94 11.95
C ALA A 1327 -27.79 4.29 10.48
N PHE A 1328 -29.04 4.55 10.10
CA PHE A 1328 -29.39 4.97 8.75
C PHE A 1328 -30.29 6.20 8.84
N LYS A 1329 -30.50 6.85 7.70
CA LYS A 1329 -31.34 8.03 7.62
C LYS A 1329 -32.47 7.77 6.64
N TYR A 1330 -33.66 8.27 6.98
CA TYR A 1330 -34.82 8.22 6.10
C TYR A 1330 -35.22 9.66 5.80
N PHE A 1331 -34.93 10.11 4.58
CA PHE A 1331 -35.05 11.51 4.18
C PHE A 1331 -34.10 12.30 5.06
N ASP A 1332 -34.58 13.20 5.93
CA ASP A 1332 -33.73 13.93 6.86
C ASP A 1332 -33.93 13.47 8.29
N THR A 1333 -34.54 12.30 8.48
CA THR A 1333 -34.74 11.70 9.80
C THR A 1333 -33.66 10.66 10.02
N THR A 1334 -32.72 10.94 10.92
CA THR A 1334 -31.66 10.01 11.27
C THR A 1334 -32.15 9.15 12.43
N ILE A 1335 -32.22 7.84 12.21
CA ILE A 1335 -32.63 6.89 13.23
C ILE A 1335 -31.40 6.11 13.67
N ASP A 1336 -31.10 6.20 14.96
CA ASP A 1336 -29.91 5.54 15.49
C ASP A 1336 -30.12 4.04 15.59
N ARG A 1337 -29.01 3.31 15.64
CA ARG A 1337 -29.07 1.86 15.75
C ARG A 1337 -29.65 1.42 17.08
N LYS A 1338 -30.45 0.35 17.05
CA LYS A 1338 -30.93 -0.33 18.24
C LYS A 1338 -30.04 -1.54 18.47
N VAL A 1339 -29.26 -1.53 19.55
CA VAL A 1339 -28.26 -2.56 19.79
C VAL A 1339 -28.80 -3.59 20.77
N TYR A 1340 -28.18 -4.77 20.79
CA TYR A 1340 -28.56 -5.88 21.66
C TYR A 1340 -27.39 -6.18 22.58
N ARG A 1341 -27.41 -5.59 23.77
CA ARG A 1341 -26.35 -5.80 24.75
C ARG A 1341 -26.63 -7.00 25.66
N SER A 1342 -27.87 -7.43 25.77
CA SER A 1342 -28.26 -8.55 26.61
C SER A 1342 -28.07 -9.84 25.82
N THR A 1343 -27.10 -10.66 26.24
CA THR A 1343 -26.88 -11.99 25.68
C THR A 1343 -27.47 -13.09 26.55
N LYS A 1344 -28.31 -12.72 27.52
CA LYS A 1344 -28.96 -13.72 28.37
C LYS A 1344 -29.85 -14.65 27.55
N GLU A 1345 -30.61 -14.09 26.60
CA GLU A 1345 -31.66 -14.87 25.95
C GLU A 1345 -31.11 -15.97 25.04
N VAL A 1346 -29.85 -15.89 24.63
CA VAL A 1346 -29.29 -16.94 23.79
C VAL A 1346 -28.98 -18.20 24.58
N LEU A 1347 -28.83 -18.10 25.90
CA LEU A 1347 -28.46 -19.25 26.72
C LEU A 1347 -29.58 -20.28 26.85
N ASP A 1348 -30.80 -19.95 26.41
CA ASP A 1348 -31.91 -20.89 26.41
C ASP A 1348 -32.44 -21.12 25.00
N ALA A 1349 -31.70 -20.70 23.99
CA ALA A 1349 -32.12 -20.82 22.60
C ALA A 1349 -31.47 -22.05 21.97
N THR A 1350 -31.67 -22.21 20.66
CA THR A 1350 -31.10 -23.31 19.91
C THR A 1350 -29.82 -22.86 19.23
N LEU A 1351 -28.70 -23.49 19.58
CA LEU A 1351 -27.43 -23.22 18.94
C LEU A 1351 -27.34 -24.00 17.63
N ILE A 1352 -27.03 -23.30 16.54
CA ILE A 1352 -26.97 -23.90 15.21
C ILE A 1352 -25.52 -23.92 14.76
N HIS A 1353 -24.99 -25.12 14.53
CA HIS A 1353 -23.68 -25.31 13.93
C HIS A 1353 -23.87 -25.62 12.45
N GLN A 1354 -23.30 -24.79 11.58
CA GLN A 1354 -23.47 -24.92 10.14
C GLN A 1354 -22.15 -25.32 9.48
N SER A 1355 -22.23 -26.20 8.48
CA SER A 1355 -21.10 -26.47 7.62
C SER A 1355 -20.87 -25.27 6.70
N ILE A 1356 -19.83 -25.37 5.86
CA ILE A 1356 -19.44 -24.23 5.04
C ILE A 1356 -20.55 -23.84 4.07
N THR A 1357 -21.34 -24.81 3.61
CA THR A 1357 -22.49 -24.53 2.77
C THR A 1357 -23.75 -24.25 3.57
N GLY A 1358 -23.74 -24.50 4.88
CA GLY A 1358 -24.94 -24.41 5.68
C GLY A 1358 -25.94 -25.52 5.45
N LEU A 1359 -25.62 -26.50 4.61
CA LEU A 1359 -26.54 -27.60 4.35
C LEU A 1359 -26.54 -28.61 5.49
N TYR A 1360 -25.37 -28.90 6.06
CA TYR A 1360 -25.26 -29.78 7.21
C TYR A 1360 -25.35 -28.94 8.49
N GLU A 1361 -26.23 -29.35 9.40
CA GLU A 1361 -26.48 -28.60 10.62
C GLU A 1361 -26.41 -29.51 11.83
N THR A 1362 -25.96 -28.94 12.94
CA THR A 1362 -26.09 -29.54 14.27
C THR A 1362 -26.76 -28.50 15.16
N ARG A 1363 -27.97 -28.81 15.62
CA ARG A 1363 -28.76 -27.88 16.42
C ARG A 1363 -28.82 -28.36 17.86
N ILE A 1364 -28.50 -27.47 18.79
CA ILE A 1364 -28.41 -27.79 20.22
C ILE A 1364 -29.40 -26.91 20.97
N ASP A 1365 -30.38 -27.54 21.62
CA ASP A 1365 -31.34 -26.83 22.46
C ASP A 1365 -30.69 -26.54 23.80
N LEU A 1366 -30.19 -25.31 23.97
CA LEU A 1366 -29.47 -24.97 25.19
C LEU A 1366 -30.39 -24.86 26.40
N SER A 1367 -31.71 -24.75 26.19
CA SER A 1367 -32.63 -24.73 27.32
C SER A 1367 -32.62 -26.06 28.07
N GLN A 1368 -32.11 -27.13 27.46
CA GLN A 1368 -31.99 -28.42 28.10
C GLN A 1368 -30.77 -28.53 29.00
N LEU A 1369 -30.00 -27.47 29.15
CA LEU A 1369 -28.81 -27.46 29.99
C LEU A 1369 -29.04 -26.60 31.23
N GLY A 1370 -28.19 -26.81 32.23
CA GLY A 1370 -28.29 -26.09 33.49
C GLY A 1370 -28.64 -26.98 34.67
K K E . 23.52 -3.12 -5.35
K K F . -0.79 19.02 25.47
K K G . -9.85 -9.75 12.42
K K H . 10.29 3.86 50.74
K K I . 15.36 40.67 -8.89
K K J . 11.04 0.04 -30.36
K K K . -19.36 -22.62 9.79
K K L . -1.13 15.65 28.66
MG MG M . 10.86 5.37 18.96
C1 EDO N . 3.45 -13.97 12.89
O1 EDO N . 3.78 -13.69 11.52
C2 EDO N . 3.84 -15.40 13.24
O2 EDO N . 5.16 -15.67 12.75
C1 EDO O . -1.39 -15.37 23.13
O1 EDO O . -2.05 -14.35 22.37
C2 EDO O . -1.73 -15.23 24.61
O2 EDO O . -3.09 -15.63 24.85
C1 EDO P . 15.99 15.50 20.71
O1 EDO P . 14.77 15.12 20.06
C2 EDO P . 16.27 14.55 21.87
O2 EDO P . 17.57 14.80 22.40
K K Q . -6.80 -14.46 12.28
K K R . 6.67 15.36 26.19
MG MG S . 9.12 -5.96 26.84
MG MG T . 8.27 11.41 25.28
#